data_3ZW6
#
_entry.id   3ZW6
#
_cell.length_a   1.000
_cell.length_b   1.000
_cell.length_c   1.000
_cell.angle_alpha   90.00
_cell.angle_beta   90.00
_cell.angle_gamma   90.00
#
_symmetry.space_group_name_H-M   'P 1'
#
_entity_poly.entity_id   1
_entity_poly.type   'polypeptide(L)'
_entity_poly.pdbx_seq_one_letter_code
;NLDNKLDGFYIAPAFMDKLVVHITKNFLKLPNIKVPLILGIWGGKGQGKSFQCELVFRKMGINPIMMSAGELESGNAGEP
AKLIRQRYREAAEIIRKGNMCCLFINDLDAGAGRMGGTTQYTVNNQMVNATLMNIADNPTNVQLPGMYNKQENARVPIIV
TGNDFSTLYAPLIRDGRMEKFYWAPTREDRIGVCTGIFRTDNVPAEDVVKIVDNFPGQSIDFFGALRARVYDDEVRKWVS
GTGIEKIGDKLLNSFDGPPTFEQPKMTIEKLLEYGNMLVQEQENVKRVQLADK
;
_entity_poly.pdbx_strand_id   A,B,C,D,E,F
#
# COMPACT_ATOMS: atom_id res chain seq x y z
N ASN A 1 -18.84 -46.70 21.10
CA ASN A 1 -19.60 -47.64 21.98
C ASN A 1 -20.87 -47.00 22.53
N LEU A 2 -20.81 -45.69 22.80
CA LEU A 2 -21.94 -44.92 23.33
C LEU A 2 -22.98 -44.54 22.26
N ASP A 3 -24.25 -44.44 22.71
CA ASP A 3 -25.43 -44.25 21.85
C ASP A 3 -25.45 -42.91 21.11
N ASN A 4 -25.44 -43.00 19.78
CA ASN A 4 -25.15 -41.89 18.86
C ASN A 4 -26.36 -41.42 18.01
N LYS A 5 -27.52 -42.03 18.23
CA LYS A 5 -28.72 -41.59 17.53
C LYS A 5 -29.48 -40.63 18.43
N LEU A 6 -30.12 -39.63 17.85
CA LEU A 6 -30.76 -38.56 18.62
C LEU A 6 -31.91 -37.90 17.85
N ASP A 7 -33.13 -38.02 18.36
CA ASP A 7 -34.29 -37.45 17.67
C ASP A 7 -34.14 -37.69 16.18
N GLY A 8 -34.11 -38.97 15.78
CA GLY A 8 -34.03 -39.38 14.36
C GLY A 8 -32.73 -39.03 13.67
N PHE A 9 -31.87 -38.31 14.38
CA PHE A 9 -30.59 -37.87 13.86
C PHE A 9 -29.45 -38.81 14.22
N TYR A 10 -28.46 -38.86 13.36
CA TYR A 10 -27.34 -39.74 13.61
C TYR A 10 -26.13 -38.90 13.99
N ILE A 11 -25.27 -39.43 14.84
CA ILE A 11 -24.02 -38.76 15.19
C ILE A 11 -22.81 -39.66 14.93
N ALA A 12 -21.80 -39.15 14.22
CA ALA A 12 -20.63 -39.97 13.91
C ALA A 12 -19.97 -40.38 15.23
N PRO A 13 -19.97 -41.69 15.55
CA PRO A 13 -19.52 -42.11 16.87
C PRO A 13 -18.03 -41.85 17.12
N ALA A 14 -17.24 -41.69 16.06
CA ALA A 14 -15.85 -41.23 16.23
C ALA A 14 -15.89 -39.76 16.70
N PHE A 15 -16.72 -38.95 16.06
CA PHE A 15 -16.85 -37.53 16.39
C PHE A 15 -17.36 -37.39 17.82
N MET A 16 -18.43 -38.10 18.14
CA MET A 16 -18.90 -38.13 19.51
C MET A 16 -17.82 -38.45 20.58
N ASP A 17 -17.09 -39.58 20.44
CA ASP A 17 -16.15 -40.01 21.50
C ASP A 17 -15.12 -38.94 21.68
N LYS A 18 -14.73 -38.32 20.56
CA LYS A 18 -13.74 -37.27 20.61
C LYS A 18 -14.26 -36.10 21.44
N LEU A 19 -15.44 -35.62 21.10
CA LEU A 19 -15.96 -34.44 21.80
C LEU A 19 -16.41 -34.72 23.21
N VAL A 20 -17.29 -35.69 23.37
CA VAL A 20 -17.76 -36.11 24.68
C VAL A 20 -16.58 -36.25 25.65
N VAL A 21 -15.66 -37.14 25.34
CA VAL A 21 -14.43 -37.30 26.13
C VAL A 21 -13.59 -36.03 26.26
N HIS A 22 -13.50 -35.21 25.21
CA HIS A 22 -12.70 -34.01 25.38
C HIS A 22 -13.33 -33.22 26.46
N ILE A 23 -14.66 -33.22 26.47
CA ILE A 23 -15.35 -32.37 27.42
C ILE A 23 -15.21 -32.97 28.79
N THR A 24 -15.84 -34.11 29.05
CA THR A 24 -15.81 -34.72 30.38
C THR A 24 -14.40 -34.80 30.99
N LYS A 25 -13.37 -34.85 30.14
CA LYS A 25 -12.00 -34.84 30.59
C LYS A 25 -11.65 -33.57 31.34
N ASN A 26 -12.09 -32.42 30.83
CA ASN A 26 -11.76 -31.11 31.43
C ASN A 26 -12.54 -30.83 32.72
N PHE A 27 -13.38 -31.77 33.12
CA PHE A 27 -14.14 -31.62 34.36
C PHE A 27 -13.52 -32.47 35.47
N LEU A 28 -12.64 -33.36 35.07
CA LEU A 28 -12.03 -34.28 36.00
C LEU A 28 -10.67 -33.74 36.45
N LYS A 29 -10.17 -34.26 37.56
CA LYS A 29 -8.79 -34.10 37.94
C LYS A 29 -8.20 -35.50 37.87
N LEU A 30 -7.62 -35.82 36.73
CA LEU A 30 -7.11 -37.16 36.52
C LEU A 30 -5.57 -37.13 36.52
N PRO A 31 -4.93 -38.18 37.09
CA PRO A 31 -3.56 -38.07 37.51
C PRO A 31 -2.53 -38.08 36.37
N ASN A 32 -1.52 -37.23 36.51
CA ASN A 32 -0.36 -37.30 35.65
C ASN A 32 -0.67 -37.34 34.15
N ILE A 33 -1.60 -36.48 33.75
CA ILE A 33 -1.78 -36.22 32.34
C ILE A 33 -2.19 -34.78 32.19
N LYS A 34 -1.51 -34.07 31.29
CA LYS A 34 -1.90 -32.72 31.00
C LYS A 34 -3.03 -32.75 29.97
N VAL A 35 -4.19 -32.25 30.38
CA VAL A 35 -5.42 -32.32 29.60
C VAL A 35 -5.58 -31.04 28.77
N PRO A 36 -5.78 -31.18 27.44
CA PRO A 36 -5.78 -29.98 26.62
C PRO A 36 -7.13 -29.31 26.85
N LEU A 37 -7.12 -27.99 27.05
CA LEU A 37 -8.36 -27.28 27.32
C LEU A 37 -9.20 -27.15 26.05
N ILE A 38 -8.54 -26.78 24.96
CA ILE A 38 -9.27 -26.52 23.73
C ILE A 38 -9.08 -27.66 22.73
N LEU A 39 -10.17 -28.02 22.05
CA LEU A 39 -10.16 -29.04 21.02
C LEU A 39 -10.58 -28.34 19.74
N GLY A 40 -9.65 -28.27 18.79
CA GLY A 40 -9.90 -27.71 17.47
C GLY A 40 -10.27 -28.79 16.48
N ILE A 41 -11.42 -28.61 15.84
CA ILE A 41 -11.98 -29.59 14.91
C ILE A 41 -11.87 -29.12 13.47
N TRP A 42 -11.24 -29.92 12.61
CA TRP A 42 -11.13 -29.56 11.19
C TRP A 42 -11.46 -30.76 10.30
N GLY A 43 -11.56 -30.51 9.00
CA GLY A 43 -11.97 -31.54 8.04
C GLY A 43 -13.48 -31.72 8.05
N GLY A 44 -13.94 -32.96 7.82
CA GLY A 44 -15.37 -33.27 7.67
C GLY A 44 -16.13 -32.39 6.70
N LYS A 45 -15.45 -31.92 5.66
CA LYS A 45 -16.08 -31.03 4.68
C LYS A 45 -17.35 -31.68 4.10
N GLY A 46 -18.39 -30.87 3.90
CA GLY A 46 -19.63 -31.36 3.32
C GLY A 46 -20.50 -31.95 4.42
N GLN A 47 -19.86 -32.61 5.36
CA GLN A 47 -20.58 -33.16 6.50
C GLN A 47 -20.77 -32.06 7.54
N GLY A 48 -21.83 -32.16 8.31
CA GLY A 48 -22.24 -31.04 9.15
C GLY A 48 -21.42 -30.99 10.41
N LYS A 49 -20.18 -30.56 10.26
CA LYS A 49 -19.20 -30.54 11.35
C LYS A 49 -19.70 -29.69 12.53
N SER A 50 -20.14 -28.47 12.24
CA SER A 50 -20.82 -27.67 13.25
C SER A 50 -22.08 -28.36 13.73
N PHE A 51 -22.82 -28.98 12.81
CA PHE A 51 -24.07 -29.62 13.19
C PHE A 51 -23.82 -30.84 14.09
N GLN A 52 -22.72 -31.53 13.84
CA GLN A 52 -22.33 -32.64 14.67
C GLN A 52 -22.10 -32.15 16.10
N CYS A 53 -21.46 -30.98 16.22
CA CYS A 53 -21.19 -30.40 17.52
C CYS A 53 -22.48 -30.17 18.28
N GLU A 54 -23.36 -29.33 17.70
CA GLU A 54 -24.71 -29.11 18.18
C GLU A 54 -25.38 -30.42 18.65
N LEU A 55 -25.41 -31.42 17.77
CA LEU A 55 -25.89 -32.77 18.08
C LEU A 55 -25.29 -33.34 19.38
N VAL A 56 -23.96 -33.36 19.44
CA VAL A 56 -23.33 -33.83 20.64
C VAL A 56 -23.79 -32.98 21.82
N PHE A 57 -23.68 -31.66 21.71
CA PHE A 57 -24.02 -30.79 22.86
C PHE A 57 -25.41 -31.09 23.41
N ARG A 58 -26.40 -31.18 22.52
CA ARG A 58 -27.76 -31.45 22.93
C ARG A 58 -27.76 -32.77 23.66
N LYS A 59 -27.07 -33.77 23.12
CA LYS A 59 -27.06 -35.10 23.71
C LYS A 59 -26.59 -35.11 25.18
N MET A 60 -25.86 -34.07 25.61
CA MET A 60 -25.42 -33.97 27.00
C MET A 60 -26.23 -32.90 27.73
N GLY A 61 -27.02 -32.16 26.97
CA GLY A 61 -27.73 -31.03 27.51
C GLY A 61 -26.76 -29.93 27.84
N ILE A 62 -25.85 -29.63 26.91
CA ILE A 62 -25.06 -28.42 27.03
C ILE A 62 -25.66 -27.37 26.08
N ASN A 63 -25.94 -26.20 26.64
CA ASN A 63 -26.24 -25.03 25.85
C ASN A 63 -24.94 -24.29 25.74
N PRO A 64 -24.19 -24.54 24.65
CA PRO A 64 -22.85 -24.00 24.66
C PRO A 64 -22.96 -22.50 24.58
N ILE A 65 -21.91 -21.81 24.96
CA ILE A 65 -21.84 -20.40 24.65
C ILE A 65 -21.24 -20.32 23.24
N MET A 66 -22.11 -20.00 22.30
CA MET A 66 -21.76 -19.83 20.91
C MET A 66 -20.96 -18.57 20.67
N MET A 67 -20.23 -18.57 19.56
CA MET A 67 -19.61 -17.38 19.01
C MET A 67 -19.50 -17.59 17.51
N SER A 68 -19.57 -16.50 16.75
CA SER A 68 -19.28 -16.57 15.32
C SER A 68 -17.87 -16.03 15.05
N ALA A 69 -17.30 -16.44 13.92
CA ALA A 69 -16.09 -15.83 13.39
C ALA A 69 -16.32 -14.36 12.99
N GLY A 70 -17.43 -14.07 12.30
CA GLY A 70 -17.74 -12.72 11.85
C GLY A 70 -17.88 -11.75 13.02
N GLU A 71 -18.17 -12.32 14.19
CA GLU A 71 -18.27 -11.59 15.46
C GLU A 71 -16.85 -11.26 15.99
N LEU A 72 -15.94 -12.23 15.87
CA LEU A 72 -14.53 -12.08 16.29
C LEU A 72 -13.69 -11.23 15.32
N GLU A 73 -14.29 -10.83 14.21
CA GLU A 73 -13.71 -9.84 13.32
C GLU A 73 -14.09 -8.44 13.84
N SER A 74 -15.39 -8.15 13.87
CA SER A 74 -15.90 -6.86 14.36
C SER A 74 -16.56 -7.00 15.73
N GLY A 78 -11.69 -3.69 20.03
CA GLY A 78 -12.22 -4.11 21.33
C GLY A 78 -12.78 -5.52 21.28
N GLU A 79 -13.73 -5.74 20.36
CA GLU A 79 -14.47 -7.01 20.24
C GLU A 79 -13.62 -8.30 20.22
N PRO A 80 -12.56 -8.36 19.37
CA PRO A 80 -11.80 -9.62 19.21
C PRO A 80 -11.27 -10.24 20.52
N ALA A 81 -10.48 -9.47 21.28
CA ALA A 81 -9.97 -9.93 22.58
C ALA A 81 -11.13 -10.07 23.56
N LYS A 82 -11.65 -8.93 24.02
CA LYS A 82 -12.70 -8.87 25.04
C LYS A 82 -13.74 -9.99 24.92
N LEU A 83 -14.48 -10.02 23.81
CA LEU A 83 -15.64 -10.91 23.66
C LEU A 83 -15.35 -12.38 23.92
N ILE A 84 -14.08 -12.76 23.85
CA ILE A 84 -13.65 -14.12 24.16
C ILE A 84 -13.70 -14.32 25.68
N ARG A 85 -12.92 -13.47 26.37
CA ARG A 85 -12.89 -13.43 27.82
C ARG A 85 -14.33 -13.45 28.38
N GLN A 86 -15.17 -12.54 27.89
CA GLN A 86 -16.57 -12.42 28.34
C GLN A 86 -17.43 -13.64 27.99
N ARG A 87 -17.26 -14.20 26.78
CA ARG A 87 -18.00 -15.40 26.37
C ARG A 87 -17.48 -16.66 27.08
N TYR A 88 -16.20 -16.64 27.49
CA TYR A 88 -15.66 -17.66 28.38
C TYR A 88 -16.34 -17.57 29.73
N ARG A 89 -16.32 -16.35 30.30
CA ARG A 89 -16.80 -16.09 31.66
C ARG A 89 -18.27 -16.42 31.77
N GLU A 90 -19.00 -16.10 30.70
CA GLU A 90 -20.42 -16.37 30.62
C GLU A 90 -20.68 -17.88 30.77
N ALA A 91 -19.96 -18.69 29.98
CA ALA A 91 -20.03 -20.15 30.04
C ALA A 91 -19.60 -20.64 31.42
N ALA A 92 -18.49 -20.07 31.90
CA ALA A 92 -17.92 -20.45 33.18
C ALA A 92 -18.91 -20.22 34.32
N GLU A 93 -19.60 -19.07 34.30
CA GLU A 93 -20.62 -18.78 35.30
C GLU A 93 -21.80 -19.74 35.21
N ILE A 94 -22.10 -20.22 34.01
CA ILE A 94 -23.09 -21.28 33.85
C ILE A 94 -22.57 -22.50 34.58
N ILE A 95 -21.45 -23.06 34.09
CA ILE A 95 -20.77 -24.16 34.76
C ILE A 95 -20.62 -23.90 36.27
N ARG A 96 -20.25 -22.68 36.65
CA ARG A 96 -19.99 -22.35 38.05
C ARG A 96 -21.25 -22.04 38.89
N LYS A 97 -22.42 -22.04 38.24
CA LYS A 97 -23.66 -22.23 38.96
C LYS A 97 -23.87 -23.75 39.02
N GLY A 98 -23.75 -24.42 37.88
CA GLY A 98 -23.91 -25.88 37.81
C GLY A 98 -24.31 -26.32 36.41
N ASN A 99 -24.46 -27.63 36.21
CA ASN A 99 -24.72 -28.23 34.87
C ASN A 99 -23.56 -27.98 33.90
N MET A 100 -23.29 -28.94 33.04
CA MET A 100 -22.13 -28.79 32.15
C MET A 100 -22.32 -27.68 31.13
N CYS A 101 -21.24 -26.94 30.86
CA CYS A 101 -21.19 -25.97 29.77
C CYS A 101 -19.81 -25.96 29.08
N CYS A 102 -19.76 -25.45 27.85
CA CYS A 102 -18.49 -25.21 27.21
C CYS A 102 -18.59 -24.00 26.30
N LEU A 103 -17.45 -23.34 26.08
CA LEU A 103 -17.37 -22.30 25.08
C LEU A 103 -17.14 -22.91 23.69
N PHE A 104 -18.16 -22.85 22.85
CA PHE A 104 -18.08 -23.32 21.48
C PHE A 104 -17.81 -22.21 20.48
N ILE A 105 -16.54 -21.98 20.17
CA ILE A 105 -16.19 -21.00 19.14
C ILE A 105 -16.27 -21.65 17.77
N ASN A 106 -16.84 -20.96 16.79
CA ASN A 106 -17.13 -21.59 15.50
C ASN A 106 -16.74 -20.91 14.18
N ASP A 107 -15.94 -21.64 13.40
CA ASP A 107 -15.50 -21.28 12.02
C ASP A 107 -14.36 -20.28 11.93
N LEU A 108 -13.47 -20.49 10.95
CA LEU A 108 -12.34 -19.58 10.65
C LEU A 108 -11.71 -19.84 9.26
N ASP A 109 -11.80 -18.85 8.36
CA ASP A 109 -11.02 -18.82 7.09
C ASP A 109 -11.00 -17.47 6.35
N ASN A 124 -5.19 -8.66 14.81
CA ASN A 124 -6.47 -9.36 14.91
C ASN A 124 -6.28 -10.84 15.24
N ASN A 125 -5.68 -11.58 14.31
CA ASN A 125 -5.41 -13.00 14.53
C ASN A 125 -4.23 -13.25 15.47
N GLN A 126 -3.22 -12.39 15.38
CA GLN A 126 -2.12 -12.39 16.34
C GLN A 126 -2.69 -12.39 17.76
N MET A 127 -3.66 -11.49 17.98
CA MET A 127 -4.38 -11.36 19.25
C MET A 127 -5.27 -12.57 19.57
N VAL A 128 -6.22 -12.87 18.69
CA VAL A 128 -7.16 -13.99 18.92
C VAL A 128 -6.42 -15.25 19.42
N ASN A 129 -5.31 -15.57 18.75
CA ASN A 129 -4.33 -16.52 19.27
C ASN A 129 -3.91 -16.17 20.68
N ALA A 130 -3.26 -15.01 20.85
CA ALA A 130 -2.64 -14.59 22.12
C ALA A 130 -3.58 -14.65 23.33
N THR A 131 -4.85 -14.31 23.10
CA THR A 131 -5.86 -14.37 24.16
C THR A 131 -6.12 -15.82 24.53
N LEU A 132 -6.11 -16.69 23.52
CA LEU A 132 -6.15 -18.14 23.74
C LEU A 132 -4.97 -18.61 24.60
N MET A 133 -3.76 -18.18 24.26
CA MET A 133 -2.55 -18.60 24.98
C MET A 133 -2.58 -18.22 26.46
N ASN A 134 -2.95 -16.97 26.76
CA ASN A 134 -3.02 -16.50 28.15
C ASN A 134 -4.16 -17.17 28.91
N ILE A 135 -5.23 -17.52 28.20
CA ILE A 135 -6.39 -18.14 28.78
C ILE A 135 -6.14 -19.64 29.01
N ALA A 136 -5.28 -20.22 28.16
CA ALA A 136 -4.90 -21.63 28.25
C ALA A 136 -3.98 -21.88 29.43
N ASP A 137 -3.28 -20.84 29.86
CA ASP A 137 -2.28 -20.95 30.93
C ASP A 137 -2.88 -21.17 32.32
N ASN A 138 -4.05 -20.58 32.57
CA ASN A 138 -4.90 -20.99 33.71
C ASN A 138 -6.36 -20.52 33.58
N PRO A 139 -7.23 -20.84 34.57
CA PRO A 139 -8.57 -20.27 34.55
C PRO A 139 -8.53 -18.72 34.57
N THR A 140 -8.48 -18.11 35.78
CA THR A 140 -8.31 -16.64 35.94
C THR A 140 -9.20 -15.76 35.03
N GLU A 152 -11.74 -15.05 41.93
CA GLU A 152 -12.67 -16.24 41.47
C GLU A 152 -12.38 -16.56 39.99
N ASN A 153 -12.40 -17.86 39.64
CA ASN A 153 -12.13 -18.34 38.24
C ASN A 153 -13.15 -19.40 37.74
N ALA A 154 -12.68 -20.31 36.87
CA ALA A 154 -13.44 -21.51 36.45
C ALA A 154 -12.77 -22.30 35.31
N ARG A 155 -13.10 -23.58 35.17
CA ARG A 155 -12.48 -24.48 34.19
C ARG A 155 -13.43 -24.80 33.03
N VAL A 156 -13.23 -24.16 31.87
CA VAL A 156 -14.18 -24.33 30.75
C VAL A 156 -13.56 -24.84 29.45
N PRO A 157 -14.03 -26.00 28.98
CA PRO A 157 -13.45 -26.60 27.77
C PRO A 157 -13.85 -25.84 26.54
N ILE A 158 -12.88 -25.27 25.82
CA ILE A 158 -13.18 -24.63 24.55
C ILE A 158 -13.14 -25.59 23.39
N ILE A 159 -14.16 -25.50 22.55
CA ILE A 159 -14.27 -26.24 21.30
C ILE A 159 -14.24 -25.27 20.11
N VAL A 160 -13.33 -25.49 19.16
CA VAL A 160 -13.27 -24.63 17.97
C VAL A 160 -13.33 -25.40 16.65
N THR A 161 -13.93 -24.77 15.64
CA THR A 161 -14.06 -25.31 14.30
C THR A 161 -13.46 -24.38 13.26
N GLY A 162 -12.92 -24.95 12.20
CA GLY A 162 -12.28 -24.19 11.12
C GLY A 162 -12.06 -25.07 9.91
N ASN A 163 -11.16 -24.66 9.03
CA ASN A 163 -10.79 -25.48 7.87
C ASN A 163 -9.49 -26.24 8.10
N ASP A 164 -8.40 -25.49 8.28
CA ASP A 164 -7.15 -26.01 8.82
C ASP A 164 -6.55 -24.97 9.75
N PHE A 165 -6.30 -25.38 10.99
CA PHE A 165 -5.78 -24.51 12.04
C PHE A 165 -4.32 -24.06 11.79
N SER A 166 -4.18 -23.00 11.00
CA SER A 166 -2.88 -22.46 10.64
C SER A 166 -2.45 -21.37 11.63
N THR A 167 -1.16 -21.40 11.97
CA THR A 167 -0.50 -20.33 12.74
C THR A 167 -1.36 -19.74 13.86
N ALA A 170 -2.86 -21.70 16.04
CA ALA A 170 -2.71 -22.91 16.84
C ALA A 170 -1.27 -23.42 17.16
N PRO A 171 -0.35 -23.51 16.16
CA PRO A 171 1.05 -23.96 16.35
C PRO A 171 1.71 -23.87 17.74
N LEU A 172 1.66 -22.70 18.39
CA LEU A 172 2.25 -22.56 19.74
C LEU A 172 1.38 -23.18 20.85
N ILE A 173 0.06 -23.27 20.63
CA ILE A 173 -0.88 -23.89 21.59
C ILE A 173 -1.23 -25.34 21.22
N ARG A 174 -0.91 -25.76 19.98
CA ARG A 174 -0.89 -27.17 19.65
C ARG A 174 0.32 -27.74 20.39
N ASP A 175 1.51 -27.22 20.09
CA ASP A 175 2.71 -27.59 20.85
C ASP A 175 2.44 -27.55 22.38
N GLY A 176 1.80 -26.46 22.83
CA GLY A 176 1.45 -26.27 24.24
C GLY A 176 0.29 -27.11 24.73
N ARG A 177 -0.95 -26.65 24.47
CA ARG A 177 -2.13 -27.05 25.25
C ARG A 177 -3.48 -27.13 24.48
N MET A 178 -3.43 -27.60 23.24
CA MET A 178 -4.63 -27.73 22.42
C MET A 178 -4.55 -29.00 21.58
N GLU A 179 -5.70 -29.51 21.12
CA GLU A 179 -5.71 -30.71 20.27
C GLU A 179 -6.35 -30.49 18.87
N LYS A 180 -5.59 -30.71 17.82
CA LYS A 180 -6.17 -30.69 16.48
C LYS A 180 -6.91 -32.02 16.27
N PHE A 181 -8.04 -31.99 15.58
CA PHE A 181 -8.75 -33.23 15.33
C PHE A 181 -9.31 -33.20 13.95
N TYR A 182 -8.69 -33.95 13.06
CA TYR A 182 -9.22 -34.07 11.73
C TYR A 182 -10.32 -35.11 11.76
N TRP A 183 -11.50 -34.70 11.34
CA TRP A 183 -12.63 -35.61 11.28
C TRP A 183 -12.72 -36.16 9.87
N ALA A 184 -12.40 -37.44 9.75
CA ALA A 184 -12.52 -38.15 8.49
C ALA A 184 -13.81 -38.95 8.57
N PRO A 185 -14.93 -38.40 8.04
CA PRO A 185 -16.17 -39.16 8.13
C PRO A 185 -16.07 -40.46 7.32
N THR A 186 -18.82 -44.74 -3.20
CA THR A 186 -19.52 -45.83 -3.92
C THR A 186 -20.82 -45.33 -4.49
N ARG A 187 -21.47 -46.19 -5.26
CA ARG A 187 -22.89 -46.05 -5.56
C ARG A 187 -23.68 -46.13 -4.24
N GLU A 188 -23.27 -47.07 -3.38
CA GLU A 188 -23.83 -47.19 -2.04
C GLU A 188 -23.80 -45.86 -1.30
N ASP A 189 -22.66 -45.18 -1.30
CA ASP A 189 -22.55 -43.87 -0.64
C ASP A 189 -23.51 -42.83 -1.21
N ARG A 190 -23.72 -42.87 -2.54
CA ARG A 190 -24.62 -41.91 -3.20
C ARG A 190 -26.08 -42.13 -2.79
N ILE A 191 -26.55 -43.38 -2.92
CA ILE A 191 -27.84 -43.79 -2.36
C ILE A 191 -27.99 -43.37 -0.91
N GLY A 192 -26.95 -43.55 -0.10
CA GLY A 192 -27.03 -43.19 1.30
C GLY A 192 -27.21 -41.69 1.46
N VAL A 193 -26.36 -40.94 0.78
CA VAL A 193 -26.41 -39.49 0.92
C VAL A 193 -27.79 -39.05 0.41
N CYS A 194 -28.24 -39.73 -0.64
CA CYS A 194 -29.51 -39.41 -1.22
C CYS A 194 -30.70 -39.74 -0.32
N THR A 195 -30.64 -40.84 0.42
CA THR A 195 -31.72 -41.17 1.35
C THR A 195 -31.77 -40.03 2.35
N GLY A 196 -30.61 -39.49 2.69
CA GLY A 196 -30.54 -38.40 3.66
C GLY A 196 -31.47 -37.28 3.25
N ILE A 197 -31.29 -36.82 2.02
CA ILE A 197 -32.06 -35.73 1.46
C ILE A 197 -33.58 -35.94 1.56
N PHE A 198 -34.03 -37.19 1.53
CA PHE A 198 -35.49 -37.45 1.52
C PHE A 198 -36.08 -38.09 2.77
N ARG A 199 -35.35 -38.12 3.87
CA ARG A 199 -35.80 -38.81 5.08
C ARG A 199 -37.18 -38.33 5.50
N THR A 200 -37.26 -37.02 5.58
CA THR A 200 -38.45 -36.30 5.86
C THR A 200 -39.69 -36.81 5.13
N ASP A 201 -39.57 -37.28 3.90
CA ASP A 201 -40.80 -37.53 3.14
C ASP A 201 -41.04 -39.01 2.87
N ASN A 202 -40.59 -39.78 3.85
CA ASN A 202 -40.91 -41.20 3.97
C ASN A 202 -40.96 -41.89 2.60
N VAL A 203 -39.80 -41.99 1.97
CA VAL A 203 -39.73 -42.51 0.61
C VAL A 203 -39.05 -43.85 0.62
N PRO A 204 -39.70 -44.88 0.01
CA PRO A 204 -39.13 -46.20 -0.16
C PRO A 204 -37.62 -46.19 -0.49
N ALA A 205 -36.86 -47.08 0.16
CA ALA A 205 -35.46 -47.29 -0.15
C ALA A 205 -35.35 -47.64 -1.63
N GLU A 206 -36.37 -48.35 -2.12
CA GLU A 206 -36.58 -48.63 -3.54
C GLU A 206 -36.54 -47.35 -4.40
N ASP A 207 -37.42 -46.40 -4.07
CA ASP A 207 -37.56 -45.15 -4.78
C ASP A 207 -36.21 -44.46 -4.90
N VAL A 208 -35.52 -44.33 -3.78
CA VAL A 208 -34.21 -43.67 -3.75
C VAL A 208 -33.21 -44.38 -4.69
N VAL A 209 -33.27 -45.71 -4.71
CA VAL A 209 -32.38 -46.46 -5.59
C VAL A 209 -32.67 -46.20 -7.08
N LYS A 210 -33.95 -46.01 -7.42
CA LYS A 210 -34.34 -45.90 -8.84
C LYS A 210 -33.80 -44.60 -9.45
N ILE A 211 -33.91 -43.52 -8.66
CA ILE A 211 -33.61 -42.17 -9.13
C ILE A 211 -32.12 -41.96 -9.23
N VAL A 212 -31.41 -42.37 -8.17
CA VAL A 212 -29.96 -42.30 -8.16
C VAL A 212 -29.42 -43.06 -9.37
N ASP A 213 -30.00 -44.23 -9.63
CA ASP A 213 -29.57 -44.99 -10.76
C ASP A 213 -29.97 -44.23 -11.99
N ASN A 214 -31.14 -43.60 -11.94
CA ASN A 214 -31.65 -42.98 -13.14
C ASN A 214 -30.90 -41.72 -13.52
N PHE A 215 -30.09 -41.21 -12.59
CA PHE A 215 -29.48 -39.88 -12.74
C PHE A 215 -28.00 -39.85 -12.39
N PRO A 216 -27.22 -40.64 -13.14
CA PRO A 216 -25.82 -40.87 -12.77
C PRO A 216 -24.96 -39.63 -13.05
N GLY A 217 -23.80 -39.56 -12.39
CA GLY A 217 -22.96 -38.37 -12.40
C GLY A 217 -23.76 -37.08 -12.24
N GLN A 218 -24.55 -37.00 -11.17
CA GLN A 218 -25.26 -35.79 -10.74
C GLN A 218 -24.87 -35.59 -9.29
N SER A 219 -24.69 -34.34 -8.87
CA SER A 219 -24.24 -34.07 -7.53
C SER A 219 -25.31 -34.37 -6.49
N ILE A 220 -24.98 -34.11 -5.22
CA ILE A 220 -26.02 -34.16 -4.23
C ILE A 220 -26.86 -32.90 -4.37
N ASP A 221 -26.23 -31.82 -4.83
CA ASP A 221 -26.93 -30.58 -5.12
C ASP A 221 -28.09 -30.85 -6.07
N PHE A 222 -27.83 -31.65 -7.11
CA PHE A 222 -28.89 -32.10 -8.00
C PHE A 222 -30.16 -32.55 -7.24
N PHE A 223 -30.00 -33.47 -6.31
CA PHE A 223 -31.16 -34.04 -5.62
C PHE A 223 -31.86 -33.07 -4.65
N GLY A 224 -31.06 -32.25 -3.97
CA GLY A 224 -31.62 -31.19 -3.16
C GLY A 224 -32.55 -30.36 -4.04
N ALA A 225 -31.97 -29.76 -5.07
CA ALA A 225 -32.68 -29.06 -6.18
C ALA A 225 -33.95 -29.77 -6.67
N LEU A 226 -33.86 -31.09 -6.81
CA LEU A 226 -34.99 -31.84 -7.29
C LEU A 226 -36.09 -31.76 -6.26
N ARG A 227 -35.80 -32.16 -5.04
CA ARG A 227 -36.76 -32.09 -3.95
C ARG A 227 -37.33 -30.68 -3.76
N ALA A 228 -36.49 -29.65 -3.88
CA ALA A 228 -36.95 -28.25 -3.76
C ALA A 228 -37.90 -27.88 -4.91
N ARG A 229 -37.70 -28.51 -6.06
CA ARG A 229 -38.47 -28.18 -7.25
C ARG A 229 -39.92 -28.63 -7.14
N VAL A 230 -40.16 -29.55 -6.21
CA VAL A 230 -41.47 -30.14 -6.02
C VAL A 230 -42.28 -29.23 -5.11
N TYR A 231 -41.69 -28.87 -3.98
CA TYR A 231 -42.18 -27.75 -3.19
C TYR A 231 -42.47 -26.53 -4.08
N ASP A 232 -41.46 -26.03 -4.79
CA ASP A 232 -41.68 -24.85 -5.63
C ASP A 232 -43.01 -24.93 -6.36
N ASP A 233 -43.15 -25.96 -7.19
CA ASP A 233 -44.33 -26.17 -8.00
C ASP A 233 -45.64 -26.03 -7.24
N GLU A 234 -45.71 -26.61 -6.05
CA GLU A 234 -46.89 -26.49 -5.19
C GLU A 234 -47.22 -25.00 -4.92
N VAL A 235 -46.24 -24.25 -4.40
CA VAL A 235 -46.38 -22.80 -4.20
C VAL A 235 -46.87 -22.09 -5.48
N ARG A 236 -46.23 -22.40 -6.61
CA ARG A 236 -46.62 -21.87 -7.93
C ARG A 236 -48.10 -22.11 -8.24
N LYS A 237 -48.58 -23.30 -7.89
CA LYS A 237 -49.99 -23.63 -8.01
C LYS A 237 -50.82 -22.78 -7.05
N TRP A 238 -50.38 -22.70 -5.79
CA TRP A 238 -51.07 -21.85 -4.83
C TRP A 238 -51.15 -20.43 -5.36
N VAL A 239 -49.99 -19.82 -5.62
CA VAL A 239 -49.93 -18.45 -6.18
C VAL A 239 -50.92 -18.25 -7.34
N SER A 240 -50.68 -18.97 -8.43
CA SER A 240 -51.49 -18.93 -9.65
C SER A 240 -52.96 -19.09 -9.29
N GLY A 241 -53.22 -20.09 -8.45
CA GLY A 241 -54.58 -20.39 -8.00
C GLY A 241 -55.18 -19.21 -7.25
N THR A 242 -54.62 -18.90 -6.09
CA THR A 242 -55.24 -17.95 -5.18
C THR A 242 -54.70 -16.55 -5.37
N GLY A 243 -54.96 -16.01 -6.57
CA GLY A 243 -54.82 -14.59 -6.90
C GLY A 243 -53.43 -14.03 -6.74
N ILE A 244 -52.71 -13.89 -7.85
CA ILE A 244 -51.44 -13.16 -7.82
C ILE A 244 -51.58 -11.77 -7.19
N GLU A 245 -52.61 -11.04 -7.60
CA GLU A 245 -52.92 -9.70 -7.05
C GLU A 245 -53.19 -9.67 -5.52
N LYS A 246 -53.99 -10.62 -5.03
CA LYS A 246 -54.38 -10.72 -3.62
C LYS A 246 -53.58 -11.79 -2.83
N ILE A 247 -52.26 -11.73 -2.90
CA ILE A 247 -51.38 -12.69 -2.21
C ILE A 247 -50.73 -12.13 -0.95
N GLY A 248 -50.06 -10.99 -1.07
CA GLY A 248 -49.42 -10.34 0.08
C GLY A 248 -50.31 -10.22 1.31
N ASP A 249 -51.62 -10.06 1.08
CA ASP A 249 -52.62 -10.06 2.13
C ASP A 249 -52.84 -11.43 2.74
N LYS A 250 -53.20 -12.42 1.90
CA LYS A 250 -53.50 -13.78 2.39
C LYS A 250 -52.27 -14.30 3.06
N LEU A 251 -51.15 -13.69 2.73
CA LEU A 251 -49.84 -14.11 3.18
C LEU A 251 -49.39 -13.33 4.42
N LEU A 252 -49.96 -12.15 4.62
CA LEU A 252 -49.49 -11.26 5.67
C LEU A 252 -50.62 -10.65 6.50
N ASN A 253 -51.37 -9.72 5.90
CA ASN A 253 -52.39 -8.98 6.64
C ASN A 253 -53.68 -9.77 6.84
N SER A 254 -53.51 -11.07 7.05
CA SER A 254 -54.58 -11.96 7.41
C SER A 254 -54.45 -12.36 8.90
N PHE A 255 -55.58 -12.67 9.53
CA PHE A 255 -55.58 -13.06 10.94
C PHE A 255 -55.26 -14.54 11.16
N ASP A 256 -55.51 -15.37 10.15
CA ASP A 256 -55.28 -16.83 10.26
C ASP A 256 -53.83 -17.20 9.95
N GLY A 257 -53.00 -16.17 9.75
CA GLY A 257 -51.59 -16.36 9.38
C GLY A 257 -51.40 -16.65 7.89
N PRO A 258 -50.13 -16.83 7.47
CA PRO A 258 -49.81 -17.47 6.21
C PRO A 258 -50.53 -18.80 6.15
N PRO A 259 -50.99 -19.21 4.95
CA PRO A 259 -51.76 -20.44 4.77
C PRO A 259 -50.93 -21.73 4.86
N THR A 260 -50.22 -21.93 5.97
CA THR A 260 -49.61 -23.22 6.34
C THR A 260 -49.74 -24.37 5.32
N PHE A 261 -48.62 -24.70 4.68
CA PHE A 261 -48.60 -25.70 3.61
C PHE A 261 -48.38 -27.15 4.07
N GLU A 262 -49.04 -28.10 3.38
CA GLU A 262 -48.82 -29.53 3.64
C GLU A 262 -47.69 -30.03 2.77
N GLN A 263 -46.75 -30.76 3.39
CA GLN A 263 -45.59 -31.30 2.68
C GLN A 263 -45.99 -32.26 1.55
N PRO A 264 -45.59 -31.94 0.31
CA PRO A 264 -45.99 -32.77 -0.84
C PRO A 264 -45.36 -34.15 -0.82
N LYS A 265 -46.20 -35.16 -1.08
CA LYS A 265 -45.76 -36.55 -1.17
C LYS A 265 -44.73 -36.68 -2.29
N MET A 266 -43.53 -37.17 -1.97
CA MET A 266 -42.46 -37.27 -2.95
C MET A 266 -42.55 -38.60 -3.65
N THR A 267 -43.52 -38.74 -4.55
CA THR A 267 -43.69 -40.02 -5.24
C THR A 267 -42.69 -40.19 -6.37
N ILE A 268 -42.43 -41.43 -6.72
CA ILE A 268 -41.39 -41.79 -7.66
C ILE A 268 -41.55 -41.18 -9.07
N GLU A 269 -42.73 -41.31 -9.66
CA GLU A 269 -43.04 -40.73 -10.98
C GLU A 269 -42.94 -39.19 -10.96
N LYS A 270 -43.32 -38.60 -9.83
CA LYS A 270 -43.10 -37.17 -9.63
C LYS A 270 -41.61 -36.98 -9.81
N LEU A 271 -40.83 -37.72 -9.00
CA LEU A 271 -39.39 -37.52 -8.89
C LEU A 271 -38.66 -37.62 -10.22
N LEU A 272 -39.01 -38.64 -11.00
CA LEU A 272 -38.41 -38.87 -12.31
C LEU A 272 -38.72 -37.74 -13.28
N GLU A 273 -40.02 -37.41 -13.35
CA GLU A 273 -40.47 -36.34 -14.22
C GLU A 273 -39.62 -35.14 -13.87
N TYR A 274 -39.59 -34.76 -12.60
CA TYR A 274 -38.84 -33.57 -12.16
C TYR A 274 -37.33 -33.65 -12.42
N GLY A 275 -36.80 -34.87 -12.34
CA GLY A 275 -35.38 -35.08 -12.53
C GLY A 275 -34.92 -34.87 -13.95
N ASN A 276 -35.74 -35.30 -14.92
CA ASN A 276 -35.39 -35.11 -16.33
C ASN A 276 -35.55 -33.65 -16.68
N MET A 277 -36.67 -33.10 -16.24
CA MET A 277 -36.95 -31.69 -16.34
C MET A 277 -35.75 -30.84 -15.94
N LEU A 278 -35.13 -31.18 -14.80
CA LEU A 278 -34.01 -30.41 -14.31
C LEU A 278 -32.77 -30.60 -15.16
N VAL A 279 -32.61 -31.83 -15.66
CA VAL A 279 -31.51 -32.22 -16.52
C VAL A 279 -31.62 -31.54 -17.86
N GLN A 280 -32.81 -31.54 -18.44
CA GLN A 280 -33.02 -30.85 -19.70
C GLN A 280 -32.54 -29.42 -19.49
N GLU A 281 -33.10 -28.80 -18.45
CA GLU A 281 -32.76 -27.44 -18.06
C GLU A 281 -31.25 -27.26 -17.91
N GLN A 282 -30.61 -28.10 -17.13
CA GLN A 282 -29.15 -28.08 -17.01
C GLN A 282 -28.49 -28.07 -18.39
N GLU A 283 -28.79 -29.12 -19.15
CA GLU A 283 -28.22 -29.36 -20.48
C GLU A 283 -28.43 -28.13 -21.36
N ASN A 284 -29.48 -27.40 -21.03
CA ASN A 284 -29.86 -26.24 -21.81
C ASN A 284 -29.04 -25.01 -21.46
N VAL A 285 -28.80 -24.81 -20.16
CA VAL A 285 -27.94 -23.71 -19.70
C VAL A 285 -26.52 -23.89 -20.26
N LYS A 286 -26.02 -25.12 -20.25
CA LYS A 286 -24.73 -25.43 -20.86
C LYS A 286 -24.75 -24.94 -22.30
N ARG A 287 -25.87 -25.18 -23.01
CA ARG A 287 -26.00 -24.79 -24.41
C ARG A 287 -25.95 -23.28 -24.58
N VAL A 288 -26.84 -22.58 -23.89
CA VAL A 288 -26.90 -21.12 -23.93
C VAL A 288 -25.59 -20.46 -23.39
N GLN A 289 -24.91 -21.15 -22.48
CA GLN A 289 -23.61 -20.69 -21.95
C GLN A 289 -22.49 -20.72 -23.01
N LEU A 290 -22.24 -21.91 -23.56
CA LEU A 290 -21.16 -22.12 -24.54
C LEU A 290 -21.45 -21.45 -25.89
N ALA A 291 -22.73 -21.26 -26.22
CA ALA A 291 -23.13 -20.63 -27.48
C ALA A 291 -23.16 -19.10 -27.38
N ASP A 292 -23.35 -18.58 -26.17
CA ASP A 292 -23.18 -17.14 -25.90
C ASP A 292 -21.69 -16.81 -25.77
N LYS A 293 -20.88 -17.84 -25.50
CA LYS A 293 -19.44 -17.69 -25.25
C LYS A 293 -18.63 -18.49 -26.27
N ASN B 1 -47.32 -20.98 -15.96
CA ASN B 1 -48.82 -21.15 -15.90
C ASN B 1 -49.51 -19.83 -15.56
N LEU B 2 -48.86 -19.02 -14.72
CA LEU B 2 -49.38 -17.70 -14.28
C LEU B 2 -49.20 -16.59 -15.34
N ASP B 3 -50.15 -15.64 -15.33
CA ASP B 3 -50.28 -14.57 -16.34
C ASP B 3 -49.10 -13.58 -16.34
N ASN B 4 -48.41 -13.54 -17.48
CA ASN B 4 -47.10 -12.91 -17.65
C ASN B 4 -47.08 -11.64 -18.52
N LYS B 5 -48.25 -11.21 -18.99
CA LYS B 5 -48.33 -9.99 -19.76
C LYS B 5 -48.73 -8.86 -18.81
N LEU B 6 -48.21 -7.67 -19.05
CA LEU B 6 -48.39 -6.54 -18.13
C LEU B 6 -48.28 -5.19 -18.85
N ASP B 7 -49.36 -4.42 -18.86
CA ASP B 7 -49.35 -3.13 -19.54
C ASP B 7 -48.58 -3.27 -20.84
N GLY B 8 -49.09 -4.11 -21.74
CA GLY B 8 -48.49 -4.31 -23.08
C GLY B 8 -47.13 -4.98 -23.09
N PHE B 9 -46.59 -5.20 -21.90
CA PHE B 9 -45.27 -5.78 -21.72
C PHE B 9 -45.34 -7.29 -21.48
N TYR B 10 -44.29 -7.97 -21.90
CA TYR B 10 -44.27 -9.40 -21.73
C TYR B 10 -43.26 -9.74 -20.65
N ILE B 11 -43.53 -10.82 -19.91
CA ILE B 11 -42.58 -11.32 -18.91
C ILE B 11 -42.23 -12.79 -19.15
N ALA B 12 -40.94 -13.12 -19.19
CA ALA B 12 -40.55 -14.49 -19.43
C ALA B 12 -41.11 -15.38 -18.31
N PRO B 13 -42.04 -16.28 -18.65
CA PRO B 13 -42.75 -17.02 -17.60
C PRO B 13 -41.84 -17.96 -16.79
N ALA B 14 -40.69 -18.34 -17.36
CA ALA B 14 -39.68 -19.05 -16.56
C ALA B 14 -39.11 -18.08 -15.51
N PHE B 15 -38.78 -16.86 -15.95
CA PHE B 15 -38.23 -15.85 -15.06
C PHE B 15 -39.23 -15.50 -13.97
N MET B 16 -40.46 -15.23 -14.37
CA MET B 16 -41.52 -15.02 -13.39
C MET B 16 -41.64 -16.13 -12.30
N ASP B 17 -41.79 -17.41 -12.70
CA ASP B 17 -42.05 -18.48 -11.72
C ASP B 17 -40.91 -18.52 -10.75
N LYS B 18 -39.70 -18.28 -11.27
CA LYS B 18 -38.53 -18.32 -10.44
C LYS B 18 -38.61 -17.23 -9.38
N LEU B 19 -38.86 -16.00 -9.82
CA LEU B 19 -38.86 -14.89 -8.87
C LEU B 19 -40.08 -14.86 -7.96
N VAL B 20 -41.26 -14.89 -8.56
CA VAL B 20 -42.51 -14.94 -7.81
C VAL B 20 -42.41 -15.99 -6.70
N VAL B 21 -42.21 -17.24 -7.06
CA VAL B 21 -41.99 -18.32 -6.09
C VAL B 21 -40.83 -18.09 -5.14
N HIS B 22 -39.72 -17.50 -5.61
CA HIS B 22 -38.63 -17.30 -4.67
C HIS B 22 -39.14 -16.40 -3.60
N ILE B 23 -39.95 -15.42 -4.00
CA ILE B 23 -40.39 -14.43 -3.07
C ILE B 23 -41.41 -15.06 -2.15
N THR B 24 -42.59 -15.39 -2.67
CA THR B 24 -43.66 -15.94 -1.82
C THR B 24 -43.19 -17.07 -0.90
N LYS B 25 -42.15 -17.79 -1.30
CA LYS B 25 -41.56 -18.83 -0.48
C LYS B 25 -41.03 -18.29 0.84
N ASN B 26 -40.34 -17.15 0.79
CA ASN B 26 -39.72 -16.55 1.99
C ASN B 26 -40.73 -15.91 2.94
N PHE B 27 -42.01 -15.96 2.58
CA PHE B 27 -43.05 -15.42 3.43
C PHE B 27 -43.78 -16.53 4.16
N LEU B 28 -43.55 -17.76 3.70
CA LEU B 28 -44.23 -18.90 4.26
C LEU B 28 -43.34 -19.57 5.31
N LYS B 29 -43.97 -20.38 6.16
CA LYS B 29 -43.25 -21.33 6.99
C LYS B 29 -43.67 -22.70 6.47
N LEU B 30 -42.88 -23.24 5.57
CA LEU B 30 -43.23 -24.50 4.96
C LEU B 30 -42.29 -25.61 5.45
N PRO B 31 -42.82 -26.83 5.65
CA PRO B 31 -42.16 -27.80 6.50
C PRO B 31 -40.94 -28.46 5.87
N ASN B 32 -39.91 -28.64 6.69
CA ASN B 32 -38.76 -29.46 6.32
C ASN B 32 -38.16 -29.12 4.96
N ILE B 33 -38.01 -27.83 4.72
CA ILE B 33 -37.19 -27.40 3.62
C ILE B 33 -36.51 -26.11 4.01
N LYS B 34 -35.21 -26.06 3.81
CA LYS B 34 -34.49 -24.83 4.06
C LYS B 34 -34.62 -23.93 2.83
N VAL B 35 -35.25 -22.78 3.02
CA VAL B 35 -35.59 -21.86 1.94
C VAL B 35 -34.50 -20.81 1.78
N PRO B 36 -33.97 -20.64 0.57
CA PRO B 36 -32.83 -19.75 0.43
C PRO B 36 -33.36 -18.34 0.49
N LEU B 37 -32.71 -17.46 1.26
CA LEU B 37 -33.19 -16.11 1.41
C LEU B 37 -32.91 -15.28 0.15
N ILE B 38 -31.71 -15.42 -0.38
CA ILE B 38 -31.31 -14.61 -1.52
C ILE B 38 -31.32 -15.43 -2.79
N LEU B 39 -31.81 -14.81 -3.87
CA LEU B 39 -31.81 -15.42 -5.20
C LEU B 39 -30.97 -14.53 -6.07
N GLY B 40 -29.84 -15.08 -6.53
CA GLY B 40 -28.94 -14.40 -7.45
C GLY B 40 -29.24 -14.77 -8.89
N ILE B 41 -29.48 -13.75 -9.71
CA ILE B 41 -29.88 -13.92 -11.11
C ILE B 41 -28.73 -13.56 -12.06
N TRP B 42 -28.36 -14.48 -12.93
CA TRP B 42 -27.31 -14.20 -13.92
C TRP B 42 -27.71 -14.68 -15.30
N GLY B 43 -26.90 -14.33 -16.30
CA GLY B 43 -27.22 -14.64 -17.70
C GLY B 43 -28.24 -13.66 -18.26
N GLY B 44 -29.11 -14.13 -19.16
CA GLY B 44 -30.07 -13.30 -19.89
C GLY B 44 -29.48 -12.06 -20.54
N LYS B 45 -28.21 -12.14 -20.96
CA LYS B 45 -27.54 -10.99 -21.58
C LYS B 45 -28.37 -10.45 -22.76
N GLY B 46 -28.42 -9.13 -22.89
CA GLY B 46 -29.12 -8.49 -23.99
C GLY B 46 -30.58 -8.35 -23.63
N GLN B 47 -31.12 -9.35 -22.94
CA GLN B 47 -32.49 -9.29 -22.48
C GLN B 47 -32.54 -8.51 -21.16
N GLY B 48 -33.65 -7.85 -20.91
CA GLY B 48 -33.71 -6.87 -19.85
C GLY B 48 -33.88 -7.55 -18.52
N LYS B 49 -32.80 -8.16 -18.04
CA LYS B 49 -32.80 -8.96 -16.81
C LYS B 49 -33.26 -8.13 -15.61
N SER B 50 -32.65 -6.95 -15.42
CA SER B 50 -33.14 -6.00 -14.43
C SER B 50 -34.57 -5.59 -14.76
N PHE B 51 -34.87 -5.38 -16.05
CA PHE B 51 -36.21 -4.94 -16.42
C PHE B 51 -37.26 -6.02 -16.15
N GLN B 52 -36.87 -7.26 -16.32
CA GLN B 52 -37.73 -8.38 -16.01
C GLN B 52 -38.08 -8.35 -14.53
N CYS B 53 -37.09 -8.04 -13.70
CA CYS B 53 -37.31 -7.95 -12.25
C CYS B 53 -38.38 -6.90 -11.93
N GLU B 54 -38.09 -5.66 -12.31
CA GLU B 54 -39.04 -4.56 -12.26
C GLU B 54 -40.46 -5.00 -12.67
N LEU B 55 -40.57 -5.56 -13.88
CA LEU B 55 -41.82 -6.16 -14.38
C LEU B 55 -42.49 -7.10 -13.36
N VAL B 56 -41.76 -8.09 -12.89
CA VAL B 56 -42.30 -8.98 -11.92
C VAL B 56 -42.73 -8.17 -10.70
N PHE B 57 -41.84 -7.34 -10.14
CA PHE B 57 -42.18 -6.61 -8.91
C PHE B 57 -43.49 -5.84 -9.04
N ARG B 58 -43.64 -5.10 -10.13
CA ARG B 58 -44.85 -4.32 -10.35
C ARG B 58 -46.02 -5.28 -10.34
N LYS B 59 -45.88 -6.40 -11.03
CA LYS B 59 -46.97 -7.36 -11.13
C LYS B 59 -47.50 -7.85 -9.77
N MET B 60 -46.70 -7.72 -8.72
CA MET B 60 -47.14 -8.08 -7.36
C MET B 60 -47.40 -6.84 -6.53
N GLY B 61 -47.03 -5.70 -7.08
CA GLY B 61 -47.11 -4.46 -6.35
C GLY B 61 -46.05 -4.45 -5.26
N ILE B 62 -44.83 -4.84 -5.61
CA ILE B 62 -43.72 -4.61 -4.71
C ILE B 62 -42.95 -3.39 -5.20
N ASN B 63 -42.74 -2.43 -4.30
CA ASN B 63 -41.80 -1.35 -4.51
C ASN B 63 -40.54 -1.80 -3.85
N PRO B 64 -39.64 -2.42 -4.62
CA PRO B 64 -38.52 -3.04 -3.95
C PRO B 64 -37.68 -1.93 -3.37
N ILE B 65 -36.85 -2.27 -2.39
CA ILE B 65 -35.82 -1.35 -2.00
C ILE B 65 -34.64 -1.61 -2.93
N MET B 66 -34.46 -0.67 -3.84
CA MET B 66 -33.38 -0.70 -4.82
C MET B 66 -32.04 -0.41 -4.18
N MET B 67 -30.99 -0.84 -4.86
CA MET B 67 -29.63 -0.45 -4.58
C MET B 67 -28.85 -0.54 -5.89
N SER B 68 -27.85 0.31 -6.04
CA SER B 68 -26.92 0.17 -7.16
C SER B 68 -25.63 -0.47 -6.70
N ALA B 69 -24.90 -1.06 -7.64
CA ALA B 69 -23.52 -1.48 -7.42
C ALA B 69 -22.58 -0.29 -7.15
N GLY B 70 -22.71 0.77 -7.95
CA GLY B 70 -21.86 1.96 -7.80
C GLY B 70 -22.03 2.60 -6.45
N GLU B 71 -23.18 2.33 -5.82
CA GLU B 71 -23.50 2.78 -4.47
C GLU B 71 -22.75 1.93 -3.42
N LEU B 72 -22.70 0.61 -3.66
CA LEU B 72 -22.00 -0.36 -2.80
C LEU B 72 -20.48 -0.32 -2.95
N GLU B 73 -19.99 0.49 -3.89
CA GLU B 73 -18.58 0.82 -3.97
C GLU B 73 -18.28 1.99 -3.03
N SER B 74 -18.90 3.14 -3.29
CA SER B 74 -18.73 4.34 -2.45
C SER B 74 -19.96 4.61 -1.59
N GLY B 78 -17.49 2.91 5.04
CA GLY B 78 -18.76 2.89 5.76
C GLY B 78 -19.89 2.35 4.90
N GLU B 79 -20.08 2.98 3.73
CA GLU B 79 -21.19 2.68 2.82
C GLU B 79 -21.43 1.18 2.48
N PRO B 80 -20.35 0.44 2.09
CA PRO B 80 -20.55 -0.95 1.62
C PRO B 80 -21.31 -1.87 2.60
N ALA B 81 -20.79 -2.01 3.83
CA ALA B 81 -21.47 -2.79 4.87
C ALA B 81 -22.79 -2.13 5.24
N LYS B 82 -22.69 -1.02 5.99
CA LYS B 82 -23.85 -0.30 6.51
C LYS B 82 -25.06 -0.29 5.58
N LEU B 83 -24.92 0.34 4.40
CA LEU B 83 -26.05 0.61 3.51
C LEU B 83 -26.87 -0.63 3.13
N ILE B 84 -26.28 -1.81 3.30
CA ILE B 84 -26.99 -3.07 3.09
C ILE B 84 -27.96 -3.30 4.25
N ARG B 85 -27.39 -3.36 5.44
CA ARG B 85 -28.14 -3.48 6.69
C ARG B 85 -29.33 -2.49 6.68
N GLN B 86 -29.03 -1.21 6.43
CA GLN B 86 -30.05 -0.16 6.39
C GLN B 86 -31.08 -0.32 5.28
N ARG B 87 -30.64 -0.71 4.07
CA ARG B 87 -31.56 -0.94 2.95
C ARG B 87 -32.37 -2.23 3.14
N TYR B 88 -31.81 -3.18 3.89
CA TYR B 88 -32.57 -4.35 4.33
C TYR B 88 -33.67 -3.91 5.28
N ARG B 89 -33.26 -3.16 6.32
CA ARG B 89 -34.14 -2.75 7.42
C ARG B 89 -35.29 -1.91 6.89
N GLU B 90 -34.95 -1.06 5.91
CA GLU B 90 -35.91 -0.20 5.26
C GLU B 90 -37.02 -1.04 4.62
N ALA B 91 -36.62 -2.04 3.83
CA ALA B 91 -37.56 -2.98 3.19
C ALA B 91 -38.34 -3.75 4.25
N ALA B 92 -37.60 -4.22 5.26
CA ALA B 92 -38.18 -5.00 6.34
C ALA B 92 -39.27 -4.22 7.06
N GLU B 93 -39.01 -2.95 7.35
CA GLU B 93 -40.00 -2.08 7.99
C GLU B 93 -41.21 -1.85 7.10
N ILE B 94 -41.02 -1.86 5.78
CA ILE B 94 -42.14 -1.84 4.84
C ILE B 94 -42.94 -3.11 5.06
N ILE B 95 -42.32 -4.26 4.78
CA ILE B 95 -42.92 -5.57 5.04
C ILE B 95 -43.52 -5.63 6.46
N ARG B 96 -42.78 -5.11 7.45
CA ARG B 96 -43.21 -5.20 8.85
C ARG B 96 -44.25 -4.14 9.28
N LYS B 97 -44.60 -3.23 8.37
CA LYS B 97 -45.85 -2.50 8.48
C LYS B 97 -46.89 -3.38 7.77
N GLY B 98 -46.58 -3.83 6.55
CA GLY B 98 -47.49 -4.69 5.77
C GLY B 98 -47.21 -4.57 4.29
N ASN B 99 -47.95 -5.33 3.47
CA ASN B 99 -47.71 -5.42 2.01
C ASN B 99 -46.34 -6.01 1.69
N MET B 100 -46.26 -6.79 0.62
CA MET B 100 -44.99 -7.46 0.33
C MET B 100 -43.89 -6.48 -0.08
N CYS B 101 -42.67 -6.75 0.39
CA CYS B 101 -41.47 -6.03 -0.07
C CYS B 101 -40.27 -6.98 -0.20
N CYS B 102 -39.27 -6.57 -0.97
CA CYS B 102 -38.01 -7.28 -0.98
C CYS B 102 -36.86 -6.31 -1.22
N LEU B 103 -35.68 -6.68 -0.73
CA LEU B 103 -34.47 -5.94 -1.07
C LEU B 103 -33.92 -6.41 -2.43
N PHE B 104 -34.04 -5.53 -3.42
CA PHE B 104 -33.50 -5.79 -4.75
C PHE B 104 -32.16 -5.16 -4.99
N ILE B 105 -31.09 -5.90 -4.73
CA ILE B 105 -29.74 -5.42 -5.02
C ILE B 105 -29.42 -5.67 -6.49
N ASN B 106 -28.82 -4.69 -7.17
CA ASN B 106 -28.65 -4.80 -8.62
C ASN B 106 -27.30 -4.51 -9.28
N ASP B 107 -26.81 -5.53 -10.01
CA ASP B 107 -25.58 -5.48 -10.85
C ASP B 107 -24.26 -5.63 -10.10
N LEU B 108 -23.31 -6.33 -10.73
CA LEU B 108 -21.94 -6.52 -10.20
C LEU B 108 -20.95 -7.04 -11.27
N ASP B 109 -19.93 -6.23 -11.60
CA ASP B 109 -18.75 -6.68 -12.39
C ASP B 109 -17.54 -5.71 -12.39
N ASN B 124 -13.60 -4.76 0.52
CA ASN B 124 -14.82 -4.30 -0.13
C ASN B 124 -15.75 -5.47 -0.47
N ASN B 125 -15.31 -6.33 -1.38
CA ASN B 125 -16.10 -7.51 -1.75
C ASN B 125 -16.04 -8.62 -0.72
N GLN B 126 -14.88 -8.77 -0.07
CA GLN B 126 -14.76 -9.67 1.08
C GLN B 126 -15.88 -9.37 2.08
N MET B 127 -16.07 -8.07 2.36
CA MET B 127 -17.12 -7.57 3.24
C MET B 127 -18.52 -7.76 2.67
N VAL B 128 -18.80 -7.19 1.49
CA VAL B 128 -20.13 -7.28 0.88
C VAL B 128 -20.69 -8.72 0.95
N ASN B 129 -19.84 -9.69 0.60
CA ASN B 129 -20.09 -11.09 0.92
C ASN B 129 -20.42 -11.29 2.40
N ALA B 130 -19.44 -11.00 3.27
CA ALA B 130 -19.53 -11.27 4.70
C ALA B 130 -20.79 -10.73 5.39
N THR B 131 -21.23 -9.56 4.94
CA THR B 131 -22.45 -8.94 5.47
C THR B 131 -23.66 -9.78 5.03
N LEU B 132 -23.61 -10.27 3.79
CA LEU B 132 -24.58 -11.24 3.32
C LEU B 132 -24.62 -12.50 4.19
N MET B 133 -23.45 -13.07 4.48
CA MET B 133 -23.36 -14.29 5.28
C MET B 133 -23.98 -14.15 6.67
N ASN B 134 -23.65 -13.06 7.38
CA ASN B 134 -24.18 -12.81 8.72
C ASN B 134 -25.68 -12.50 8.68
N ILE B 135 -26.12 -11.89 7.59
CA ILE B 135 -27.52 -11.51 7.43
C ILE B 135 -28.35 -12.72 7.00
N ALA B 136 -27.70 -13.67 6.32
CA ALA B 136 -28.34 -14.91 5.87
C ALA B 136 -28.59 -15.85 7.03
N ASP B 137 -27.78 -15.71 8.08
CA ASP B 137 -27.85 -16.60 9.24
C ASP B 137 -29.10 -16.44 10.10
N ASN B 138 -29.60 -15.21 10.21
CA ASN B 138 -30.97 -14.95 10.69
C ASN B 138 -31.51 -13.56 10.33
N PRO B 139 -32.75 -13.22 10.74
CA PRO B 139 -33.22 -11.86 10.55
C PRO B 139 -32.31 -10.84 11.28
N THR B 140 -32.58 -10.56 12.57
CA THR B 140 -31.73 -9.71 13.43
C THR B 140 -31.25 -8.39 12.80
N GLU B 152 -36.15 -6.66 18.03
CA GLU B 152 -37.15 -6.74 16.82
C GLU B 152 -36.35 -7.03 15.53
N ASN B 153 -36.92 -7.86 14.64
CA ASN B 153 -36.27 -8.27 13.34
C ASN B 153 -37.23 -8.19 12.12
N ALA B 154 -36.99 -9.07 11.12
CA ALA B 154 -37.92 -9.30 9.99
C ALA B 154 -37.34 -10.21 8.90
N ARG B 155 -38.21 -10.82 8.11
CA ARG B 155 -37.81 -11.80 7.08
C ARG B 155 -37.93 -11.22 5.67
N VAL B 156 -36.81 -10.82 5.06
CA VAL B 156 -36.86 -10.15 3.74
C VAL B 156 -36.06 -10.83 2.63
N PRO B 157 -36.76 -11.23 1.54
CA PRO B 157 -36.10 -11.96 0.46
C PRO B 157 -35.21 -11.04 -0.35
N ILE B 158 -33.91 -11.31 -0.37
CA ILE B 158 -33.01 -10.54 -1.22
C ILE B 158 -32.92 -11.13 -2.61
N ILE B 159 -33.02 -10.24 -3.59
CA ILE B 159 -32.82 -10.55 -5.01
C ILE B 159 -31.59 -9.81 -5.54
N VAL B 160 -30.65 -10.54 -6.14
CA VAL B 160 -29.47 -9.90 -6.71
C VAL B 160 -29.21 -10.26 -8.19
N THR B 161 -28.65 -9.30 -8.92
CA THR B 161 -28.31 -9.45 -10.34
C THR B 161 -26.83 -9.17 -10.57
N GLY B 162 -26.25 -9.87 -11.55
CA GLY B 162 -24.83 -9.73 -11.88
C GLY B 162 -24.54 -10.38 -13.22
N ASN B 163 -23.28 -10.68 -13.49
CA ASN B 163 -22.89 -11.40 -14.70
C ASN B 163 -22.69 -12.89 -14.44
N ASP B 164 -21.70 -13.19 -13.59
CA ASP B 164 -21.54 -14.51 -12.99
C ASP B 164 -21.09 -14.33 -11.55
N PHE B 165 -21.86 -14.90 -10.63
CA PHE B 165 -21.62 -14.79 -9.19
C PHE B 165 -20.35 -15.52 -8.73
N SER B 166 -19.21 -14.84 -8.86
CA SER B 166 -17.92 -15.40 -8.48
C SER B 166 -17.58 -15.07 -7.04
N THR B 167 -17.01 -16.06 -6.35
CA THR B 167 -16.41 -15.89 -5.01
C THR B 167 -17.20 -14.97 -4.09
N ALA B 170 -20.44 -15.37 -3.66
CA ALA B 170 -21.50 -16.37 -3.49
C ALA B 170 -21.10 -17.81 -3.00
N PRO B 171 -20.05 -18.45 -3.57
CA PRO B 171 -19.57 -19.79 -3.18
C PRO B 171 -19.89 -20.35 -1.77
N LEU B 172 -19.60 -19.58 -0.71
CA LEU B 172 -19.91 -20.03 0.66
C LEU B 172 -21.40 -19.91 1.03
N ILE B 173 -22.12 -18.98 0.38
CA ILE B 173 -23.57 -18.80 0.59
C ILE B 173 -24.42 -19.50 -0.49
N ARG B 174 -23.79 -19.90 -1.59
CA ARG B 174 -24.43 -20.83 -2.51
C ARG B 174 -24.43 -22.17 -1.77
N ASP B 175 -23.24 -22.66 -1.40
CA ASP B 175 -23.16 -23.86 -0.56
C ASP B 175 -24.13 -23.77 0.64
N GLY B 176 -24.14 -22.60 1.30
CA GLY B 176 -25.01 -22.34 2.45
C GLY B 176 -26.47 -22.09 2.10
N ARG B 177 -26.80 -20.86 1.70
CA ARG B 177 -28.17 -20.32 1.79
C ARG B 177 -28.60 -19.33 0.69
N MET B 178 -28.17 -19.57 -0.54
CA MET B 178 -28.50 -18.71 -1.66
C MET B 178 -28.74 -19.55 -2.92
N GLU B 179 -29.48 -19.01 -3.89
CA GLU B 179 -29.71 -19.73 -5.16
C GLU B 179 -29.21 -19.00 -6.42
N LYS B 180 -28.28 -19.61 -7.16
CA LYS B 180 -27.89 -19.06 -8.45
C LYS B 180 -28.99 -19.40 -9.46
N PHE B 181 -29.27 -18.48 -10.38
CA PHE B 181 -30.27 -18.78 -11.38
C PHE B 181 -29.84 -18.23 -12.70
N TYR B 182 -29.41 -19.11 -13.58
CA TYR B 182 -29.07 -18.69 -14.90
C TYR B 182 -30.35 -18.59 -15.70
N TRP B 183 -30.59 -17.40 -16.26
CA TRP B 183 -31.77 -17.18 -17.07
C TRP B 183 -31.36 -17.38 -18.51
N ALA B 184 -31.84 -18.47 -19.11
CA ALA B 184 -31.64 -18.73 -20.52
C ALA B 184 -32.91 -18.34 -21.23
N PRO B 185 -32.97 -17.11 -21.77
CA PRO B 185 -34.22 -16.71 -22.44
C PRO B 185 -34.47 -17.59 -23.68
N THR B 186 -30.34 -16.25 -34.07
CA THR B 186 -30.82 -16.38 -35.46
C THR B 186 -30.98 -15.01 -36.09
N ARG B 187 -31.28 -15.01 -37.38
CA ARG B 187 -31.87 -13.85 -38.04
C ARG B 187 -33.24 -13.55 -37.39
N GLU B 188 -33.99 -14.61 -37.10
CA GLU B 188 -35.25 -14.50 -36.37
C GLU B 188 -35.07 -13.72 -35.07
N ASP B 189 -34.06 -14.08 -34.28
CA ASP B 189 -33.78 -13.37 -33.02
C ASP B 189 -33.48 -11.89 -33.22
N ARG B 190 -32.77 -11.58 -34.32
CA ARG B 190 -32.42 -10.17 -34.61
C ARG B 190 -33.65 -9.33 -34.96
N ILE B 191 -34.44 -9.82 -35.91
CA ILE B 191 -35.77 -9.26 -36.19
C ILE B 191 -36.60 -9.09 -34.93
N GLY B 192 -36.59 -10.08 -34.05
CA GLY B 192 -37.36 -9.99 -32.82
C GLY B 192 -36.86 -8.87 -31.94
N VAL B 193 -35.55 -8.86 -31.73
CA VAL B 193 -34.97 -7.86 -30.85
C VAL B 193 -35.24 -6.50 -31.49
N CYS B 194 -35.17 -6.48 -32.80
CA CYS B 194 -35.39 -5.25 -33.52
C CYS B 194 -36.83 -4.76 -33.48
N THR B 195 -37.80 -5.67 -33.51
CA THR B 195 -39.20 -5.26 -33.38
C THR B 195 -39.32 -4.59 -32.03
N GLY B 196 -38.60 -5.11 -31.04
CA GLY B 196 -38.65 -4.57 -29.69
C GLY B 196 -38.41 -3.07 -29.72
N ILE B 197 -37.28 -2.70 -30.31
CA ILE B 197 -36.86 -1.33 -30.42
C ILE B 197 -37.92 -0.41 -31.01
N PHE B 198 -38.77 -0.92 -31.90
CA PHE B 198 -39.75 -0.05 -32.58
C PHE B 198 -41.22 -0.25 -32.21
N ARG B 199 -41.51 -0.97 -31.13
CA ARG B 199 -42.89 -1.29 -30.77
C ARG B 199 -43.74 -0.03 -30.69
N THR B 200 -43.21 0.89 -29.94
CA THR B 200 -43.76 2.19 -29.76
C THR B 200 -44.27 2.85 -31.05
N ASP B 201 -43.64 2.63 -32.19
CA ASP B 201 -43.99 3.45 -33.34
C ASP B 201 -44.67 2.66 -34.44
N ASN B 202 -45.42 1.66 -33.98
CA ASN B 202 -46.36 0.92 -34.79
C ASN B 202 -45.84 0.69 -36.20
N VAL B 203 -44.79 -0.12 -36.31
CA VAL B 203 -44.13 -0.31 -37.59
C VAL B 203 -44.38 -1.71 -38.09
N PRO B 204 -44.87 -1.85 -39.34
CA PRO B 204 -45.06 -3.13 -40.00
C PRO B 204 -43.94 -4.16 -39.68
N ALA B 205 -44.34 -5.40 -39.41
CA ALA B 205 -43.41 -6.50 -39.25
C ALA B 205 -42.56 -6.60 -40.51
N GLU B 206 -43.19 -6.27 -41.65
CA GLU B 206 -42.53 -6.10 -42.94
C GLU B 206 -41.35 -5.13 -42.87
N ASP B 207 -41.62 -3.90 -42.41
CA ASP B 207 -40.64 -2.85 -42.30
C ASP B 207 -39.43 -3.32 -41.53
N VAL B 208 -39.67 -3.90 -40.36
CA VAL B 208 -38.61 -4.40 -39.49
C VAL B 208 -37.75 -5.46 -40.22
N VAL B 209 -38.40 -6.32 -41.00
CA VAL B 209 -37.67 -7.33 -41.75
C VAL B 209 -36.77 -6.71 -42.83
N LYS B 210 -37.21 -5.61 -43.44
CA LYS B 210 -36.47 -5.05 -44.58
C LYS B 210 -35.14 -4.45 -44.13
N ILE B 211 -35.19 -3.77 -42.98
CA ILE B 211 -34.06 -2.99 -42.48
C ILE B 211 -33.01 -3.90 -41.89
N VAL B 212 -33.46 -4.85 -41.07
CA VAL B 212 -32.58 -5.84 -40.48
C VAL B 212 -31.85 -6.56 -41.62
N ASP B 213 -32.59 -6.91 -42.68
CA ASP B 213 -31.97 -7.56 -43.79
C ASP B 213 -31.04 -6.57 -44.44
N ASN B 214 -31.46 -5.32 -44.47
CA ASN B 214 -30.71 -4.34 -45.23
C ASN B 214 -29.41 -3.96 -44.53
N PHE B 215 -29.27 -4.34 -43.26
CA PHE B 215 -28.18 -3.85 -42.41
C PHE B 215 -27.51 -4.95 -41.60
N PRO B 216 -26.95 -5.93 -42.31
CA PRO B 216 -26.46 -7.14 -41.65
C PRO B 216 -25.17 -6.87 -40.86
N GLY B 217 -24.88 -7.77 -39.91
CA GLY B 217 -23.79 -7.56 -38.96
C GLY B 217 -23.74 -6.13 -38.41
N GLN B 218 -24.88 -5.67 -37.85
CA GLN B 218 -24.99 -4.40 -37.12
C GLN B 218 -25.59 -4.76 -35.78
N SER B 219 -25.15 -4.11 -34.72
CA SER B 219 -25.62 -4.45 -33.39
C SER B 219 -27.07 -4.05 -33.16
N ILE B 220 -27.57 -4.30 -31.95
CA ILE B 220 -28.84 -3.74 -31.61
C ILE B 220 -28.64 -2.26 -31.33
N ASP B 221 -27.45 -1.91 -30.85
CA ASP B 221 -27.08 -0.52 -30.64
C ASP B 221 -27.29 0.27 -31.91
N PHE B 222 -26.86 -0.30 -33.05
CA PHE B 222 -27.12 0.30 -34.35
C PHE B 222 -28.58 0.79 -34.49
N PHE B 223 -29.54 -0.11 -34.24
CA PHE B 223 -30.95 0.25 -34.46
C PHE B 223 -31.50 1.25 -33.45
N GLY B 224 -31.08 1.14 -32.20
CA GLY B 224 -31.43 2.14 -31.22
C GLY B 224 -31.01 3.50 -31.75
N ALA B 225 -29.71 3.65 -31.99
CA ALA B 225 -29.08 4.80 -32.68
C ALA B 225 -29.86 5.30 -33.91
N LEU B 226 -30.35 4.37 -34.70
CA LEU B 226 -31.07 4.75 -35.90
C LEU B 226 -32.37 5.43 -35.48
N ARG B 227 -33.17 4.75 -34.68
CA ARG B 227 -34.40 5.33 -34.17
C ARG B 227 -34.17 6.68 -33.46
N ALA B 228 -33.11 6.80 -32.68
CA ALA B 228 -32.78 8.05 -31.99
C ALA B 228 -32.42 9.17 -32.98
N ARG B 229 -31.88 8.77 -34.13
CA ARG B 229 -31.40 9.72 -35.12
C ARG B 229 -32.56 10.44 -35.81
N VAL B 230 -33.74 9.84 -35.71
CA VAL B 230 -34.92 10.35 -36.36
C VAL B 230 -35.55 11.42 -35.48
N TYR B 231 -35.75 11.07 -34.21
CA TYR B 231 -36.01 12.06 -33.19
C TYR B 231 -35.02 13.23 -33.27
N ASP B 232 -33.72 12.96 -33.17
CA ASP B 232 -32.74 14.03 -33.23
C ASP B 232 -33.10 15.05 -34.30
N ASP B 233 -33.15 14.58 -35.54
CA ASP B 233 -33.43 15.40 -36.70
C ASP B 233 -34.62 16.32 -36.53
N GLU B 234 -35.72 15.80 -35.99
CA GLU B 234 -36.91 16.60 -35.71
C GLU B 234 -36.56 17.80 -34.80
N VAL B 235 -35.95 17.54 -33.64
CA VAL B 235 -35.47 18.58 -32.74
C VAL B 235 -34.59 19.62 -33.49
N ARG B 236 -33.63 19.13 -34.27
CA ARG B 236 -32.74 19.97 -35.11
C ARG B 236 -33.55 20.91 -36.01
N LYS B 237 -34.63 20.39 -36.58
CA LYS B 237 -35.56 21.20 -37.37
C LYS B 237 -36.25 22.23 -36.49
N TRP B 238 -36.76 21.78 -35.34
CA TRP B 238 -37.38 22.70 -34.40
C TRP B 238 -36.40 23.80 -34.04
N VAL B 239 -35.25 23.42 -33.47
CA VAL B 239 -34.19 24.40 -33.12
C VAL B 239 -33.93 25.42 -34.23
N SER B 240 -33.44 24.92 -35.37
CA SER B 240 -33.12 25.72 -36.55
C SER B 240 -34.30 26.61 -36.91
N GLY B 241 -35.48 25.99 -36.92
CA GLY B 241 -36.72 26.69 -37.24
C GLY B 241 -36.99 27.81 -36.26
N THR B 242 -37.26 27.45 -35.00
CA THR B 242 -37.75 28.39 -34.02
C THR B 242 -36.63 28.99 -33.19
N GLY B 243 -35.75 29.72 -33.89
CA GLY B 243 -34.77 30.63 -33.30
C GLY B 243 -33.77 30.00 -32.36
N ILE B 244 -32.57 29.74 -32.86
CA ILE B 244 -31.48 29.32 -31.98
C ILE B 244 -31.30 30.27 -30.78
N GLU B 245 -31.29 31.58 -31.06
CA GLU B 245 -31.19 32.63 -30.03
C GLU B 245 -32.31 32.60 -28.96
N LYS B 246 -33.57 32.45 -29.42
CA LYS B 246 -34.75 32.45 -28.54
C LYS B 246 -35.31 31.04 -28.24
N ILE B 247 -34.45 30.13 -27.79
CA ILE B 247 -34.83 28.74 -27.49
C ILE B 247 -34.99 28.48 -26.00
N GLY B 248 -33.97 28.79 -25.21
CA GLY B 248 -34.01 28.60 -23.75
C GLY B 248 -35.28 29.13 -23.09
N ASP B 249 -35.83 30.20 -23.66
CA ASP B 249 -37.10 30.76 -23.24
C ASP B 249 -38.30 29.91 -23.61
N LYS B 250 -38.43 29.61 -24.91
CA LYS B 250 -39.58 28.83 -25.41
C LYS B 250 -39.54 27.49 -24.75
N LEU B 251 -38.36 27.15 -24.24
CA LEU B 251 -38.08 25.86 -23.67
C LEU B 251 -38.24 25.88 -22.14
N LEU B 252 -38.13 27.06 -21.55
CA LEU B 252 -38.09 27.16 -20.10
C LEU B 252 -39.02 28.27 -19.55
N ASN B 253 -38.63 29.52 -19.76
CA ASN B 253 -39.35 30.66 -19.17
C ASN B 253 -40.62 31.01 -19.92
N SER B 254 -41.28 29.97 -20.43
CA SER B 254 -42.59 30.08 -21.04
C SER B 254 -43.65 29.49 -20.10
N PHE B 255 -44.89 29.99 -20.20
CA PHE B 255 -45.98 29.51 -19.36
C PHE B 255 -46.64 28.25 -19.89
N ASP B 256 -46.54 28.02 -21.21
CA ASP B 256 -47.17 26.83 -21.85
C ASP B 256 -46.30 25.60 -21.76
N GLY B 257 -45.18 25.72 -21.04
CA GLY B 257 -44.19 24.65 -20.90
C GLY B 257 -43.26 24.54 -22.10
N PRO B 258 -42.33 23.56 -22.05
CA PRO B 258 -41.63 23.09 -23.25
C PRO B 258 -42.66 22.71 -24.29
N PRO B 259 -42.37 22.95 -25.57
CA PRO B 259 -43.29 22.69 -26.68
C PRO B 259 -43.47 21.20 -27.02
N THR B 260 -43.87 20.38 -26.03
CA THR B 260 -44.37 19.02 -26.24
C THR B 260 -44.35 18.49 -27.69
N PHE B 261 -43.43 17.56 -27.95
CA PHE B 261 -43.22 17.03 -29.29
C PHE B 261 -44.08 15.81 -29.68
N GLU B 262 -44.48 15.75 -30.95
CA GLU B 262 -45.21 14.58 -31.46
C GLU B 262 -44.22 13.55 -31.98
N GLN B 263 -44.41 12.30 -31.58
CA GLN B 263 -43.52 11.20 -31.99
C GLN B 263 -43.50 11.01 -33.51
N PRO B 264 -42.31 11.12 -34.12
CA PRO B 264 -42.21 11.03 -35.58
C PRO B 264 -42.52 9.63 -36.10
N LYS B 265 -43.32 9.58 -37.16
CA LYS B 265 -43.69 8.33 -37.83
C LYS B 265 -42.41 7.68 -38.38
N MET B 266 -42.15 6.44 -37.96
CA MET B 266 -40.92 5.75 -38.36
C MET B 266 -41.17 5.02 -39.66
N THR B 267 -41.23 5.76 -40.77
CA THR B 267 -41.52 5.12 -42.05
C THR B 267 -40.27 4.46 -42.63
N ILE B 268 -40.49 3.48 -43.48
CA ILE B 268 -39.44 2.63 -44.01
C ILE B 268 -38.33 3.37 -44.79
N GLU B 269 -38.71 4.23 -45.73
CA GLU B 269 -37.76 5.04 -46.51
C GLU B 269 -36.98 6.00 -45.61
N LYS B 270 -37.65 6.52 -44.57
CA LYS B 270 -36.96 7.28 -43.55
C LYS B 270 -35.86 6.38 -43.04
N LEU B 271 -36.28 5.19 -42.57
CA LEU B 271 -35.39 4.28 -41.84
C LEU B 271 -34.15 3.89 -42.62
N LEU B 272 -34.35 3.57 -43.89
CA LEU B 272 -33.25 3.18 -44.79
C LEU B 272 -32.29 4.32 -45.02
N GLU B 273 -32.84 5.48 -45.36
CA GLU B 273 -32.04 6.67 -45.57
C GLU B 273 -31.17 6.82 -44.33
N TYR B 274 -31.80 6.86 -43.16
CA TYR B 274 -31.05 7.06 -41.90
C TYR B 274 -30.04 5.96 -41.59
N GLY B 275 -30.36 4.74 -42.01
CA GLY B 275 -29.50 3.60 -41.76
C GLY B 275 -28.21 3.64 -42.55
N ASN B 276 -28.28 4.08 -43.80
CA ASN B 276 -27.07 4.18 -44.63
C ASN B 276 -26.23 5.34 -44.14
N MET B 277 -26.91 6.44 -43.91
CA MET B 277 -26.33 7.62 -43.31
C MET B 277 -25.48 7.28 -42.10
N LEU B 278 -25.99 6.43 -41.22
CA LEU B 278 -25.29 6.08 -40.01
C LEU B 278 -24.09 5.18 -40.29
N VAL B 279 -24.28 4.32 -41.29
CA VAL B 279 -23.26 3.39 -41.76
C VAL B 279 -22.12 4.14 -42.43
N GLN B 280 -22.46 5.08 -43.30
CA GLN B 280 -21.43 5.89 -43.93
C GLN B 280 -20.60 6.48 -42.82
N GLU B 281 -21.29 7.14 -41.89
CA GLU B 281 -20.69 7.77 -40.73
C GLU B 281 -19.80 6.79 -39.96
N GLN B 282 -20.34 5.63 -39.60
CA GLN B 282 -19.54 4.58 -38.98
C GLN B 282 -18.25 4.32 -39.76
N GLU B 283 -18.44 3.94 -41.03
CA GLU B 283 -17.36 3.57 -41.94
C GLU B 283 -16.33 4.68 -42.00
N ASN B 284 -16.82 5.89 -41.74
CA ASN B 284 -15.97 7.07 -41.82
C ASN B 284 -15.13 7.26 -40.57
N VAL B 285 -15.72 7.02 -39.39
CA VAL B 285 -14.97 7.10 -38.14
C VAL B 285 -13.86 6.04 -38.14
N LYS B 286 -14.16 4.85 -38.64
CA LYS B 286 -13.16 3.80 -38.79
C LYS B 286 -11.99 4.37 -39.61
N ARG B 287 -12.33 5.10 -40.67
CA ARG B 287 -11.32 5.67 -41.56
C ARG B 287 -10.45 6.70 -40.84
N VAL B 288 -11.08 7.71 -40.26
CA VAL B 288 -10.38 8.75 -39.50
C VAL B 288 -9.64 8.17 -38.25
N GLN B 289 -10.15 7.07 -37.71
CA GLN B 289 -9.51 6.37 -36.58
C GLN B 289 -8.17 5.72 -36.98
N LEU B 290 -8.24 4.82 -37.96
CA LEU B 290 -7.07 4.05 -38.42
C LEU B 290 -6.04 4.91 -39.17
N ALA B 291 -6.50 6.01 -39.76
CA ALA B 291 -5.63 6.91 -40.51
C ALA B 291 -4.97 7.96 -39.61
N ASP B 292 -5.61 8.27 -38.48
CA ASP B 292 -4.99 9.07 -37.42
C ASP B 292 -4.03 8.22 -36.60
N LYS B 293 -4.22 6.90 -36.66
CA LYS B 293 -3.45 5.93 -35.87
C LYS B 293 -2.70 4.96 -36.78
N ASN C 1 -27.57 22.30 -40.89
CA ASN C 1 -28.57 23.24 -41.48
C ASN C 1 -28.57 24.58 -40.76
N LEU C 2 -28.33 24.53 -39.44
CA LEU C 2 -28.29 25.74 -38.59
C LEU C 2 -26.97 26.53 -38.69
N ASP C 3 -27.08 27.86 -38.51
CA ASP C 3 -25.99 28.82 -38.71
C ASP C 3 -24.81 28.64 -37.73
N ASN C 4 -23.65 28.36 -38.33
CA ASN C 4 -22.46 27.87 -37.62
C ASN C 4 -21.27 28.85 -37.57
N LYS C 5 -21.45 30.05 -38.11
CA LYS C 5 -20.42 31.06 -38.04
C LYS C 5 -20.72 31.97 -36.86
N LEU C 6 -19.68 32.45 -36.18
CA LEU C 6 -19.84 33.20 -34.93
C LEU C 6 -18.66 34.15 -34.68
N ASP C 7 -18.92 35.46 -34.65
CA ASP C 7 -17.86 36.42 -34.46
C ASP C 7 -16.62 35.97 -35.23
N GLY C 8 -16.75 35.90 -36.56
CA GLY C 8 -15.64 35.54 -37.46
C GLY C 8 -15.14 34.11 -37.34
N PHE C 9 -15.69 33.39 -36.35
CA PHE C 9 -15.31 32.03 -36.07
C PHE C 9 -16.23 31.01 -36.75
N TYR C 10 -15.67 29.86 -37.06
CA TYR C 10 -16.45 28.84 -37.72
C TYR C 10 -16.72 27.73 -36.71
N ILE C 11 -17.88 27.07 -36.85
CA ILE C 11 -18.19 25.90 -36.04
C ILE C 11 -18.54 24.69 -36.91
N ALA C 12 -17.91 23.55 -36.63
CA ALA C 12 -18.18 22.36 -37.44
C ALA C 12 -19.66 21.99 -37.30
N PRO C 13 -20.44 22.10 -38.39
CA PRO C 13 -21.89 21.95 -38.27
C PRO C 13 -22.32 20.53 -37.84
N ALA C 14 -21.47 19.54 -38.06
CA ALA C 14 -21.72 18.20 -37.49
C ALA C 14 -21.59 18.29 -35.96
N PHE C 15 -20.53 18.96 -35.49
CA PHE C 15 -20.27 19.11 -34.07
C PHE C 15 -21.41 19.90 -33.43
N MET C 16 -21.74 21.03 -34.02
CA MET C 16 -22.90 21.79 -33.57
C MET C 16 -24.21 20.96 -33.40
N ASP C 17 -24.66 20.25 -34.46
CA ASP C 17 -25.97 19.57 -34.41
C ASP C 17 -25.93 18.57 -33.30
N LYS C 18 -24.77 17.94 -33.11
CA LYS C 18 -24.63 16.95 -32.07
C LYS C 18 -24.82 17.59 -30.71
N LEU C 19 -24.10 18.68 -30.45
CA LEU C 19 -24.17 19.29 -29.13
C LEU C 19 -25.47 20.04 -28.88
N VAL C 20 -25.79 20.96 -29.77
CA VAL C 20 -27.05 21.71 -29.69
C VAL C 20 -28.21 20.75 -29.40
N VAL C 21 -28.46 19.81 -30.29
CA VAL C 21 -29.48 18.78 -30.08
C VAL C 21 -29.29 17.95 -28.81
N HIS C 22 -28.06 17.63 -28.43
CA HIS C 22 -27.91 16.84 -27.22
C HIS C 22 -28.47 17.66 -26.12
N ILE C 23 -28.21 18.96 -26.17
CA ILE C 23 -28.60 19.81 -25.08
C ILE C 23 -30.10 19.98 -25.11
N THR C 24 -30.62 20.67 -26.12
CA THR C 24 -32.07 20.94 -26.17
C THR C 24 -32.94 19.69 -25.94
N LYS C 25 -32.40 18.52 -26.25
CA LYS C 25 -33.08 17.26 -26.00
C LYS C 25 -33.36 17.05 -24.53
N ASN C 26 -32.37 17.34 -23.68
CA ASN C 26 -32.48 17.11 -22.22
C ASN C 26 -33.38 18.13 -21.52
N PHE C 27 -33.93 19.07 -22.28
CA PHE C 27 -34.84 20.06 -21.73
C PHE C 27 -36.29 19.72 -22.06
N LEU C 28 -36.44 18.79 -23.00
CA LEU C 28 -37.76 18.40 -23.46
C LEU C 28 -38.23 17.16 -22.72
N LYS C 29 -39.54 16.93 -22.76
CA LYS C 29 -40.10 15.65 -22.39
C LYS C 29 -40.69 15.09 -23.69
N LEU C 30 -39.90 14.29 -24.38
CA LEU C 30 -40.31 13.79 -25.67
C LEU C 30 -40.61 12.28 -25.56
N PRO C 31 -41.65 11.80 -26.28
CA PRO C 31 -42.28 10.54 -25.94
C PRO C 31 -41.45 9.31 -26.34
N ASN C 32 -41.46 8.33 -25.44
CA ASN C 32 -40.94 7.00 -25.75
C ASN C 32 -39.54 7.00 -26.37
N ILE C 33 -38.67 7.81 -25.78
CA ILE C 33 -37.27 7.68 -26.07
C ILE C 33 -36.49 8.01 -24.82
N LYS C 34 -35.56 7.14 -24.46
CA LYS C 34 -34.71 7.42 -23.32
C LYS C 34 -33.57 8.31 -23.81
N VAL C 35 -33.50 9.52 -23.26
CA VAL C 35 -32.57 10.56 -23.68
C VAL C 35 -31.31 10.51 -22.82
N PRO C 36 -30.13 10.43 -23.44
CA PRO C 36 -28.93 10.23 -22.64
C PRO C 36 -28.60 11.57 -22.01
N LEU C 37 -28.29 11.58 -20.71
CA LEU C 37 -28.01 12.82 -20.03
C LEU C 37 -26.66 13.37 -20.41
N ILE C 38 -25.66 12.51 -20.45
CA ILE C 38 -24.31 12.93 -20.70
C ILE C 38 -23.87 12.58 -22.12
N LEU C 39 -23.17 13.51 -22.76
CA LEU C 39 -22.62 13.31 -24.10
C LEU C 39 -21.12 13.43 -23.95
N GLY C 40 -20.43 12.33 -24.19
CA GLY C 40 -18.97 12.29 -24.18
C GLY C 40 -18.40 12.46 -25.57
N ILE C 41 -17.52 13.46 -25.70
CA ILE C 41 -16.94 13.83 -27.00
C ILE C 41 -15.47 13.41 -27.09
N TRP C 42 -15.13 12.64 -28.11
CA TRP C 42 -13.74 12.23 -28.32
C TRP C 42 -13.32 12.39 -29.77
N GLY C 43 -12.03 12.20 -30.04
CA GLY C 43 -11.46 12.44 -31.36
C GLY C 43 -11.23 13.93 -31.62
N GLY C 44 -11.40 14.36 -32.87
CA GLY C 44 -11.09 15.73 -33.30
C GLY C 44 -9.73 16.24 -32.88
N LYS C 45 -8.74 15.35 -32.80
CA LYS C 45 -7.39 15.74 -32.38
C LYS C 45 -6.87 16.88 -33.26
N GLY C 46 -6.16 17.83 -32.64
CA GLY C 46 -5.57 18.93 -33.37
C GLY C 46 -6.60 20.02 -33.57
N GLN C 47 -7.85 19.62 -33.79
CA GLN C 47 -8.93 20.58 -33.91
C GLN C 47 -9.42 20.94 -32.51
N GLY C 48 -9.93 22.15 -32.37
CA GLY C 48 -10.18 22.70 -31.05
C GLY C 48 -11.47 22.16 -30.48
N LYS C 49 -11.43 20.89 -30.07
CA LYS C 49 -12.60 20.17 -29.60
C LYS C 49 -13.25 20.88 -28.40
N SER C 50 -12.45 21.20 -27.40
CA SER C 50 -12.92 22.07 -26.30
C SER C 50 -13.34 23.43 -26.84
N PHE C 51 -12.60 23.98 -27.80
CA PHE C 51 -12.94 25.28 -28.33
C PHE C 51 -14.26 25.27 -29.10
N GLN C 52 -14.51 24.16 -29.78
CA GLN C 52 -15.76 23.98 -30.47
C GLN C 52 -16.91 24.03 -29.47
N CYS C 53 -16.72 23.40 -28.31
CA CYS C 53 -17.73 23.40 -27.27
C CYS C 53 -18.06 24.82 -26.84
N GLU C 54 -17.05 25.52 -26.33
CA GLU C 54 -17.12 26.94 -26.02
C GLU C 54 -17.90 27.73 -27.09
N LEU C 55 -17.47 27.61 -28.35
CA LEU C 55 -18.17 28.17 -29.51
C LEU C 55 -19.68 27.87 -29.51
N VAL C 56 -20.02 26.59 -29.44
CA VAL C 56 -21.40 26.23 -29.40
C VAL C 56 -22.05 26.91 -28.20
N PHE C 57 -21.48 26.74 -27.00
CA PHE C 57 -22.13 27.29 -25.79
C PHE C 57 -22.46 28.78 -25.94
N ARG C 58 -21.47 29.56 -26.40
CA ARG C 58 -21.67 30.99 -26.58
C ARG C 58 -22.84 31.17 -27.53
N LYS C 59 -22.86 30.41 -28.62
CA LYS C 59 -23.89 30.56 -29.62
C LYS C 59 -25.32 30.40 -29.07
N MET C 60 -25.47 29.75 -27.91
CA MET C 60 -26.78 29.61 -27.26
C MET C 60 -26.87 30.53 -26.05
N GLY C 61 -25.74 31.12 -25.70
CA GLY C 61 -25.66 31.90 -24.48
C GLY C 61 -25.73 30.99 -23.28
N ILE C 62 -24.97 29.90 -23.30
CA ILE C 62 -24.79 29.12 -22.10
C ILE C 62 -23.42 29.48 -21.51
N ASN C 63 -23.42 29.84 -20.23
CA ASN C 63 -22.20 29.93 -19.46
C ASN C 63 -22.10 28.62 -18.74
N PRO C 64 -21.35 27.67 -19.33
CA PRO C 64 -21.43 26.34 -18.78
C PRO C 64 -20.77 26.40 -17.41
N ILE C 65 -21.07 25.43 -16.57
CA ILE C 65 -20.27 25.25 -15.39
C ILE C 65 -19.09 24.37 -15.80
N MET C 66 -17.94 25.02 -15.90
CA MET C 66 -16.69 24.38 -16.25
C MET C 66 -16.17 23.51 -15.12
N MET C 67 -15.32 22.57 -15.50
CA MET C 67 -14.50 21.81 -14.57
C MET C 67 -13.23 21.40 -15.32
N SER C 68 -12.13 21.29 -14.60
CA SER C 68 -10.93 20.70 -15.18
C SER C 68 -10.77 19.25 -14.71
N ALA C 69 -10.01 18.48 -15.48
CA ALA C 69 -9.54 17.17 -15.04
C ALA C 69 -8.58 17.26 -13.84
N GLY C 70 -7.63 18.19 -13.89
CA GLY C 70 -6.65 18.37 -12.82
C GLY C 70 -7.31 18.72 -11.50
N GLU C 71 -8.52 19.27 -11.61
CA GLU C 71 -9.37 19.60 -10.47
C GLU C 71 -10.02 18.33 -9.88
N LEU C 72 -10.46 17.43 -10.77
CA LEU C 72 -11.07 16.14 -10.40
C LEU C 72 -10.05 15.08 -9.93
N GLU C 73 -8.77 15.44 -10.02
CA GLU C 73 -7.72 14.66 -9.39
C GLU C 73 -7.59 15.10 -7.92
N SER C 74 -7.23 16.37 -7.71
CA SER C 74 -7.08 16.93 -6.36
C SER C 74 -8.24 17.87 -6.01
N GLY C 78 -11.87 13.92 -1.08
CA GLY C 78 -13.09 14.72 -1.02
C GLY C 78 -13.47 15.30 -2.36
N GLU C 79 -12.53 16.03 -2.96
CA GLU C 79 -12.75 16.77 -4.22
C GLU C 79 -13.39 15.96 -5.38
N PRO C 80 -12.85 14.76 -5.70
CA PRO C 80 -13.35 14.02 -6.89
C PRO C 80 -14.87 13.78 -6.93
N ALA C 81 -15.43 13.14 -5.90
CA ALA C 81 -16.87 12.93 -5.81
C ALA C 81 -17.58 14.28 -5.64
N LYS C 82 -17.47 14.85 -4.43
CA LYS C 82 -18.14 16.09 -4.07
C LYS C 82 -18.25 17.11 -5.21
N LEU C 83 -17.10 17.61 -5.68
CA LEU C 83 -17.07 18.74 -6.62
C LEU C 83 -17.91 18.55 -7.88
N ILE C 84 -18.25 17.30 -8.19
CA ILE C 84 -19.14 16.97 -9.31
C ILE C 84 -20.57 17.34 -8.92
N ARG C 85 -21.04 16.71 -7.84
CA ARG C 85 -22.34 16.99 -7.26
C ARG C 85 -22.56 18.50 -7.15
N GLN C 86 -21.61 19.21 -6.53
CA GLN C 86 -21.67 20.65 -6.33
C GLN C 86 -21.65 21.45 -7.64
N ARG C 87 -20.79 21.05 -8.60
CA ARG C 87 -20.72 21.73 -9.90
C ARG C 87 -21.96 21.40 -10.77
N TYR C 88 -22.56 20.23 -10.53
CA TYR C 88 -23.87 19.92 -11.12
C TYR C 88 -24.92 20.87 -10.56
N ARG C 89 -24.98 20.93 -9.22
CA ARG C 89 -26.01 21.67 -8.49
C ARG C 89 -25.94 23.15 -8.84
N GLU C 90 -24.70 23.63 -8.98
CA GLU C 90 -24.43 25.00 -9.35
C GLU C 90 -25.08 25.33 -10.70
N ALA C 91 -24.83 24.48 -11.70
CA ALA C 91 -25.42 24.60 -13.03
C ALA C 91 -26.94 24.49 -12.95
N ALA C 92 -27.38 23.48 -12.19
CA ALA C 92 -28.80 23.21 -12.02
C ALA C 92 -29.53 24.41 -11.44
N GLU C 93 -28.96 25.04 -10.43
CA GLU C 93 -29.54 26.24 -9.84
C GLU C 93 -29.57 27.41 -10.82
N ILE C 94 -28.61 27.46 -11.73
CA ILE C 94 -28.66 28.42 -12.84
C ILE C 94 -29.88 28.10 -13.66
N ILE C 95 -29.89 26.92 -14.30
CA ILE C 95 -31.05 26.43 -15.03
C ILE C 95 -32.35 26.59 -14.21
N ARG C 96 -32.30 26.27 -12.92
CA ARG C 96 -33.50 26.30 -12.08
C ARG C 96 -33.88 27.70 -11.55
N LYS C 97 -33.06 28.70 -11.86
CA LYS C 97 -33.53 30.08 -11.83
C LYS C 97 -34.11 30.33 -13.23
N GLY C 98 -33.35 30.00 -14.27
CA GLY C 98 -33.81 30.18 -15.66
C GLY C 98 -32.63 30.29 -16.61
N ASN C 99 -32.91 30.43 -17.91
CA ASN C 99 -31.87 30.42 -18.96
C ASN C 99 -31.13 29.09 -19.04
N MET C 100 -30.77 28.66 -20.23
CA MET C 100 -30.15 27.33 -20.37
C MET C 100 -28.76 27.27 -19.72
N CYS C 101 -28.47 26.14 -19.09
CA CYS C 101 -27.12 25.83 -18.59
C CYS C 101 -26.78 24.35 -18.77
N CYS C 102 -25.49 24.03 -18.76
CA CYS C 102 -25.08 22.65 -18.70
C CYS C 102 -23.79 22.52 -17.93
N LEU C 103 -23.57 21.35 -17.33
CA LEU C 103 -22.28 21.03 -16.73
C LEU C 103 -21.30 20.52 -17.80
N PHE C 104 -20.31 21.35 -18.12
CA PHE C 104 -19.27 21.00 -19.07
C PHE C 104 -18.01 20.50 -18.40
N ILE C 105 -17.89 19.19 -18.23
CA ILE C 105 -16.68 18.59 -17.68
C ILE C 105 -15.66 18.41 -18.81
N ASN C 106 -14.40 18.75 -18.56
CA ASN C 106 -13.41 18.78 -19.65
C ASN C 106 -12.04 18.09 -19.49
N ASP C 107 -11.77 17.16 -20.42
CA ASP C 107 -10.49 16.44 -20.57
C ASP C 107 -10.26 15.29 -19.62
N LEU C 108 -9.62 14.22 -20.13
CA LEU C 108 -9.25 13.03 -19.34
C LEU C 108 -8.22 12.12 -20.06
N ASP C 109 -7.01 11.99 -19.49
CA ASP C 109 -6.01 10.97 -19.89
C ASP C 109 -4.83 10.75 -18.92
N ASN C 124 -10.35 6.61 -7.28
CA ASN C 124 -10.44 7.90 -7.96
C ASN C 124 -11.33 7.83 -9.20
N ASN C 125 -10.90 7.06 -10.20
CA ASN C 125 -11.69 6.88 -11.42
C ASN C 125 -12.87 5.92 -11.23
N GLN C 126 -12.67 4.90 -10.41
CA GLN C 126 -13.77 4.02 -10.00
C GLN C 126 -14.93 4.88 -9.49
N MET C 127 -14.59 5.86 -8.64
CA MET C 127 -15.55 6.81 -8.07
C MET C 127 -16.11 7.78 -9.13
N VAL C 128 -15.24 8.54 -9.79
CA VAL C 128 -15.67 9.53 -10.78
C VAL C 128 -16.74 8.95 -11.73
N ASN C 129 -16.49 7.73 -12.22
CA ASN C 129 -17.51 6.90 -12.85
C ASN C 129 -18.75 6.78 -11.96
N ALA C 130 -18.59 6.15 -10.80
CA ALA C 130 -19.71 5.80 -9.91
C ALA C 130 -20.63 6.97 -9.55
N THR C 131 -20.05 8.16 -9.40
CA THR C 131 -20.81 9.37 -9.12
C THR C 131 -21.64 9.74 -10.33
N LEU C 132 -21.05 9.55 -11.52
CA LEU C 132 -21.79 9.66 -12.77
C LEU C 132 -22.99 8.71 -12.83
N MET C 133 -22.76 7.43 -12.49
CA MET C 133 -23.81 6.42 -12.54
C MET C 133 -25.00 6.75 -11.64
N ASN C 134 -24.73 7.14 -10.40
CA ASN C 134 -25.79 7.48 -9.44
C ASN C 134 -26.51 8.79 -9.84
N ILE C 135 -25.77 9.68 -10.49
CA ILE C 135 -26.32 10.96 -10.91
C ILE C 135 -27.12 10.79 -12.21
N ALA C 136 -26.75 9.80 -13.00
CA ALA C 136 -27.43 9.48 -14.25
C ALA C 136 -28.79 8.84 -14.00
N ASP C 137 -28.93 8.21 -12.83
CA ASP C 137 -30.13 7.46 -12.49
C ASP C 137 -31.35 8.35 -12.21
N ASN C 138 -31.12 9.53 -11.62
CA ASN C 138 -32.13 10.60 -11.63
C ASN C 138 -31.54 11.99 -11.32
N PRO C 139 -32.38 13.06 -11.28
CA PRO C 139 -31.87 14.34 -10.85
C PRO C 139 -31.33 14.27 -9.40
N THR C 140 -32.18 14.47 -8.38
CA THR C 140 -31.81 14.30 -6.95
C THR C 140 -30.49 14.94 -6.52
N GLU C 152 -35.93 18.84 -3.43
CA GLU C 152 -35.78 19.69 -4.75
C GLU C 152 -34.63 19.12 -5.58
N ASN C 153 -34.78 19.09 -6.92
CA ASN C 153 -33.75 18.55 -7.87
C ASN C 153 -33.50 19.46 -9.10
N ALA C 154 -33.14 18.86 -10.24
CA ALA C 154 -33.08 19.54 -11.55
C ALA C 154 -32.47 18.67 -12.67
N ARG C 155 -32.76 19.01 -13.92
CA ARG C 155 -32.34 18.21 -15.09
C ARG C 155 -31.22 18.90 -15.87
N VAL C 156 -29.97 18.45 -15.69
CA VAL C 156 -28.83 19.16 -16.32
C VAL C 156 -27.97 18.28 -17.24
N PRO C 157 -27.88 18.68 -18.54
CA PRO C 157 -27.14 17.86 -19.51
C PRO C 157 -25.64 17.98 -19.28
N ILE C 158 -24.99 16.88 -18.97
CA ILE C 158 -23.54 16.89 -18.87
C ILE C 158 -22.86 16.63 -20.19
N ILE C 159 -21.86 17.45 -20.47
CA ILE C 159 -20.99 17.31 -21.63
C ILE C 159 -19.55 17.01 -21.18
N VAL C 160 -18.96 15.93 -21.68
CA VAL C 160 -17.57 15.60 -21.33
C VAL C 160 -16.65 15.40 -22.53
N THR C 161 -15.38 15.76 -22.36
CA THR C 161 -14.35 15.62 -23.37
C THR C 161 -13.18 14.79 -22.86
N GLY C 162 -12.55 14.05 -23.77
CA GLY C 162 -11.42 13.19 -23.42
C GLY C 162 -10.70 12.74 -24.67
N ASN C 163 -9.93 11.66 -24.58
CA ASN C 163 -9.27 11.08 -25.76
C ASN C 163 -10.03 9.88 -26.30
N ASP C 164 -10.14 8.84 -25.47
CA ASP C 164 -11.07 7.73 -25.69
C ASP C 164 -11.63 7.32 -24.34
N PHE C 165 -12.96 7.34 -24.26
CA PHE C 165 -13.69 7.03 -23.02
C PHE C 165 -13.60 5.54 -22.63
N SER C 166 -12.51 5.21 -21.92
CA SER C 166 -12.24 3.85 -21.49
C SER C 166 -12.81 3.61 -20.08
N THR C 167 -13.39 2.42 -19.92
CA THR C 167 -13.82 1.91 -18.60
C THR C 167 -14.45 2.95 -17.69
N ALA C 170 -16.84 4.94 -18.77
CA ALA C 170 -18.06 5.00 -19.59
C ALA C 170 -18.83 3.67 -19.86
N PRO C 171 -18.15 2.56 -20.26
CA PRO C 171 -18.76 1.24 -20.54
C PRO C 171 -20.13 0.88 -19.89
N LEU C 172 -20.28 1.04 -18.58
CA LEU C 172 -21.55 0.75 -17.90
C LEU C 172 -22.62 1.85 -18.12
N ILE C 173 -22.17 3.09 -18.35
CA ILE C 173 -23.09 4.21 -18.62
C ILE C 173 -23.23 4.52 -20.12
N ARG C 174 -22.34 3.96 -20.95
CA ARG C 174 -22.57 3.92 -22.38
C ARG C 174 -23.70 2.90 -22.57
N ASP C 175 -23.47 1.65 -22.13
CA ASP C 175 -24.55 0.65 -22.12
C ASP C 175 -25.85 1.24 -21.53
N GLY C 176 -25.72 1.93 -20.40
CA GLY C 176 -26.85 2.55 -19.70
C GLY C 176 -27.38 3.83 -20.36
N ARG C 177 -26.71 4.96 -20.11
CA ARG C 177 -27.33 6.29 -20.24
C ARG C 177 -26.40 7.45 -20.67
N MET C 178 -25.47 7.15 -21.57
CA MET C 178 -24.52 8.16 -22.07
C MET C 178 -24.25 7.94 -23.56
N GLU C 179 -23.80 8.98 -24.26
CA GLU C 179 -23.47 8.85 -25.68
C GLU C 179 -22.01 9.18 -26.05
N LYS C 180 -21.28 8.22 -26.60
CA LYS C 180 -19.95 8.51 -27.11
C LYS C 180 -20.11 9.22 -28.47
N PHE C 181 -19.25 10.17 -28.75
CA PHE C 181 -19.34 10.85 -30.03
C PHE C 181 -17.96 11.12 -30.55
N TYR C 182 -17.58 10.35 -31.55
CA TYR C 182 -16.31 10.59 -32.18
C TYR C 182 -16.51 11.70 -33.19
N TRP C 183 -15.72 12.76 -33.04
CA TRP C 183 -15.79 13.88 -33.96
C TRP C 183 -14.71 13.67 -35.00
N ALA C 184 -15.15 13.37 -36.22
CA ALA C 184 -14.24 13.25 -37.35
C ALA C 184 -14.35 14.54 -38.14
N PRO C 185 -13.45 15.51 -37.88
CA PRO C 185 -13.56 16.77 -38.61
C PRO C 185 -13.33 16.54 -40.11
N THR C 186 -3.82 17.12 -45.18
CA THR C 186 -3.15 17.39 -46.46
C THR C 186 -2.04 18.38 -46.27
N ARG C 187 -1.29 18.60 -47.35
CA ARG C 187 -0.47 19.80 -47.48
C ARG C 187 -1.38 21.04 -47.48
N GLU C 188 -2.51 20.91 -48.19
CA GLU C 188 -3.54 21.94 -48.17
C GLU C 188 -3.93 22.33 -46.76
N ASP C 189 -4.22 21.34 -45.92
CA ASP C 189 -4.58 21.61 -44.52
C ASP C 189 -3.48 22.35 -43.75
N ARG C 190 -2.22 22.01 -44.04
CA ARG C 190 -1.07 22.67 -43.35
C ARG C 190 -0.95 24.14 -43.73
N ILE C 191 -0.92 24.41 -45.05
CA ILE C 191 -1.04 25.77 -45.57
C ILE C 191 -2.21 26.53 -44.96
N GLY C 192 -3.36 25.88 -44.83
CA GLY C 192 -4.52 26.54 -44.27
C GLY C 192 -4.29 26.90 -42.81
N VAL C 193 -3.82 25.92 -42.04
CA VAL C 193 -3.62 26.14 -40.63
C VAL C 193 -2.57 27.23 -40.50
N CYS C 194 -1.59 27.18 -41.40
CA CYS C 194 -0.52 28.13 -41.38
C CYS C 194 -0.96 29.55 -41.76
N THR C 195 -1.89 29.69 -42.70
CA THR C 195 -2.39 31.02 -43.03
C THR C 195 -3.04 31.57 -41.78
N GLY C 196 -3.68 30.68 -41.02
CA GLY C 196 -4.34 31.09 -39.79
C GLY C 196 -3.39 31.88 -38.91
N ILE C 197 -2.25 31.27 -38.63
CA ILE C 197 -1.22 31.85 -37.78
C ILE C 197 -0.79 33.24 -38.22
N PHE C 198 -0.86 33.55 -39.52
CA PHE C 198 -0.37 34.84 -40.00
C PHE C 198 -1.41 35.83 -40.53
N ARG C 199 -2.69 35.59 -40.25
CA ARG C 199 -3.76 36.43 -40.80
C ARG C 199 -3.53 37.90 -40.49
N THR C 200 -3.29 38.11 -39.22
CA THR C 200 -2.95 39.38 -38.66
C THR C 200 -1.94 40.19 -39.48
N ASP C 201 -0.97 39.54 -40.12
CA ASP C 201 0.12 40.34 -40.69
C ASP C 201 0.14 40.33 -42.20
N ASN C 202 -1.08 40.24 -42.73
CA ASN C 202 -1.36 40.46 -44.14
C ASN C 202 -0.26 39.90 -45.03
N VAL C 203 -0.13 38.58 -45.05
CA VAL C 203 0.96 37.93 -45.76
C VAL C 203 0.42 37.20 -46.96
N PRO C 204 0.99 37.47 -48.15
CA PRO C 204 0.66 36.76 -49.39
C PRO C 204 0.40 35.25 -49.18
N ALA C 205 -0.66 34.74 -49.82
CA ALA C 205 -0.94 33.32 -49.84
C ALA C 205 0.28 32.60 -50.41
N GLU C 206 0.95 33.29 -51.34
CA GLU C 206 2.26 32.88 -51.87
C GLU C 206 3.29 32.62 -50.77
N ASP C 207 3.50 33.64 -49.93
CA ASP C 207 4.47 33.58 -48.85
C ASP C 207 4.24 32.37 -47.97
N VAL C 208 2.99 32.18 -47.56
CA VAL C 208 2.60 31.06 -46.70
C VAL C 208 2.94 29.71 -47.38
N VAL C 209 2.69 29.64 -48.69
CA VAL C 209 3.00 28.43 -49.42
C VAL C 209 4.51 28.13 -49.46
N LYS C 210 5.34 29.17 -49.52
CA LYS C 210 6.78 28.97 -49.71
C LYS C 210 7.41 28.35 -48.47
N ILE C 211 6.97 28.85 -47.31
CA ILE C 211 7.58 28.51 -46.01
C ILE C 211 7.14 27.13 -45.58
N VAL C 212 5.85 26.86 -45.70
CA VAL C 212 5.30 25.55 -45.39
C VAL C 212 6.04 24.52 -46.24
N ASP C 213 6.24 24.84 -47.51
CA ASP C 213 6.94 23.93 -48.37
C ASP C 213 8.36 23.88 -47.89
N ASN C 214 8.89 25.01 -47.46
CA ASN C 214 10.29 25.07 -47.13
C ASN C 214 10.62 24.33 -45.85
N PHE C 215 9.59 24.01 -45.06
CA PHE C 215 9.77 23.51 -43.69
C PHE C 215 8.92 22.29 -43.38
N PRO C 216 9.14 21.21 -44.14
CA PRO C 216 8.24 20.07 -44.06
C PRO C 216 8.43 19.26 -42.77
N GLY C 217 7.42 18.48 -42.42
CA GLY C 217 7.38 17.80 -41.12
C GLY C 217 7.80 18.71 -39.97
N GLN C 218 7.13 19.87 -39.85
CA GLN C 218 7.27 20.80 -38.71
C GLN C 218 5.86 21.03 -38.22
N SER C 219 5.68 21.13 -36.91
CA SER C 219 4.34 21.28 -36.35
C SER C 219 3.73 22.64 -36.65
N ILE C 220 2.53 22.87 -36.14
CA ILE C 220 2.01 24.21 -36.20
C ILE C 220 2.71 25.02 -35.13
N ASP C 221 3.12 24.36 -34.05
CA ASP C 221 3.91 24.98 -33.00
C ASP C 221 5.14 25.64 -33.61
N PHE C 222 5.81 24.94 -34.51
CA PHE C 222 6.92 25.51 -35.27
C PHE C 222 6.60 26.94 -35.78
N PHE C 223 5.50 27.08 -36.51
CA PHE C 223 5.19 28.37 -37.13
C PHE C 223 4.78 29.46 -36.15
N GLY C 224 4.05 29.08 -35.11
CA GLY C 224 3.75 30.00 -34.04
C GLY C 224 5.06 30.58 -33.52
N ALA C 225 5.91 29.68 -33.02
CA ALA C 225 7.32 29.96 -32.63
C ALA C 225 8.08 30.86 -33.60
N LEU C 226 7.90 30.61 -34.89
CA LEU C 226 8.60 31.39 -35.87
C LEU C 226 8.09 32.82 -35.82
N ARG C 227 6.78 33.00 -35.97
CA ARG C 227 6.18 34.31 -35.87
C ARG C 227 6.54 35.03 -34.56
N ALA C 228 6.54 34.31 -33.44
CA ALA C 228 6.89 34.89 -32.14
C ALA C 228 8.37 35.34 -32.10
N ARG C 229 9.20 34.65 -32.88
CA ARG C 229 10.63 34.90 -32.87
C ARG C 229 10.97 36.24 -33.52
N VAL C 230 10.02 36.73 -34.32
CA VAL C 230 10.21 37.97 -35.06
C VAL C 230 9.90 39.15 -34.16
N TYR C 231 8.73 39.08 -33.53
CA TYR C 231 8.43 39.94 -32.41
C TYR C 231 9.59 39.96 -31.40
N ASP C 232 9.97 38.80 -30.86
CA ASP C 232 11.06 38.76 -29.89
C ASP C 232 12.19 39.69 -30.30
N ASP C 233 12.78 39.40 -31.45
CA ASP C 233 13.91 40.14 -31.98
C ASP C 233 13.75 41.65 -31.93
N GLU C 234 12.57 42.13 -32.32
CA GLU C 234 12.25 43.57 -32.25
C GLU C 234 12.43 44.09 -30.81
N VAL C 235 11.77 43.47 -29.84
CA VAL C 235 11.94 43.81 -28.42
C VAL C 235 13.44 43.80 -28.00
N ARG C 236 14.16 42.75 -28.40
CA ARG C 236 15.60 42.63 -28.15
C ARG C 236 16.37 43.84 -28.67
N LYS C 237 15.98 44.32 -29.85
CA LYS C 237 16.56 45.53 -30.43
C LYS C 237 16.18 46.74 -29.58
N TRP C 238 14.90 46.84 -29.22
CA TRP C 238 14.46 47.92 -28.35
C TRP C 238 15.27 47.91 -27.06
N VAL C 239 15.20 46.80 -26.33
CA VAL C 239 15.98 46.64 -25.08
C VAL C 239 17.44 47.10 -25.21
N SER C 240 18.18 46.39 -26.07
CA SER C 240 19.59 46.66 -26.35
C SER C 240 19.78 48.13 -26.69
N GLY C 241 18.90 48.61 -27.57
CA GLY C 241 18.94 50.01 -28.01
C GLY C 241 18.73 50.96 -26.84
N THR C 242 17.54 50.93 -26.26
CA THR C 242 17.15 51.94 -25.28
C THR C 242 17.41 51.49 -23.85
N GLY C 243 18.71 51.30 -23.57
CA GLY C 243 19.26 51.15 -22.22
C GLY C 243 18.72 50.00 -21.42
N ILE C 244 19.49 48.91 -21.35
CA ILE C 244 19.13 47.82 -20.44
C ILE C 244 18.91 48.32 -19.00
N GLU C 245 19.82 49.18 -18.51
CA GLU C 245 19.72 49.79 -17.18
C GLU C 245 18.44 50.63 -16.95
N LYS C 246 18.10 51.48 -17.92
CA LYS C 246 16.93 52.39 -17.85
C LYS C 246 15.71 51.88 -18.63
N ILE C 247 15.29 50.64 -18.37
CA ILE C 247 14.14 50.03 -19.07
C ILE C 247 12.88 49.99 -18.22
N GLY C 248 12.97 49.43 -17.01
CA GLY C 248 11.83 49.35 -16.08
C GLY C 248 11.08 50.66 -15.92
N ASP C 249 11.81 51.78 -16.01
CA ASP C 249 11.22 53.11 -16.01
C ASP C 249 10.48 53.45 -17.27
N LYS C 250 11.16 53.34 -18.43
CA LYS C 250 10.54 53.70 -19.72
C LYS C 250 9.36 52.79 -19.92
N LEU C 251 9.38 51.70 -19.20
CA LEU C 251 8.39 50.64 -19.32
C LEU C 251 7.27 50.79 -18.30
N LEU C 252 7.55 51.48 -17.21
CA LEU C 252 6.62 51.55 -16.09
C LEU C 252 6.41 52.97 -15.55
N ASN C 253 7.42 53.50 -14.85
CA ASN C 253 7.29 54.79 -14.18
C ASN C 253 7.42 55.97 -15.13
N SER C 254 6.90 55.79 -16.33
CA SER C 254 6.78 56.84 -17.32
C SER C 254 5.30 57.27 -17.45
N PHE C 255 5.09 58.52 -17.83
CA PHE C 255 3.73 59.05 -17.97
C PHE C 255 3.10 58.72 -19.33
N ASP C 256 3.93 58.47 -20.35
CA ASP C 256 3.44 58.18 -21.71
C ASP C 256 3.10 56.70 -21.88
N GLY C 257 3.19 55.95 -20.78
CA GLY C 257 2.97 54.50 -20.80
C GLY C 257 4.17 53.71 -21.29
N PRO C 258 4.04 52.37 -21.32
CA PRO C 258 4.94 51.52 -22.10
C PRO C 258 4.97 52.04 -23.53
N PRO C 259 6.14 51.95 -24.19
CA PRO C 259 6.34 52.47 -25.54
C PRO C 259 5.67 51.64 -26.65
N THR C 260 4.36 51.41 -26.55
CA THR C 260 3.53 50.89 -27.65
C THR C 260 4.25 50.52 -28.95
N PHE C 261 4.35 49.21 -29.20
CA PHE C 261 5.10 48.68 -30.33
C PHE C 261 4.30 48.53 -31.65
N GLU C 262 4.96 48.78 -32.78
CA GLU C 262 4.34 48.56 -34.10
C GLU C 262 4.59 47.14 -34.54
N GLN C 263 3.54 46.47 -35.01
CA GLN C 263 3.63 45.08 -35.45
C GLN C 263 4.60 44.91 -36.64
N PRO C 264 5.64 44.08 -36.47
CA PRO C 264 6.65 43.92 -37.52
C PRO C 264 6.11 43.23 -38.77
N LYS C 265 6.45 43.81 -39.92
CA LYS C 265 6.06 43.26 -41.22
C LYS C 265 6.68 41.86 -41.36
N MET C 266 5.83 40.86 -41.59
CA MET C 266 6.30 39.48 -41.67
C MET C 266 6.69 39.16 -43.09
N THR C 267 7.84 39.68 -43.53
CA THR C 267 8.25 39.46 -44.91
C THR C 267 8.87 38.08 -45.10
N ILE C 268 8.82 37.60 -46.32
CA ILE C 268 9.22 36.24 -46.67
C ILE C 268 10.68 35.87 -46.32
N GLU C 269 11.62 36.72 -46.73
CA GLU C 269 13.05 36.52 -46.42
C GLU C 269 13.31 36.58 -44.92
N LYS C 270 12.56 37.43 -44.21
CA LYS C 270 12.59 37.42 -42.76
C LYS C 270 12.25 36.00 -42.36
N LEU C 271 11.08 35.55 -42.83
CA LEU C 271 10.48 34.29 -42.38
C LEU C 271 11.39 33.09 -42.57
N LEU C 272 12.01 33.01 -43.75
CA LEU C 272 12.92 31.91 -44.08
C LEU C 272 14.15 31.94 -43.20
N GLU C 273 14.77 33.11 -43.09
CA GLU C 273 15.94 33.27 -42.26
C GLU C 273 15.57 32.73 -40.90
N TYR C 274 14.48 33.25 -40.32
CA TYR C 274 14.06 32.83 -38.97
C TYR C 274 13.71 31.34 -38.85
N GLY C 275 13.19 30.78 -39.93
CA GLY C 275 12.79 29.40 -39.95
C GLY C 275 13.96 28.43 -39.90
N ASN C 276 15.04 28.76 -40.60
CA ASN C 276 16.23 27.89 -40.59
C ASN C 276 16.92 28.03 -39.24
N MET C 277 17.05 29.27 -38.82
CA MET C 277 17.54 29.60 -37.51
C MET C 277 16.91 28.76 -36.41
N LEU C 278 15.59 28.60 -36.47
CA LEU C 278 14.88 27.85 -35.46
C LEU C 278 15.14 26.35 -35.58
N VAL C 279 15.28 25.92 -36.83
CA VAL C 279 15.56 24.53 -37.18
C VAL C 279 16.97 24.15 -36.74
N GLN C 280 17.93 25.02 -37.03
CA GLN C 280 19.30 24.75 -36.60
C GLN C 280 19.23 24.54 -35.09
N GLU C 281 18.62 25.50 -34.40
CA GLU C 281 18.43 25.46 -32.97
C GLU C 281 17.78 24.17 -32.53
N GLN C 282 16.65 23.81 -33.12
CA GLN C 282 16.01 22.52 -32.85
C GLN C 282 17.00 21.38 -32.96
N GLU C 283 17.59 21.26 -34.14
CA GLU C 283 18.53 20.19 -34.49
C GLU C 283 19.65 20.14 -33.48
N ASN C 284 19.91 21.30 -32.88
CA ASN C 284 21.00 21.43 -31.94
C ASN C 284 20.63 20.94 -30.55
N VAL C 285 19.41 21.24 -30.11
CA VAL C 285 18.92 20.73 -28.83
C VAL C 285 18.85 19.21 -28.85
N LYS C 286 18.41 18.64 -29.99
CA LYS C 286 18.41 17.20 -30.17
C LYS C 286 19.82 16.68 -29.92
N ARG C 287 20.82 17.40 -30.46
CA ARG C 287 22.23 17.00 -30.33
C ARG C 287 22.68 17.02 -28.88
N VAL C 288 22.54 18.17 -28.22
CA VAL C 288 22.90 18.33 -26.82
C VAL C 288 22.06 17.41 -25.88
N GLN C 289 20.83 17.08 -26.30
CA GLN C 289 19.98 16.14 -25.56
C GLN C 289 20.52 14.71 -25.56
N LEU C 290 20.67 14.15 -26.77
CA LEU C 290 21.11 12.76 -26.96
C LEU C 290 22.57 12.55 -26.58
N ALA C 291 23.39 13.60 -26.64
CA ALA C 291 24.80 13.52 -26.31
C ALA C 291 25.06 13.72 -24.82
N ASP C 292 24.14 14.42 -24.13
CA ASP C 292 24.14 14.49 -22.66
C ASP C 292 23.54 13.21 -22.07
N LYS C 293 22.77 12.49 -22.90
CA LYS C 293 22.05 11.28 -22.49
C LYS C 293 22.50 10.07 -23.30
N ASN D 1 23.32 40.17 -28.70
CA ASN D 1 23.78 41.54 -29.08
C ASN D 1 24.01 42.43 -27.86
N LEU D 2 23.18 42.24 -26.83
CA LEU D 2 23.26 43.00 -25.56
C LEU D 2 24.37 42.51 -24.62
N ASP D 3 24.92 43.47 -23.84
CA ASP D 3 26.10 43.27 -22.98
C ASP D 3 25.87 42.28 -21.83
N ASN D 4 26.67 41.21 -21.87
CA ASN D 4 26.46 39.99 -21.07
C ASN D 4 27.51 39.73 -19.97
N LYS D 5 28.46 40.65 -19.83
CA LYS D 5 29.44 40.53 -18.77
C LYS D 5 28.97 41.37 -17.59
N LEU D 6 29.25 40.90 -16.37
CA LEU D 6 28.72 41.53 -15.15
C LEU D 6 29.61 41.26 -13.94
N ASP D 7 30.18 42.31 -13.36
CA ASP D 7 31.07 42.14 -12.21
C ASP D 7 31.93 40.90 -12.44
N GLY D 8 32.76 40.94 -13.48
CA GLY D 8 33.71 39.86 -13.80
C GLY D 8 33.06 38.55 -14.24
N PHE D 9 31.74 38.51 -14.16
CA PHE D 9 30.97 37.33 -14.49
C PHE D 9 30.46 37.35 -15.92
N TYR D 10 30.31 36.17 -16.50
CA TYR D 10 29.84 36.09 -17.86
C TYR D 10 28.41 35.58 -17.86
N ILE D 11 27.61 36.01 -18.82
CA ILE D 11 26.26 35.50 -18.99
C ILE D 11 26.04 34.95 -20.41
N ALA D 12 25.52 33.74 -20.53
CA ALA D 12 25.30 33.15 -21.84
C ALA D 12 24.31 34.04 -22.62
N PRO D 13 24.77 34.68 -23.71
CA PRO D 13 23.93 35.68 -24.37
C PRO D 13 22.66 35.09 -25.00
N ALA D 14 22.66 33.79 -25.28
CA ALA D 14 21.42 33.11 -25.68
C ALA D 14 20.46 33.08 -24.48
N PHE D 15 20.99 32.72 -23.30
CA PHE D 15 20.20 32.64 -22.09
C PHE D 15 19.66 34.03 -21.74
N MET D 16 20.53 35.02 -21.72
CA MET D 16 20.10 36.39 -21.54
C MET D 16 18.91 36.83 -22.46
N ASP D 17 19.06 36.71 -23.79
CA ASP D 17 18.05 37.25 -24.72
C ASP D 17 16.74 36.58 -24.43
N LYS D 18 16.81 35.29 -24.09
CA LYS D 18 15.61 34.54 -23.79
C LYS D 18 14.92 35.12 -22.57
N LEU D 19 15.67 35.29 -21.48
CA LEU D 19 15.05 35.76 -20.25
C LEU D 19 14.69 37.23 -20.28
N VAL D 20 15.66 38.08 -20.59
CA VAL D 20 15.44 39.52 -20.73
C VAL D 20 14.16 39.78 -21.55
N VAL D 21 14.15 39.33 -22.80
CA VAL D 21 12.97 39.43 -23.65
C VAL D 21 11.72 38.76 -23.09
N HIS D 22 11.86 37.62 -22.40
CA HIS D 22 10.65 37.00 -21.88
C HIS D 22 10.07 37.98 -20.92
N ILE D 23 10.94 38.63 -20.16
CA ILE D 23 10.46 39.49 -19.12
C ILE D 23 9.88 40.75 -19.74
N THR D 24 10.72 41.59 -20.34
CA THR D 24 10.23 42.85 -20.92
C THR D 24 8.99 42.69 -21.80
N LYS D 25 8.81 41.51 -22.38
CA LYS D 25 7.63 41.22 -23.18
C LYS D 25 6.35 41.30 -22.36
N ASN D 26 6.39 40.74 -21.14
CA ASN D 26 5.19 40.70 -20.26
C ASN D 26 4.85 42.05 -19.65
N PHE D 27 5.64 43.07 -19.96
CA PHE D 27 5.36 44.42 -19.47
C PHE D 27 4.74 45.28 -20.55
N LEU D 28 4.81 44.78 -21.78
CA LEU D 28 4.32 45.52 -22.92
C LEU D 28 2.90 45.08 -23.26
N LYS D 29 2.19 45.91 -24.01
CA LYS D 29 0.98 45.50 -24.67
C LYS D 29 1.31 45.56 -26.15
N LEU D 30 1.72 44.44 -26.71
CA LEU D 30 2.14 44.41 -28.09
C LEU D 30 1.11 43.64 -28.93
N PRO D 31 0.86 44.11 -30.18
CA PRO D 31 -0.35 43.76 -30.88
C PRO D 31 -0.38 42.34 -31.43
N ASN D 32 -1.54 41.70 -31.30
CA ASN D 32 -1.80 40.44 -31.97
C ASN D 32 -0.72 39.38 -31.78
N ILE D 33 -0.29 39.25 -30.53
CA ILE D 33 0.48 38.11 -30.15
C ILE D 33 0.16 37.75 -28.72
N LYS D 34 -0.13 36.48 -28.49
CA LYS D 34 -0.38 36.03 -27.14
C LYS D 34 0.98 35.74 -26.49
N VAL D 35 1.28 36.49 -25.44
CA VAL D 35 2.58 36.46 -24.76
C VAL D 35 2.54 35.49 -23.59
N PRO D 36 3.48 34.53 -23.54
CA PRO D 36 3.37 33.51 -22.52
C PRO D 36 3.81 34.14 -21.22
N LEU D 37 3.05 33.93 -20.14
CA LEU D 37 3.39 34.54 -18.86
C LEU D 37 4.60 33.87 -18.22
N ILE D 38 4.60 32.54 -18.26
CA ILE D 38 5.65 31.80 -17.58
C ILE D 38 6.64 31.23 -18.58
N LEU D 39 7.92 31.29 -18.24
CA LEU D 39 8.99 30.73 -19.05
C LEU D 39 9.66 29.68 -18.18
N GLY D 40 9.53 28.43 -18.61
CA GLY D 40 10.17 27.30 -17.94
C GLY D 40 11.51 26.97 -18.59
N ILE D 41 12.56 26.95 -17.77
CA ILE D 41 13.93 26.75 -18.22
C ILE D 41 14.44 25.37 -17.83
N TRP D 42 14.89 24.59 -18.82
CA TRP D 42 15.45 23.26 -18.53
C TRP D 42 16.75 23.05 -19.29
N GLY D 43 17.44 21.93 -18.98
CA GLY D 43 18.75 21.65 -19.56
C GLY D 43 19.84 22.44 -18.85
N GLY D 44 20.88 22.84 -19.60
CA GLY D 44 22.08 23.50 -19.06
C GLY D 44 22.70 22.81 -17.86
N LYS D 45 22.60 21.48 -17.81
CA LYS D 45 23.15 20.72 -16.68
C LYS D 45 24.63 21.05 -16.48
N GLY D 46 25.05 21.16 -15.21
CA GLY D 46 26.45 21.43 -14.89
C GLY D 46 26.69 22.92 -14.93
N GLN D 47 26.06 23.59 -15.87
CA GLN D 47 26.16 25.03 -15.97
C GLN D 47 25.15 25.67 -15.00
N GLY D 48 25.48 26.84 -14.51
CA GLY D 48 24.74 27.40 -13.39
C GLY D 48 23.46 28.02 -13.85
N LYS D 49 22.50 27.17 -14.20
CA LYS D 49 21.22 27.60 -14.78
C LYS D 49 20.48 28.56 -13.85
N SER D 50 20.33 28.18 -12.59
CA SER D 50 19.83 29.10 -11.58
C SER D 50 20.75 30.31 -11.46
N PHE D 51 22.05 30.09 -11.50
CA PHE D 51 22.99 31.21 -11.36
C PHE D 51 22.90 32.19 -12.52
N GLN D 52 22.65 31.65 -13.71
CA GLN D 52 22.45 32.46 -14.88
C GLN D 52 21.25 33.37 -14.67
N CYS D 53 20.19 32.83 -14.07
CA CYS D 53 18.99 33.61 -13.79
C CYS D 53 19.32 34.79 -12.90
N GLU D 54 19.82 34.49 -11.70
CA GLU D 54 20.36 35.48 -10.77
C GLU D 54 21.16 36.57 -11.50
N LEU D 55 22.16 36.15 -12.26
CA LEU D 55 22.96 37.05 -13.12
C LEU D 55 22.10 37.98 -13.97
N VAL D 56 21.20 37.41 -14.74
CA VAL D 56 20.32 38.21 -15.54
C VAL D 56 19.55 39.15 -14.63
N PHE D 57 18.90 38.63 -13.60
CA PHE D 57 18.06 39.50 -12.74
C PHE D 57 18.82 40.71 -12.22
N ARG D 58 20.02 40.48 -11.69
CA ARG D 58 20.83 41.56 -11.16
C ARG D 58 21.06 42.55 -12.29
N LYS D 59 21.39 42.06 -13.47
CA LYS D 59 21.70 42.93 -14.60
C LYS D 59 20.56 43.91 -14.94
N MET D 60 19.33 43.61 -14.51
CA MET D 60 18.19 44.51 -14.73
C MET D 60 17.81 45.20 -13.42
N GLY D 61 18.40 44.73 -12.34
CA GLY D 61 18.02 45.20 -11.02
C GLY D 61 16.66 44.67 -10.67
N ILE D 62 16.43 43.38 -10.91
CA ILE D 62 15.25 42.74 -10.36
C ILE D 62 15.67 41.95 -9.12
N ASN D 63 14.98 42.19 -8.02
CA ASN D 63 15.06 41.34 -6.84
C ASN D 63 13.88 40.41 -6.97
N PRO D 64 14.12 39.23 -7.55
CA PRO D 64 12.97 38.42 -7.87
C PRO D 64 12.36 37.98 -6.56
N ILE D 65 11.10 37.58 -6.60
CA ILE D 65 10.56 36.87 -5.47
C ILE D 65 10.90 35.40 -5.69
N MET D 66 11.86 34.95 -4.89
CA MET D 66 12.34 33.58 -4.90
C MET D 66 11.32 32.63 -4.29
N MET D 67 11.46 31.37 -4.66
CA MET D 67 10.77 30.26 -4.02
C MET D 67 11.66 29.03 -4.19
N SER D 68 11.61 28.12 -3.22
CA SER D 68 12.25 26.82 -3.39
C SER D 68 11.20 25.76 -3.73
N ALA D 69 11.67 24.68 -4.34
CA ALA D 69 10.86 23.46 -4.50
C ALA D 69 10.52 22.82 -3.13
N GLY D 70 11.51 22.71 -2.25
CA GLY D 70 11.32 22.09 -0.93
C GLY D 70 10.29 22.83 -0.11
N GLU D 71 10.10 24.11 -0.46
CA GLU D 71 9.08 24.98 0.14
C GLU D 71 7.68 24.64 -0.40
N LEU D 72 7.61 24.38 -1.71
CA LEU D 72 6.36 24.01 -2.40
C LEU D 72 5.93 22.55 -2.15
N GLU D 73 6.77 21.80 -1.43
CA GLU D 73 6.40 20.50 -0.90
C GLU D 73 5.67 20.72 0.44
N SER D 74 6.39 21.28 1.43
CA SER D 74 5.83 21.56 2.75
C SER D 74 5.57 23.05 2.95
N GLY D 78 -1.73 23.26 2.76
CA GLY D 78 -1.90 24.71 2.65
C GLY D 78 -0.81 25.36 1.81
N GLU D 79 0.44 25.12 2.21
CA GLU D 79 1.62 25.74 1.58
C GLU D 79 1.69 25.70 0.04
N PRO D 80 1.50 24.50 -0.57
CA PRO D 80 1.69 24.38 -2.04
C PRO D 80 0.89 25.38 -2.90
N ALA D 81 -0.43 25.38 -2.75
CA ALA D 81 -1.29 26.34 -3.45
C ALA D 81 -1.00 27.76 -2.97
N LYS D 82 -1.47 28.06 -1.75
CA LYS D 82 -1.37 29.39 -1.15
C LYS D 82 -0.06 30.12 -1.49
N LEU D 83 1.08 29.59 -1.04
CA LEU D 83 2.37 30.28 -1.11
C LEU D 83 2.75 30.78 -2.51
N ILE D 84 2.12 30.21 -3.53
CA ILE D 84 2.31 30.67 -4.90
C ILE D 84 1.58 31.99 -5.10
N ARG D 85 0.27 31.94 -4.87
CA ARG D 85 -0.59 33.11 -4.91
C ARG D 85 0.06 34.27 -4.14
N GLN D 86 0.45 34.01 -2.88
CA GLN D 86 1.08 35.02 -2.02
C GLN D 86 2.45 35.51 -2.54
N ARG D 87 3.28 34.59 -3.03
CA ARG D 87 4.59 34.97 -3.59
C ARG D 87 4.45 35.67 -4.94
N TYR D 88 3.35 35.38 -5.67
CA TYR D 88 3.00 36.15 -6.86
C TYR D 88 2.63 37.57 -6.44
N ARG D 89 1.71 37.67 -5.48
CA ARG D 89 1.13 38.94 -5.05
C ARG D 89 2.21 39.84 -4.50
N GLU D 90 3.14 39.23 -3.77
CA GLU D 90 4.28 39.92 -3.19
C GLU D 90 5.09 40.61 -4.30
N ALA D 91 5.45 39.85 -5.35
CA ALA D 91 6.16 40.37 -6.51
C ALA D 91 5.34 41.43 -7.22
N ALA D 92 4.05 41.13 -7.39
CA ALA D 92 3.13 42.01 -8.07
C ALA D 92 3.04 43.37 -7.37
N GLU D 93 2.95 43.35 -6.04
CA GLU D 93 2.93 44.59 -5.26
C GLU D 93 4.24 45.36 -5.37
N ILE D 94 5.35 44.66 -5.56
CA ILE D 94 6.62 45.31 -5.87
C ILE D 94 6.45 46.02 -7.19
N ILE D 95 6.24 45.24 -8.27
CA ILE D 95 5.95 45.79 -9.60
C ILE D 95 4.87 46.89 -9.52
N ARG D 96 3.81 46.65 -8.74
CA ARG D 96 2.68 47.60 -8.67
C ARG D 96 2.90 48.80 -7.74
N LYS D 97 4.05 48.83 -7.05
CA LYS D 97 4.57 50.09 -6.54
C LYS D 97 5.41 50.69 -7.67
N GLY D 98 6.30 49.88 -8.24
CA GLY D 98 7.17 50.33 -9.36
C GLY D 98 8.43 49.49 -9.43
N ASN D 99 9.29 49.78 -10.42
CA ASN D 99 10.49 48.98 -10.71
C ASN D 99 10.16 47.55 -11.12
N MET D 100 10.92 46.99 -12.03
CA MET D 100 10.58 45.65 -12.53
C MET D 100 10.73 44.56 -11.46
N CYS D 101 9.82 43.61 -11.46
CA CYS D 101 9.94 42.40 -10.64
C CYS D 101 9.40 41.16 -11.38
N CYS D 102 9.81 39.98 -10.94
CA CYS D 102 9.20 38.76 -11.44
C CYS D 102 9.20 37.71 -10.35
N LEU D 103 8.24 36.79 -10.44
CA LEU D 103 8.24 35.61 -9.58
C LEU D 103 9.17 34.53 -10.16
N PHE D 104 10.30 34.32 -9.49
CA PHE D 104 11.25 33.28 -9.87
C PHE D 104 11.10 32.00 -9.07
N ILE D 105 10.31 31.07 -9.58
CA ILE D 105 10.18 29.77 -8.94
C ILE D 105 11.32 28.86 -9.37
N ASN D 106 11.93 28.13 -8.44
CA ASN D 106 13.16 27.40 -8.74
C ASN D 106 13.31 25.92 -8.35
N ASP D 107 13.57 25.10 -9.37
CA ASP D 107 13.88 23.65 -9.27
C ASP D 107 12.69 22.72 -9.09
N LEU D 108 12.76 21.55 -9.72
CA LEU D 108 11.72 20.49 -9.59
C LEU D 108 12.21 19.11 -10.11
N ASP D 109 12.31 18.12 -9.21
CA ASP D 109 12.48 16.69 -9.58
C ASP D 109 12.23 15.67 -8.44
N ASN D 124 -0.70 17.25 -4.80
CA ASN D 124 0.44 18.16 -4.67
C ASN D 124 0.85 18.77 -6.00
N ASN D 125 1.32 17.93 -6.92
CA ASN D 125 1.70 18.40 -8.24
C ASN D 125 0.51 18.67 -9.16
N GLN D 126 -0.53 17.86 -9.02
CA GLN D 126 -1.80 18.12 -9.67
C GLN D 126 -2.23 19.56 -9.40
N MET D 127 -2.13 19.95 -8.14
CA MET D 127 -2.44 21.31 -7.67
C MET D 127 -1.44 22.36 -8.17
N VAL D 128 -0.16 22.18 -7.85
CA VAL D 128 0.87 23.16 -8.25
C VAL D 128 0.72 23.57 -9.74
N ASN D 129 0.51 22.58 -10.59
CA ASN D 129 0.02 22.80 -11.95
C ASN D 129 -1.24 23.67 -11.95
N ALA D 130 -2.32 23.15 -11.37
CA ALA D 130 -3.66 23.77 -11.43
C ALA D 130 -3.69 25.25 -10.99
N THR D 131 -2.87 25.58 -9.99
CA THR D 131 -2.77 26.95 -9.50
C THR D 131 -2.09 27.80 -10.57
N LEU D 132 -1.10 27.24 -11.25
CA LEU D 132 -0.51 27.85 -12.44
C LEU D 132 -1.55 28.12 -13.53
N MET D 133 -2.38 27.13 -13.84
CA MET D 133 -3.38 27.25 -14.90
C MET D 133 -4.38 28.38 -14.63
N ASN D 134 -4.91 28.44 -13.40
CA ASN D 134 -5.88 29.48 -13.03
C ASN D 134 -5.22 30.86 -12.97
N ILE D 135 -3.94 30.89 -12.63
CA ILE D 135 -3.19 32.13 -12.51
C ILE D 135 -2.75 32.62 -13.90
N ALA D 136 -2.58 31.67 -14.82
CA ALA D 136 -2.19 31.97 -16.20
C ALA D 136 -3.35 32.58 -16.97
N ASP D 137 -4.57 32.29 -16.53
CA ASP D 137 -5.78 32.71 -17.24
C ASP D 137 -6.06 34.22 -17.13
N ASN D 138 -5.71 34.82 -16.00
CA ASN D 138 -5.59 36.29 -15.89
C ASN D 138 -4.76 36.76 -14.68
N PRO D 139 -4.60 38.08 -14.49
CA PRO D 139 -3.96 38.56 -13.27
C PRO D 139 -4.76 38.10 -12.02
N THR D 140 -5.76 38.89 -11.58
CA THR D 140 -6.67 38.52 -10.47
C THR D 140 -6.01 37.94 -9.21
N GLU D 152 -8.55 44.64 -7.46
CA GLU D 152 -7.09 45.07 -7.91
C GLU D 152 -6.29 43.80 -8.27
N ASN D 153 -5.45 43.90 -9.32
CA ASN D 153 -4.61 42.76 -9.81
C ASN D 153 -3.13 43.15 -10.09
N ALA D 154 -2.50 42.47 -11.06
CA ALA D 154 -1.18 42.84 -11.62
C ALA D 154 -0.60 41.80 -12.59
N ARG D 155 0.31 42.24 -13.46
CA ARG D 155 0.89 41.39 -14.51
C ARG D 155 2.33 40.98 -14.19
N VAL D 156 2.54 39.75 -13.73
CA VAL D 156 3.90 39.34 -13.29
C VAL D 156 4.47 38.11 -14.00
N PRO D 157 5.61 38.28 -14.68
CA PRO D 157 6.19 37.18 -15.46
C PRO D 157 6.80 36.13 -14.55
N ILE D 158 6.28 34.91 -14.60
CA ILE D 158 6.87 33.82 -13.85
C ILE D 158 7.97 33.13 -14.63
N ILE D 159 9.09 32.92 -13.93
CA ILE D 159 10.22 32.14 -14.42
C ILE D 159 10.41 30.87 -13.59
N VAL D 160 10.45 29.71 -14.25
CA VAL D 160 10.66 28.45 -13.53
C VAL D 160 11.81 27.60 -14.08
N THR D 161 12.48 26.89 -13.18
CA THR D 161 13.59 26.00 -13.49
C THR D 161 13.32 24.57 -13.02
N GLY D 162 13.84 23.61 -13.76
CA GLY D 162 13.65 22.19 -13.45
C GLY D 162 14.61 21.34 -14.25
N ASN D 163 14.32 20.05 -14.39
CA ASN D 163 15.12 19.16 -15.22
C ASN D 163 14.48 18.95 -16.60
N ASP D 164 13.29 18.35 -16.60
CA ASP D 164 12.41 18.33 -17.75
C ASP D 164 10.98 18.50 -17.27
N PHE D 165 10.31 19.53 -17.81
CA PHE D 165 8.95 19.88 -17.42
C PHE D 165 7.90 18.85 -17.87
N SER D 166 7.73 17.82 -17.04
CA SER D 166 6.81 16.73 -17.31
C SER D 166 5.44 17.01 -16.70
N THR D 167 4.40 16.68 -17.46
CA THR D 167 3.00 16.68 -16.99
C THR D 167 2.66 17.85 -16.06
N ALA D 170 3.38 20.94 -16.91
CA ALA D 170 3.42 21.89 -18.03
C ALA D 170 2.52 21.61 -19.28
N PRO D 171 2.52 20.35 -19.83
CA PRO D 171 1.69 19.96 -21.00
C PRO D 171 0.42 20.77 -21.35
N LEU D 172 -0.48 20.99 -20.40
CA LEU D 172 -1.70 21.77 -20.65
C LEU D 172 -1.45 23.29 -20.73
N ILE D 173 -0.40 23.77 -20.04
CA ILE D 173 -0.02 25.19 -20.07
C ILE D 173 1.13 25.48 -21.06
N ARG D 174 1.81 24.43 -21.52
CA ARG D 174 2.68 24.57 -22.68
C ARG D 174 1.72 24.75 -23.87
N ASP D 175 0.85 23.77 -24.10
CA ASP D 175 -0.20 23.93 -25.11
C ASP D 175 -0.90 25.31 -24.99
N GLY D 176 -1.25 25.67 -23.75
CA GLY D 176 -1.91 26.94 -23.45
C GLY D 176 -1.01 28.17 -23.51
N ARG D 177 -0.26 28.40 -22.42
CA ARG D 177 0.28 29.74 -22.10
C ARG D 177 1.65 29.78 -21.39
N MET D 178 2.54 28.89 -21.75
CA MET D 178 3.88 28.83 -21.14
C MET D 178 4.92 28.45 -22.20
N GLU D 179 6.19 28.80 -21.96
CA GLU D 179 7.26 28.45 -22.90
C GLU D 179 8.37 27.55 -22.32
N LYS D 180 8.56 26.36 -22.87
CA LYS D 180 9.70 25.54 -22.47
C LYS D 180 10.96 26.12 -23.15
N PHE D 181 12.09 26.09 -22.46
CA PHE D 181 13.30 26.58 -23.06
C PHE D 181 14.44 25.71 -22.67
N TYR D 182 14.90 24.91 -23.60
CA TYR D 182 16.06 24.09 -23.35
C TYR D 182 17.28 24.96 -23.58
N TRP D 183 18.12 25.07 -22.55
CA TRP D 183 19.34 25.83 -22.66
C TRP D 183 20.45 24.87 -23.02
N ALA D 184 20.94 24.99 -24.25
CA ALA D 184 22.08 24.22 -24.71
C ALA D 184 23.29 25.14 -24.65
N PRO D 185 24.05 25.08 -23.54
CA PRO D 185 25.21 25.99 -23.46
C PRO D 185 26.23 25.66 -24.56
N THR D 186 36.09 19.57 -26.11
CA THR D 186 37.48 19.62 -26.58
C THR D 186 38.43 19.64 -25.40
N ARG D 187 39.71 19.57 -25.72
CA ARG D 187 40.77 19.97 -24.79
C ARG D 187 40.58 21.48 -24.47
N GLU D 188 40.28 22.25 -25.51
CA GLU D 188 39.94 23.67 -25.34
C GLU D 188 38.87 23.87 -24.29
N ASP D 189 37.78 23.12 -24.38
CA ASP D 189 36.70 23.22 -23.39
C ASP D 189 37.16 22.91 -21.97
N ARG D 190 38.06 21.94 -21.84
CA ARG D 190 38.57 21.55 -20.50
C ARG D 190 39.43 22.66 -19.88
N ILE D 191 40.42 23.14 -20.63
CA ILE D 191 41.15 24.35 -20.27
C ILE D 191 40.24 25.51 -19.89
N GLY D 192 39.18 25.72 -20.67
CA GLY D 192 38.26 26.80 -20.38
C GLY D 192 37.57 26.60 -19.05
N VAL D 193 37.02 25.40 -18.88
CA VAL D 193 36.28 25.11 -17.67
C VAL D 193 37.26 25.22 -16.50
N CYS D 194 38.47 24.79 -16.77
CA CYS D 194 39.50 24.83 -15.75
C CYS D 194 39.96 26.24 -15.39
N THR D 195 40.03 27.14 -16.37
CA THR D 195 40.38 28.52 -16.06
C THR D 195 39.30 29.05 -15.13
N GLY D 196 38.07 28.60 -15.36
CA GLY D 196 36.95 29.05 -14.54
C GLY D 196 37.26 28.83 -13.08
N ILE D 197 37.60 27.61 -12.75
CA ILE D 197 37.91 27.20 -11.39
C ILE D 197 38.97 28.07 -10.71
N PHE D 198 39.90 28.64 -11.48
CA PHE D 198 41.00 29.41 -10.88
C PHE D 198 41.00 30.92 -11.12
N ARG D 199 39.90 31.47 -11.61
CA ARG D 199 39.85 32.90 -11.97
C ARG D 199 40.29 33.77 -10.81
N THR D 200 39.67 33.48 -9.69
CA THR D 200 39.96 34.09 -8.44
C THR D 200 41.46 34.24 -8.12
N ASP D 201 42.30 33.31 -8.53
CA ASP D 201 43.66 33.35 -8.01
C ASP D 201 44.69 33.68 -9.09
N ASN D 202 44.22 34.49 -10.02
CA ASN D 202 45.06 35.17 -11.00
C ASN D 202 46.18 34.26 -11.49
N VAL D 203 45.82 33.20 -12.21
CA VAL D 203 46.79 32.20 -12.61
C VAL D 203 46.99 32.26 -14.11
N PRO D 204 48.26 32.38 -14.55
CA PRO D 204 48.63 32.36 -15.97
C PRO D 204 47.80 31.34 -16.80
N ALA D 205 47.36 31.78 -17.98
CA ALA D 205 46.69 30.89 -18.93
C ALA D 205 47.63 29.72 -19.23
N GLU D 206 48.93 30.02 -19.21
CA GLU D 206 50.00 29.03 -19.27
C GLU D 206 49.85 27.93 -18.20
N ASP D 207 49.78 28.36 -16.94
CA ASP D 207 49.67 27.47 -15.81
C ASP D 207 48.52 26.51 -15.98
N VAL D 208 47.35 27.06 -16.32
CA VAL D 208 46.14 26.26 -16.51
C VAL D 208 46.35 25.22 -17.63
N VAL D 209 47.04 25.61 -18.69
CA VAL D 209 47.31 24.68 -19.78
C VAL D 209 48.23 23.52 -19.33
N LYS D 210 49.17 23.80 -18.43
CA LYS D 210 50.18 22.79 -18.07
C LYS D 210 49.55 21.65 -17.28
N ILE D 211 48.65 22.02 -16.37
CA ILE D 211 48.05 21.10 -15.39
C ILE D 211 47.00 20.24 -16.06
N VAL D 212 46.14 20.88 -16.84
CA VAL D 212 45.13 20.17 -17.60
C VAL D 212 45.82 19.14 -18.48
N ASP D 213 46.92 19.55 -19.11
CA ASP D 213 47.64 18.62 -19.94
C ASP D 213 48.23 17.58 -19.03
N ASN D 214 48.68 18.00 -17.86
CA ASN D 214 49.41 17.09 -17.01
C ASN D 214 48.50 16.04 -16.38
N PHE D 215 47.19 16.26 -16.45
CA PHE D 215 46.22 15.45 -15.69
C PHE D 215 45.02 15.02 -16.53
N PRO D 216 45.31 14.26 -17.59
CA PRO D 216 44.27 13.95 -18.57
C PRO D 216 43.25 12.93 -18.03
N GLY D 217 42.08 12.90 -18.66
CA GLY D 217 40.95 12.12 -18.15
C GLY D 217 40.76 12.27 -16.64
N GLN D 218 40.65 13.53 -16.17
CA GLN D 218 40.29 13.87 -14.78
C GLN D 218 39.12 14.81 -14.91
N SER D 219 38.15 14.69 -13.99
CA SER D 219 36.96 15.51 -14.08
C SER D 219 37.23 16.98 -13.77
N ILE D 220 36.18 17.79 -13.80
CA ILE D 220 36.33 19.12 -13.28
C ILE D 220 36.36 19.04 -11.76
N ASP D 221 35.68 18.04 -11.21
CA ASP D 221 35.70 17.78 -9.78
C ASP D 221 37.14 17.64 -9.32
N PHE D 222 37.95 16.90 -10.07
CA PHE D 222 39.38 16.81 -9.80
C PHE D 222 40.00 18.18 -9.49
N PHE D 223 39.82 19.15 -10.39
CA PHE D 223 40.48 20.44 -10.22
C PHE D 223 39.93 21.28 -9.08
N GLY D 224 38.62 21.22 -8.88
CA GLY D 224 38.03 21.84 -7.71
C GLY D 224 38.74 21.34 -6.47
N ALA D 225 38.64 20.02 -6.27
CA ALA D 225 39.40 19.25 -5.24
C ALA D 225 40.87 19.67 -5.09
N LEU D 226 41.52 19.89 -6.22
CA LEU D 226 42.92 20.26 -6.17
C LEU D 226 43.03 21.64 -5.53
N ARG D 227 42.34 22.62 -6.09
CA ARG D 227 42.33 23.96 -5.52
C ARG D 227 41.93 23.97 -4.04
N ALA D 228 40.93 23.17 -3.66
CA ALA D 228 40.50 23.08 -2.26
C ALA D 228 41.59 22.49 -1.36
N ARG D 229 42.42 21.62 -1.95
CA ARG D 229 43.45 20.92 -1.21
C ARG D 229 44.57 21.85 -0.76
N VAL D 230 44.65 23.00 -1.42
CA VAL D 230 45.69 23.97 -1.17
C VAL D 230 45.29 24.85 0.01
N TYR D 231 44.08 25.38 -0.08
CA TYR D 231 43.42 25.94 1.09
C TYR D 231 43.52 24.99 2.29
N ASP D 232 43.01 23.77 2.16
CA ASP D 232 43.06 22.84 3.29
C ASP D 232 44.39 22.92 3.99
N ASP D 233 45.45 22.60 3.27
CA ASP D 233 46.80 22.56 3.80
C ASP D 233 47.18 23.78 4.63
N GLU D 234 46.84 24.96 4.14
CA GLU D 234 47.08 26.21 4.86
C GLU D 234 46.42 26.16 6.26
N VAL D 235 45.11 25.89 6.31
CA VAL D 235 44.39 25.71 7.58
C VAL D 235 45.09 24.67 8.50
N ARG D 236 45.46 23.53 7.92
CA ARG D 236 46.20 22.46 8.63
C ARG D 236 47.48 23.00 9.29
N LYS D 237 48.18 23.88 8.57
CA LYS D 237 49.36 24.56 9.09
C LYS D 237 48.96 25.51 10.22
N TRP D 238 47.91 26.30 10.00
CA TRP D 238 47.41 27.17 11.03
C TRP D 238 47.08 26.37 12.27
N VAL D 239 46.15 25.41 12.14
CA VAL D 239 45.77 24.52 13.25
C VAL D 239 46.98 23.98 14.02
N SER D 240 47.79 23.18 13.34
CA SER D 240 49.00 22.57 13.88
C SER D 240 49.86 23.61 14.56
N GLY D 241 50.05 24.73 13.85
CA GLY D 241 50.84 25.84 14.36
C GLY D 241 50.25 26.42 15.64
N THR D 242 49.06 27.01 15.53
CA THR D 242 48.50 27.78 16.62
C THR D 242 47.56 26.95 17.48
N GLY D 243 48.16 25.93 18.12
CA GLY D 243 47.57 25.17 19.21
C GLY D 243 46.27 24.47 18.90
N ILE D 244 46.36 23.16 18.65
CA ILE D 244 45.14 22.36 18.52
C ILE D 244 44.20 22.54 19.72
N GLU D 245 44.76 22.49 20.94
CA GLU D 245 44.02 22.70 22.19
C GLU D 245 43.31 24.08 22.30
N LYS D 246 44.03 25.16 21.95
CA LYS D 246 43.54 26.54 22.03
C LYS D 246 43.08 27.12 20.67
N ILE D 247 42.20 26.39 19.97
CA ILE D 247 41.71 26.81 18.65
C ILE D 247 40.29 27.37 18.70
N GLY D 248 39.34 26.62 19.26
CA GLY D 248 37.95 27.06 19.40
C GLY D 248 37.79 28.47 19.95
N ASP D 249 38.71 28.88 20.82
CA ASP D 249 38.80 30.22 21.34
C ASP D 249 39.27 31.24 20.32
N LYS D 250 40.45 31.01 19.74
CA LYS D 250 41.05 31.95 18.78
C LYS D 250 40.10 32.07 17.61
N LEU D 251 39.24 31.07 17.50
CA LEU D 251 38.31 30.93 16.40
C LEU D 251 36.94 31.51 16.73
N LEU D 252 36.63 31.60 18.02
CA LEU D 252 35.29 31.97 18.45
C LEU D 252 35.29 33.04 19.57
N ASN D 253 35.67 32.63 20.77
CA ASN D 253 35.58 33.52 21.93
C ASN D 253 36.70 34.54 21.99
N SER D 254 37.10 35.00 20.82
CA SER D 254 38.05 36.09 20.67
C SER D 254 37.32 37.37 20.22
N PHE D 255 37.86 38.52 20.57
CA PHE D 255 37.25 39.80 20.20
C PHE D 255 37.63 40.26 18.79
N ASP D 256 38.78 39.79 18.27
CA ASP D 256 39.26 40.19 16.93
C ASP D 256 38.65 39.34 15.83
N GLY D 257 37.71 38.47 16.21
CA GLY D 257 37.07 37.54 15.29
C GLY D 257 37.92 36.30 15.00
N PRO D 258 37.40 35.39 14.14
CA PRO D 258 38.21 34.38 13.50
C PRO D 258 39.37 35.08 12.80
N PRO D 259 40.56 34.44 12.78
CA PRO D 259 41.76 35.01 12.20
C PRO D 259 41.79 35.05 10.66
N THR D 260 40.78 35.70 10.05
CA THR D 260 40.79 36.08 8.63
C THR D 260 42.01 35.65 7.80
N PHE D 261 41.80 34.66 6.93
CA PHE D 261 42.86 34.06 6.14
C PHE D 261 43.17 34.76 4.80
N GLU D 262 44.45 34.79 4.41
CA GLU D 262 44.85 35.31 3.09
C GLU D 262 44.82 34.20 2.07
N GLN D 263 44.21 34.46 0.92
CA GLN D 263 44.09 33.47 -0.15
C GLN D 263 45.46 33.02 -0.67
N PRO D 264 45.75 31.71 -0.59
CA PRO D 264 47.06 31.19 -0.99
C PRO D 264 47.31 31.31 -2.49
N LYS D 265 48.50 31.79 -2.84
CA LYS D 265 48.93 31.92 -4.22
C LYS D 265 48.95 30.53 -4.88
N MET D 266 48.19 30.37 -5.96
CA MET D 266 48.08 29.06 -6.62
C MET D 266 49.19 28.92 -7.63
N THR D 267 50.41 28.68 -7.15
CA THR D 267 51.53 28.57 -8.09
C THR D 267 51.58 27.21 -8.73
N ILE D 268 52.21 27.15 -9.90
CA ILE D 268 52.24 25.97 -10.75
C ILE D 268 52.84 24.71 -10.10
N GLU D 269 54.02 24.85 -9.51
CA GLU D 269 54.68 23.73 -8.81
C GLU D 269 53.87 23.26 -7.61
N LYS D 270 53.19 24.20 -6.94
CA LYS D 270 52.24 23.84 -5.91
C LYS D 270 51.26 22.91 -6.58
N LEU D 271 50.65 23.41 -7.66
CA LEU D 271 49.52 22.74 -8.31
C LEU D 271 49.83 21.32 -8.75
N LEU D 272 50.99 21.14 -9.36
CA LEU D 272 51.44 19.84 -9.84
C LEU D 272 51.66 18.87 -8.69
N GLU D 273 52.40 19.34 -7.69
CA GLU D 273 52.67 18.54 -6.52
C GLU D 273 51.32 18.06 -6.01
N TYR D 274 50.40 18.99 -5.77
CA TYR D 274 49.07 18.62 -5.24
C TYR D 274 48.25 17.71 -6.15
N GLY D 275 48.44 17.86 -7.45
CA GLY D 275 47.71 17.10 -8.42
C GLY D 275 48.11 15.63 -8.46
N ASN D 276 49.41 15.36 -8.30
CA ASN D 276 49.88 13.96 -8.28
C ASN D 276 49.47 13.33 -6.97
N MET D 277 49.71 14.08 -5.91
CA MET D 277 49.26 13.72 -4.58
C MET D 277 47.83 13.23 -4.57
N LEU D 278 46.94 13.95 -5.26
CA LEU D 278 45.53 13.60 -5.26
C LEU D 278 45.28 12.35 -6.10
N VAL D 279 46.05 12.22 -7.18
CA VAL D 279 45.99 11.10 -8.09
C VAL D 279 46.50 9.83 -7.40
N GLN D 280 47.62 9.94 -6.71
CA GLN D 280 48.14 8.80 -5.97
C GLN D 280 47.01 8.32 -5.07
N GLU D 281 46.48 9.27 -4.29
CA GLU D 281 45.38 9.03 -3.38
C GLU D 281 44.21 8.36 -4.08
N GLN D 282 43.73 8.96 -5.17
CA GLN D 282 42.69 8.33 -5.99
C GLN D 282 43.02 6.87 -6.30
N GLU D 283 44.17 6.68 -6.96
CA GLU D 283 44.64 5.39 -7.42
C GLU D 283 44.69 4.41 -6.27
N ASN D 284 44.85 4.98 -5.07
CA ASN D 284 44.99 4.18 -3.88
C ASN D 284 43.64 3.72 -3.33
N VAL D 285 42.64 4.60 -3.37
CA VAL D 285 41.28 4.25 -2.95
C VAL D 285 40.73 3.15 -3.88
N LYS D 286 41.01 3.27 -5.19
CA LYS D 286 40.63 2.23 -6.13
C LYS D 286 41.22 0.91 -5.67
N ARG D 287 42.48 0.94 -5.21
CA ARG D 287 43.17 -0.26 -4.76
C ARG D 287 42.51 -0.87 -3.54
N VAL D 288 42.38 -0.07 -2.49
CA VAL D 288 41.72 -0.50 -1.24
C VAL D 288 40.23 -0.88 -1.46
N GLN D 289 39.58 -0.26 -2.46
CA GLN D 289 38.19 -0.59 -2.84
C GLN D 289 38.06 -1.99 -3.44
N LEU D 290 38.78 -2.22 -4.54
CA LEU D 290 38.73 -3.50 -5.28
C LEU D 290 39.35 -4.66 -4.52
N ALA D 291 40.29 -4.36 -3.62
CA ALA D 291 40.96 -5.39 -2.83
C ALA D 291 40.20 -5.75 -1.56
N ASP D 292 39.38 -4.81 -1.06
CA ASP D 292 38.43 -5.10 0.01
C ASP D 292 37.19 -5.81 -0.55
N LYS D 293 36.99 -5.67 -1.88
CA LYS D 293 35.83 -6.21 -2.58
C LYS D 293 36.25 -7.21 -3.65
N ASN E 1 50.78 15.94 10.10
CA ASN E 1 51.83 16.75 10.79
C ASN E 1 51.45 16.99 12.26
N LEU E 2 50.15 17.13 12.53
CA LEU E 2 49.62 17.36 13.88
C LEU E 2 49.55 16.08 14.75
N ASP E 3 49.72 16.27 16.06
CA ASP E 3 49.84 15.19 17.06
C ASP E 3 48.58 14.33 17.20
N ASN E 4 48.77 13.04 16.90
CA ASN E 4 47.67 12.09 16.68
C ASN E 4 47.53 10.98 17.75
N LYS E 5 48.37 11.04 18.78
CA LYS E 5 48.27 10.09 19.87
C LYS E 5 47.46 10.73 20.98
N LEU E 6 46.66 9.93 21.69
CA LEU E 6 45.71 10.44 22.68
C LEU E 6 45.38 9.41 23.77
N ASP E 7 45.74 9.70 25.01
CA ASP E 7 45.50 8.76 26.09
C ASP E 7 45.78 7.35 25.59
N GLY E 8 47.04 7.10 25.22
CA GLY E 8 47.50 5.77 24.77
C GLY E 8 46.92 5.29 23.45
N PHE E 9 45.98 6.07 22.93
CA PHE E 9 45.29 5.76 21.68
C PHE E 9 45.94 6.42 20.48
N TYR E 10 45.80 5.77 19.34
CA TYR E 10 46.38 6.31 18.14
C TYR E 10 45.27 6.82 17.24
N ILE E 11 45.55 7.88 16.48
CA ILE E 11 44.59 8.38 15.49
C ILE E 11 45.21 8.44 14.09
N ALA E 12 44.53 7.89 13.10
CA ALA E 12 45.07 7.89 11.74
C ALA E 12 45.24 9.35 11.29
N PRO E 13 46.50 9.78 11.09
CA PRO E 13 46.73 11.21 10.83
C PRO E 13 46.12 11.71 9.52
N ALA E 14 45.86 10.80 8.57
CA ALA E 14 45.08 11.17 7.38
C ALA E 14 43.64 11.47 7.81
N PHE E 15 43.07 10.60 8.66
CA PHE E 15 41.71 10.76 9.14
C PHE E 15 41.59 12.06 9.95
N MET E 16 42.51 12.24 10.89
CA MET E 16 42.56 13.49 11.62
C MET E 16 42.56 14.77 10.73
N ASP E 17 43.51 14.89 9.77
CA ASP E 17 43.65 16.15 9.00
C ASP E 17 42.37 16.40 8.28
N LYS E 18 41.74 15.32 7.81
CA LYS E 18 40.50 15.45 7.09
C LYS E 18 39.42 16.03 7.99
N LEU E 19 39.24 15.43 9.17
CA LEU E 19 38.18 15.89 10.05
C LEU E 19 38.46 17.22 10.72
N VAL E 20 39.60 17.31 11.38
CA VAL E 20 40.03 18.55 12.02
C VAL E 20 39.84 19.73 11.05
N VAL E 21 40.53 19.69 9.92
CA VAL E 21 40.36 20.70 8.88
C VAL E 21 38.92 20.86 8.36
N HIS E 22 38.16 19.77 8.24
CA HIS E 22 36.81 19.95 7.75
C HIS E 22 36.12 20.82 8.74
N ILE E 23 36.40 20.58 10.02
CA ILE E 23 35.69 21.28 11.05
C ILE E 23 36.16 22.72 11.07
N THR E 24 37.40 22.96 11.49
CA THR E 24 37.90 24.33 11.60
C THR E 24 37.62 25.20 10.36
N LYS E 25 37.50 24.57 9.20
CA LYS E 25 37.14 25.27 7.97
C LYS E 25 35.79 25.94 8.07
N ASN E 26 34.80 25.23 8.62
CA ASN E 26 33.42 25.75 8.71
C ASN E 26 33.24 26.83 9.77
N PHE E 27 34.33 27.17 10.46
CA PHE E 27 34.28 28.22 11.48
C PHE E 27 34.89 29.50 10.94
N LEU E 28 35.59 29.37 9.82
CA LEU E 28 36.29 30.49 9.23
C LEU E 28 35.43 31.12 8.13
N LYS E 29 35.76 32.36 7.79
CA LYS E 29 35.27 32.97 6.57
C LYS E 29 36.50 33.16 5.71
N LEU E 30 36.75 32.18 4.84
CA LEU E 30 37.95 32.22 4.03
C LEU E 30 37.56 32.49 2.57
N PRO E 31 38.41 33.27 1.85
CA PRO E 31 37.96 33.94 0.64
C PRO E 31 37.81 33.01 -0.57
N ASN E 32 36.75 33.24 -1.33
CA ASN E 32 36.60 32.63 -2.63
C ASN E 32 36.80 31.12 -2.64
N ILE E 33 36.21 30.46 -1.66
CA ILE E 33 36.06 29.03 -1.72
C ILE E 33 34.77 28.65 -1.05
N LYS E 34 33.98 27.83 -1.74
CA LYS E 34 32.77 27.33 -1.14
C LYS E 34 33.12 26.12 -0.29
N VAL E 35 32.87 26.25 1.02
CA VAL E 35 33.26 25.26 2.01
C VAL E 35 32.11 24.28 2.27
N PRO E 36 32.36 22.98 2.16
CA PRO E 36 31.25 22.05 2.24
C PRO E 36 30.88 21.95 3.72
N LEU E 37 29.60 22.01 4.03
CA LEU E 37 29.17 21.97 5.42
C LEU E 37 29.30 20.56 5.99
N ILE E 38 28.86 19.58 5.22
CA ILE E 38 28.85 18.22 5.71
C ILE E 38 29.97 17.40 5.09
N LEU E 39 30.61 16.57 5.91
CA LEU E 39 31.66 15.65 5.47
C LEU E 39 31.15 14.26 5.76
N GLY E 40 30.92 13.50 4.69
CA GLY E 40 30.51 12.11 4.78
C GLY E 40 31.71 11.18 4.71
N ILE E 41 31.83 10.32 5.71
CA ILE E 41 32.98 9.41 5.85
C ILE E 41 32.57 7.97 5.55
N TRP E 42 33.26 7.33 4.61
CA TRP E 42 32.98 5.93 4.29
C TRP E 42 34.26 5.13 4.17
N GLY E 43 34.12 3.80 4.04
CA GLY E 43 35.27 2.90 4.03
C GLY E 43 35.78 2.65 5.44
N GLY E 44 37.11 2.46 5.57
CA GLY E 44 37.75 2.08 6.83
C GLY E 44 37.12 0.90 7.55
N LYS E 45 36.57 -0.04 6.79
CA LYS E 45 35.91 -1.21 7.38
C LYS E 45 36.86 -1.94 8.34
N GLY E 46 36.32 -2.41 9.45
CA GLY E 46 37.11 -3.15 10.42
C GLY E 46 37.81 -2.20 11.35
N GLN E 47 38.26 -1.08 10.80
CA GLN E 47 38.89 -0.05 11.61
C GLN E 47 37.80 0.83 12.21
N GLY E 48 38.09 1.38 13.38
CA GLY E 48 37.04 2.01 14.18
C GLY E 48 36.73 3.38 13.67
N LYS E 49 36.04 3.43 12.54
CA LYS E 49 35.73 4.68 11.83
C LYS E 49 34.95 5.66 12.72
N SER E 50 33.88 5.17 13.33
CA SER E 50 33.19 5.94 14.36
C SER E 50 34.13 6.24 15.52
N PHE E 51 34.95 5.26 15.92
CA PHE E 51 35.84 5.48 17.04
C PHE E 51 36.91 6.53 16.75
N GLN E 52 37.35 6.56 15.49
CA GLN E 52 38.29 7.56 15.06
C GLN E 52 37.68 8.94 15.23
N CYS E 53 36.39 9.06 14.89
CA CYS E 53 35.68 10.32 15.02
C CYS E 53 35.70 10.80 16.47
N GLU E 54 35.12 9.98 17.35
CA GLU E 54 35.19 10.18 18.80
C GLU E 54 36.58 10.65 19.25
N LEU E 55 37.62 9.88 18.89
CA LEU E 55 39.02 10.25 19.14
C LEU E 55 39.35 11.68 18.70
N VAL E 56 39.08 12.00 17.45
CA VAL E 56 39.32 13.32 16.98
C VAL E 56 38.53 14.30 17.84
N PHE E 57 37.22 14.09 18.00
CA PHE E 57 36.39 15.05 18.73
C PHE E 57 36.96 15.36 20.12
N ARG E 58 37.32 14.31 20.85
CA ARG E 58 37.88 14.49 22.20
C ARG E 58 39.12 15.35 22.06
N LYS E 59 39.96 15.04 21.08
CA LYS E 59 41.22 15.76 20.92
C LYS E 59 41.03 17.29 20.76
N MET E 60 39.84 17.73 20.38
CA MET E 60 39.54 19.17 20.26
C MET E 60 38.65 19.62 21.41
N GLY E 61 38.16 18.65 22.16
CA GLY E 61 37.19 18.93 23.19
C GLY E 61 35.87 19.31 22.57
N ILE E 62 35.43 18.55 21.57
CA ILE E 62 34.08 18.68 21.08
C ILE E 62 33.24 17.54 21.69
N ASN E 63 32.14 17.91 22.31
CA ASN E 63 31.11 16.96 22.68
C ASN E 63 30.10 17.03 21.57
N PRO E 64 30.24 16.13 20.58
CA PRO E 64 29.42 16.33 19.42
C PRO E 64 27.99 16.07 19.82
N ILE E 65 27.05 16.58 19.04
CA ILE E 65 25.69 16.13 19.20
C ILE E 65 25.55 14.87 18.35
N MET E 66 25.49 13.75 19.06
CA MET E 66 25.34 12.43 18.48
C MET E 66 23.94 12.22 17.93
N MET E 67 23.84 11.28 17.01
CA MET E 67 22.58 10.73 16.54
C MET E 67 22.84 9.31 16.09
N SER E 68 21.84 8.44 16.23
CA SER E 68 21.93 7.11 15.65
C SER E 68 21.11 7.06 14.36
N ALA E 69 21.45 6.10 13.50
CA ALA E 69 20.61 5.73 12.36
C ALA E 69 19.25 5.15 12.81
N GLY E 70 19.27 4.25 13.79
CA GLY E 70 18.05 3.61 14.28
C GLY E 70 17.08 4.62 14.85
N GLU E 71 17.62 5.77 15.25
CA GLU E 71 16.86 6.91 15.75
C GLU E 71 16.18 7.66 14.58
N LEU E 72 16.92 7.81 13.48
CA LEU E 72 16.43 8.48 12.25
C LEU E 72 15.48 7.60 11.42
N GLU E 73 15.30 6.35 11.85
CA GLU E 73 14.25 5.50 11.33
C GLU E 73 12.94 5.79 12.09
N SER E 74 12.95 5.55 13.40
CA SER E 74 11.78 5.79 14.26
C SER E 74 11.99 7.02 15.14
N GLY E 78 7.41 11.79 12.06
CA GLY E 78 7.87 13.00 12.75
C GLY E 78 9.37 13.00 12.98
N GLU E 79 9.85 11.95 13.66
CA GLU E 79 11.26 11.82 14.06
C GLU E 79 12.31 12.10 12.97
N PRO E 80 12.19 11.47 11.78
CA PRO E 80 13.26 11.59 10.76
C PRO E 80 13.66 13.03 10.38
N ALA E 81 12.68 13.83 9.94
CA ALA E 81 12.94 15.24 9.63
C ALA E 81 13.28 16.01 10.91
N LYS E 82 12.26 16.25 11.73
CA LYS E 82 12.39 17.03 12.97
C LYS E 82 13.72 16.84 13.70
N LEU E 83 13.98 15.62 14.17
CA LEU E 83 15.11 15.35 15.07
C LEU E 83 16.47 15.80 14.53
N ILE E 84 16.55 16.01 13.22
CA ILE E 84 17.76 16.54 12.59
C ILE E 84 17.86 18.03 12.90
N ARG E 85 16.84 18.76 12.48
CA ARG E 85 16.70 20.18 12.77
C ARG E 85 17.02 20.46 14.24
N GLN E 86 16.34 19.74 15.14
CA GLN E 86 16.52 19.90 16.60
C GLN E 86 17.92 19.53 17.09
N ARG E 87 18.49 18.44 16.56
CA ARG E 87 19.85 18.02 16.94
C ARG E 87 20.91 18.94 16.32
N TYR E 88 20.58 19.57 15.19
CA TYR E 88 21.40 20.65 14.64
C TYR E 88 21.38 21.84 15.59
N ARG E 89 20.17 22.27 15.93
CA ARG E 89 19.94 23.48 16.72
C ARG E 89 20.59 23.35 18.08
N GLU E 90 20.50 22.13 18.63
CA GLU E 90 21.09 21.82 19.92
C GLU E 90 22.61 22.06 19.87
N ALA E 91 23.28 21.52 18.85
CA ALA E 91 24.72 21.73 18.63
C ALA E 91 25.01 23.19 18.40
N ALA E 92 24.18 23.81 17.55
CA ALA E 92 24.33 25.21 17.19
C ALA E 92 24.27 26.11 18.42
N GLU E 93 23.31 25.85 19.32
CA GLU E 93 23.20 26.60 20.56
C GLU E 93 24.40 26.38 21.48
N ILE E 94 25.01 25.21 21.40
CA ILE E 94 26.28 24.97 22.09
C ILE E 94 27.30 25.92 21.49
N ILE E 95 27.61 25.71 20.21
CA ILE E 95 28.50 26.60 19.46
C ILE E 95 28.12 28.08 19.68
N ARG E 96 26.83 28.40 19.66
CA ARG E 96 26.36 29.78 19.77
C ARG E 96 26.30 30.33 21.21
N LYS E 97 26.60 29.48 22.19
CA LYS E 97 27.03 29.96 23.50
C LYS E 97 28.55 30.14 23.38
N GLY E 98 29.24 29.12 22.89
CA GLY E 98 30.71 29.17 22.73
C GLY E 98 31.30 27.78 22.73
N ASN E 99 32.63 27.68 22.56
CA ASN E 99 33.33 26.39 22.40
C ASN E 99 32.89 25.64 21.16
N MET E 100 33.82 24.94 20.51
CA MET E 100 33.47 24.28 19.25
C MET E 100 32.49 23.12 19.46
N CYS E 101 31.54 22.99 18.53
CA CYS E 101 30.65 21.83 18.46
C CYS E 101 30.38 21.41 17.00
N CYS E 102 29.94 20.18 16.81
CA CYS E 102 29.46 19.76 15.52
C CYS E 102 28.36 18.73 15.67
N LEU E 103 27.47 18.66 14.69
CA LEU E 103 26.49 17.58 14.62
C LEU E 103 27.11 16.33 13.98
N PHE E 104 27.33 15.31 14.81
CA PHE E 104 27.87 14.03 14.35
C PHE E 104 26.78 13.00 14.12
N ILE E 105 26.29 12.90 12.89
CA ILE E 105 25.32 11.87 12.54
C ILE E 105 26.06 10.58 12.21
N ASN E 106 25.56 9.45 12.70
CA ASN E 106 26.33 8.19 12.58
C ASN E 106 25.65 6.91 12.07
N ASP E 107 26.22 6.37 10.99
CA ASP E 107 25.87 5.07 10.37
C ASP E 107 24.64 5.09 9.47
N LEU E 108 24.69 4.32 8.38
CA LEU E 108 23.57 4.15 7.43
C LEU E 108 23.77 2.93 6.48
N ASP E 109 22.88 1.93 6.59
CA ASP E 109 22.75 0.84 5.59
C ASP E 109 21.47 -0.02 5.70
N ASN E 124 11.09 8.42 3.74
CA ASN E 124 12.05 8.35 4.83
C ASN E 124 13.43 8.85 4.41
N ASN E 125 14.07 8.14 3.48
CA ASN E 125 15.38 8.56 2.98
C ASN E 125 15.30 9.71 1.98
N GLN E 126 14.23 9.73 1.19
CA GLN E 126 13.93 10.88 0.33
C GLN E 126 13.97 12.15 1.18
N MET E 127 13.31 12.09 2.33
CA MET E 127 13.26 13.19 3.30
C MET E 127 14.63 13.46 3.96
N VAL E 128 15.19 12.45 4.64
CA VAL E 128 16.46 12.62 5.34
C VAL E 128 17.50 13.37 4.47
N ASN E 129 17.61 12.96 3.20
CA ASN E 129 18.27 13.75 2.17
C ASN E 129 17.74 15.18 2.13
N ALA E 130 16.47 15.34 1.78
CA ALA E 130 15.85 16.65 1.55
C ALA E 130 16.04 17.66 2.69
N THR E 131 16.02 17.17 3.92
CA THR E 131 16.24 18.01 5.10
C THR E 131 17.69 18.48 5.11
N LEU E 132 18.59 17.59 4.72
CA LEU E 132 19.98 17.94 4.49
C LEU E 132 20.13 19.05 3.45
N MET E 133 19.46 18.89 2.30
CA MET E 133 19.55 19.87 1.21
C MET E 133 19.10 21.26 1.62
N ASN E 134 17.95 21.37 2.30
CA ASN E 134 17.43 22.66 2.75
C ASN E 134 18.29 23.26 3.86
N ILE E 135 18.92 22.40 4.65
CA ILE E 135 19.75 22.83 5.75
C ILE E 135 21.14 23.24 5.24
N ALA E 136 21.54 22.64 4.13
CA ALA E 136 22.83 22.94 3.49
C ALA E 136 22.80 24.29 2.80
N ASP E 137 21.60 24.73 2.44
CA ASP E 137 21.42 25.97 1.67
C ASP E 137 21.69 27.25 2.48
N ASN E 138 21.37 27.22 3.77
CA ASN E 138 21.88 28.21 4.74
C ASN E 138 21.77 27.76 6.21
N PRO E 139 22.22 28.60 7.17
CA PRO E 139 21.97 28.26 8.57
C PRO E 139 20.44 28.14 8.86
N THR E 140 19.77 29.26 9.19
CA THR E 140 18.30 29.30 9.38
C THR E 140 17.69 28.16 10.21
N GLU E 152 17.17 34.35 14.21
CA GLU E 152 18.56 33.85 14.75
C GLU E 152 18.90 32.50 14.11
N ASN E 153 20.19 32.28 13.79
CA ASN E 153 20.68 31.01 13.14
C ASN E 153 21.97 30.44 13.78
N ALA E 154 22.80 29.77 12.98
CA ALA E 154 24.17 29.35 13.35
C ALA E 154 24.84 28.44 12.31
N ARG E 155 26.18 28.39 12.34
CA ARG E 155 26.97 27.62 11.35
C ARG E 155 27.55 26.35 11.95
N VAL E 156 26.96 25.19 11.66
CA VAL E 156 27.41 23.94 12.30
C VAL E 156 27.84 22.83 11.34
N PRO E 157 29.11 22.40 11.45
CA PRO E 157 29.63 21.39 10.51
C PRO E 157 29.05 20.03 10.81
N ILE E 158 28.33 19.45 9.86
CA ILE E 158 27.84 18.09 10.02
C ILE E 158 28.85 17.07 9.53
N ILE E 159 29.03 16.05 10.36
CA ILE E 159 29.85 14.88 10.05
C ILE E 159 28.97 13.62 9.98
N VAL E 160 29.04 12.89 8.89
CA VAL E 160 28.26 11.65 8.75
C VAL E 160 29.09 10.42 8.38
N THR E 161 28.68 9.27 8.88
CA THR E 161 29.32 7.98 8.62
C THR E 161 28.33 6.98 8.02
N GLY E 162 28.83 6.10 7.16
CA GLY E 162 28.01 5.10 6.50
C GLY E 162 28.88 4.04 5.86
N ASN E 163 28.34 3.30 4.90
CA ASN E 163 29.12 2.33 4.13
C ASN E 163 29.55 2.87 2.78
N ASP E 164 28.57 3.19 1.93
CA ASP E 164 28.75 3.99 0.73
C ASP E 164 27.55 4.90 0.57
N PHE E 165 27.83 6.20 0.50
CA PHE E 165 26.79 7.24 0.40
C PHE E 165 26.05 7.23 -0.95
N SER E 166 25.04 6.36 -1.02
CA SER E 166 24.23 6.20 -2.22
C SER E 166 23.02 7.13 -2.20
N THR E 167 22.73 7.71 -3.37
CA THR E 167 21.50 8.47 -3.62
C THR E 167 21.05 9.35 -2.45
N ALA E 170 23.17 11.39 -0.98
CA ALA E 170 24.27 12.33 -1.21
C ALA E 170 24.42 12.97 -2.62
N PRO E 171 24.35 12.18 -3.73
CA PRO E 171 24.46 12.66 -5.13
C PRO E 171 24.14 14.14 -5.46
N LEU E 172 22.98 14.65 -5.02
CA LEU E 172 22.63 16.05 -5.28
C LEU E 172 23.36 17.05 -4.36
N ILE E 173 23.75 16.59 -3.16
CA ILE E 173 24.52 17.42 -2.19
C ILE E 173 26.03 17.14 -2.25
N ARG E 174 26.44 16.04 -2.89
CA ARG E 174 27.83 15.87 -3.26
C ARG E 174 28.06 16.87 -4.40
N ASP E 175 27.30 16.74 -5.49
CA ASP E 175 27.35 17.75 -6.56
C ASP E 175 27.28 19.19 -5.97
N GLY E 176 26.34 19.39 -5.04
CA GLY E 176 26.14 20.68 -4.37
C GLY E 176 27.20 21.04 -3.34
N ARG E 177 27.04 20.50 -2.11
CA ARG E 177 27.65 21.09 -0.90
C ARG E 177 28.08 20.10 0.20
N MET E 178 28.60 18.95 -0.20
CA MET E 178 29.04 17.92 0.75
C MET E 178 30.32 17.24 0.24
N GLU E 179 31.09 16.64 1.14
CA GLU E 179 32.31 15.93 0.73
C GLU E 179 32.34 14.43 1.09
N LYS E 180 32.43 13.56 0.10
CA LYS E 180 32.63 12.14 0.39
C LYS E 180 34.11 11.93 0.77
N PHE E 181 34.37 11.05 1.71
CA PHE E 181 35.75 10.79 2.08
C PHE E 181 35.93 9.34 2.35
N TYR E 182 36.58 8.67 1.42
CA TYR E 182 36.90 7.28 1.62
C TYR E 182 38.14 7.21 2.46
N TRP E 183 38.05 6.54 3.60
CA TRP E 183 39.18 6.36 4.48
C TRP E 183 39.83 5.03 4.14
N ALA E 184 41.01 5.10 3.54
CA ALA E 184 41.79 3.92 3.26
C ALA E 184 42.86 3.83 4.34
N PRO E 185 42.61 3.06 5.41
CA PRO E 185 43.63 2.98 6.46
C PRO E 185 44.92 2.35 5.93
N THR E 186 47.39 -8.61 5.13
CA THR E 186 48.55 -9.49 5.35
C THR E 186 48.35 -10.33 6.59
N ARG E 187 49.28 -11.23 6.81
CA ARG E 187 49.48 -11.84 8.12
C ARG E 187 49.88 -10.73 9.12
N GLU E 188 50.74 -9.82 8.66
CA GLU E 188 51.10 -8.64 9.44
C GLU E 188 49.87 -7.88 9.92
N ASP E 189 48.94 -7.61 9.02
CA ASP E 189 47.69 -6.92 9.40
C ASP E 189 46.89 -7.67 10.45
N ARG E 190 46.87 -9.01 10.37
CA ARG E 190 46.12 -9.82 11.34
C ARG E 190 46.74 -9.76 12.74
N ILE E 191 48.04 -10.02 12.82
CA ILE E 191 48.82 -9.77 14.03
C ILE E 191 48.57 -8.37 14.60
N GLY E 192 48.55 -7.36 13.73
CA GLY E 192 48.33 -6.01 14.20
C GLY E 192 46.94 -5.85 14.81
N VAL E 193 45.94 -6.31 14.07
CA VAL E 193 44.58 -6.16 14.52
C VAL E 193 44.45 -6.95 15.83
N CYS E 194 45.14 -8.08 15.85
CA CYS E 194 45.10 -8.93 17.02
C CYS E 194 45.81 -8.33 18.24
N THR E 195 46.91 -7.61 18.03
CA THR E 195 47.56 -6.95 19.16
C THR E 195 46.57 -5.97 19.72
N GLY E 196 45.78 -5.36 18.85
CA GLY E 196 44.79 -4.37 19.27
C GLY E 196 43.91 -4.96 20.36
N ILE E 197 43.31 -6.10 20.05
CA ILE E 197 42.43 -6.80 20.96
C ILE E 197 43.03 -7.04 22.35
N PHE E 198 44.34 -7.21 22.44
CA PHE E 198 44.96 -7.55 23.72
C PHE E 198 45.83 -6.47 24.38
N ARG E 199 45.76 -5.23 23.91
CA ARG E 199 46.63 -4.17 24.40
C ARG E 199 46.55 -4.06 25.92
N THR E 200 45.32 -3.97 26.35
CA THR E 200 44.95 -3.94 27.73
C THR E 200 45.71 -4.94 28.62
N ASP E 201 46.03 -6.12 28.12
CA ASP E 201 46.52 -7.14 29.05
C ASP E 201 47.98 -7.49 28.83
N ASN E 202 48.70 -6.45 28.40
CA ASN E 202 50.15 -6.44 28.36
C ASN E 202 50.71 -7.80 27.93
N VAL E 203 50.46 -8.16 26.67
CA VAL E 203 50.84 -9.48 26.19
C VAL E 203 51.96 -9.35 25.20
N PRO E 204 53.06 -10.11 25.42
CA PRO E 204 54.20 -10.18 24.48
C PRO E 204 53.77 -10.17 23.00
N ALA E 205 54.48 -9.39 22.20
CA ALA E 205 54.30 -9.39 20.75
C ALA E 205 54.50 -10.81 20.24
N GLU E 206 55.40 -11.54 20.91
CA GLU E 206 55.60 -12.97 20.74
C GLU E 206 54.30 -13.77 20.86
N ASP E 207 53.63 -13.61 22.01
CA ASP E 207 52.40 -14.32 22.32
C ASP E 207 51.38 -14.12 21.22
N VAL E 208 51.17 -12.87 20.83
CA VAL E 208 50.21 -12.54 19.78
C VAL E 208 50.56 -13.24 18.45
N VAL E 209 51.86 -13.31 18.15
CA VAL E 209 52.28 -13.99 16.93
C VAL E 209 51.99 -15.49 16.97
N LYS E 210 52.10 -16.11 18.16
CA LYS E 210 51.98 -17.57 18.24
C LYS E 210 50.55 -18.02 17.96
N ILE E 211 49.60 -17.26 18.51
CA ILE E 211 48.19 -17.62 18.49
C ILE E 211 47.59 -17.37 17.12
N VAL E 212 47.89 -16.20 16.56
CA VAL E 212 47.45 -15.85 15.23
C VAL E 212 47.95 -16.93 14.27
N ASP E 213 49.21 -17.34 14.45
CA ASP E 213 49.74 -18.37 13.60
C ASP E 213 49.01 -19.64 13.93
N ASN E 214 48.70 -19.84 15.19
CA ASN E 214 48.15 -21.10 15.60
C ASN E 214 46.70 -21.27 15.15
N PHE E 215 46.08 -20.18 14.71
CA PHE E 215 44.63 -20.15 14.46
C PHE E 215 44.26 -19.49 13.15
N PRO E 216 44.77 -20.06 12.04
CA PRO E 216 44.65 -19.39 10.75
C PRO E 216 43.22 -19.45 10.20
N GLY E 217 42.91 -18.55 9.27
CA GLY E 217 41.56 -18.35 8.79
C GLY E 217 40.51 -18.34 9.92
N GLN E 218 40.73 -17.47 10.92
CA GLN E 218 39.78 -17.18 12.00
C GLN E 218 39.61 -15.68 11.98
N SER E 219 38.39 -15.20 12.22
CA SER E 219 38.12 -13.78 12.16
C SER E 219 38.77 -13.01 13.29
N ILE E 220 38.54 -11.70 13.32
CA ILE E 220 38.92 -10.96 14.50
C ILE E 220 37.91 -11.27 15.59
N ASP E 221 36.68 -11.54 15.18
CA ASP E 221 35.63 -11.95 16.11
C ASP E 221 36.11 -13.15 16.93
N PHE E 222 36.74 -14.12 16.27
CA PHE E 222 37.36 -15.24 16.96
C PHE E 222 38.17 -14.77 18.19
N PHE E 223 39.11 -13.85 18.00
CA PHE E 223 40.00 -13.46 19.08
C PHE E 223 39.32 -12.66 20.18
N GLY E 224 38.38 -11.79 19.80
CA GLY E 224 37.57 -11.11 20.78
C GLY E 224 36.94 -12.14 21.69
N ALA E 225 36.13 -13.02 21.08
CA ALA E 225 35.55 -14.22 21.71
C ALA E 225 36.51 -15.01 22.61
N LEU E 226 37.74 -15.15 22.15
CA LEU E 226 38.71 -15.91 22.91
C LEU E 226 39.01 -15.13 24.19
N ARG E 227 39.42 -13.88 24.06
CA ARG E 227 39.67 -13.03 25.21
C ARG E 227 38.47 -12.95 26.17
N ALA E 228 37.26 -12.85 25.62
CA ALA E 228 36.04 -12.80 26.45
C ALA E 228 35.82 -14.12 27.20
N ARG E 229 36.30 -15.22 26.61
CA ARG E 229 36.08 -16.55 27.17
C ARG E 229 36.89 -16.76 28.44
N VAL E 230 37.91 -15.93 28.61
CA VAL E 230 38.82 -16.04 29.73
C VAL E 230 38.23 -15.33 30.93
N TYR E 231 37.81 -14.08 30.70
CA TYR E 231 36.94 -13.40 31.62
C TYR E 231 35.75 -14.30 32.03
N ASP E 232 34.96 -14.77 31.07
CA ASP E 232 33.82 -15.60 31.41
C ASP E 232 34.18 -16.60 32.49
N ASP E 233 35.13 -17.47 32.18
CA ASP E 233 35.57 -18.53 33.06
C ASP E 233 35.83 -18.08 34.49
N GLU E 234 36.50 -16.94 34.65
CA GLU E 234 36.75 -16.36 35.97
C GLU E 234 35.43 -16.14 36.73
N VAL E 235 34.49 -15.40 36.12
CA VAL E 235 33.15 -15.21 36.69
C VAL E 235 32.48 -16.55 37.06
N ARG E 236 32.53 -17.51 36.14
CA ARG E 236 32.00 -18.87 36.37
C ARG E 236 32.58 -19.51 37.64
N LYS E 237 33.89 -19.30 37.85
CA LYS E 237 34.56 -19.74 39.07
C LYS E 237 34.02 -18.97 40.28
N TRP E 238 33.93 -17.65 40.15
CA TRP E 238 33.36 -16.85 41.21
C TRP E 238 31.98 -17.34 41.56
N VAL E 239 31.07 -17.32 40.57
CA VAL E 239 29.70 -17.83 40.77
C VAL E 239 29.65 -19.18 41.50
N SER E 240 30.21 -20.20 40.86
CA SER E 240 30.27 -21.57 41.39
C SER E 240 30.83 -21.55 42.79
N GLY E 241 31.93 -20.81 42.96
CA GLY E 241 32.60 -20.68 44.25
C GLY E 241 31.68 -20.06 45.29
N THR E 242 31.33 -18.79 45.08
CA THR E 242 30.64 -18.02 46.11
C THR E 242 29.13 -18.05 45.93
N GLY E 243 28.59 -19.27 46.06
CA GLY E 243 27.15 -19.53 46.24
C GLY E 243 26.27 -19.05 45.11
N ILE E 244 25.87 -19.97 44.24
CA ILE E 244 24.85 -19.64 43.25
C ILE E 244 23.59 -19.03 43.87
N GLU E 245 23.11 -19.64 44.96
CA GLU E 245 21.95 -19.15 45.72
C GLU E 245 22.10 -17.71 46.30
N LYS E 246 23.27 -17.43 46.90
CA LYS E 246 23.58 -16.14 47.54
C LYS E 246 24.46 -15.22 46.67
N ILE E 247 24.07 -15.00 45.42
CA ILE E 247 24.83 -14.15 44.49
C ILE E 247 24.23 -12.77 44.29
N GLY E 248 22.95 -12.70 43.93
CA GLY E 248 22.25 -11.42 43.74
C GLY E 248 22.46 -10.42 44.86
N ASP E 249 22.62 -10.94 46.08
CA ASP E 249 22.95 -10.13 47.25
C ASP E 249 24.38 -9.62 47.23
N LYS E 250 25.37 -10.54 47.13
CA LYS E 250 26.78 -10.17 47.15
C LYS E 250 27.04 -9.24 45.99
N LEU E 251 26.12 -9.30 45.02
CA LEU E 251 26.23 -8.59 43.78
C LEU E 251 25.47 -7.26 43.83
N LEU E 252 24.49 -7.16 44.71
CA LEU E 252 23.61 -6.02 44.72
C LEU E 252 23.37 -5.45 46.13
N ASN E 253 22.61 -6.16 46.95
CA ASN E 253 22.22 -5.66 48.27
C ASN E 253 23.32 -5.77 49.31
N SER E 254 24.54 -5.56 48.85
CA SER E 254 25.72 -5.46 49.70
C SER E 254 26.18 -4.00 49.78
N PHE E 255 26.82 -3.64 50.89
CA PHE E 255 27.31 -2.27 51.08
C PHE E 255 28.66 -2.02 50.44
N ASP E 256 29.45 -3.08 50.24
CA ASP E 256 30.81 -2.96 49.65
C ASP E 256 30.77 -2.95 48.13
N GLY E 257 29.56 -2.93 47.58
CA GLY E 257 29.35 -2.98 46.13
C GLY E 257 29.45 -4.40 45.56
N PRO E 258 29.27 -4.53 44.22
CA PRO E 258 29.70 -5.71 43.49
C PRO E 258 31.17 -5.95 43.80
N PRO E 259 31.58 -7.23 43.88
CA PRO E 259 32.95 -7.60 44.23
C PRO E 259 34.00 -7.37 43.12
N THR E 260 34.09 -6.13 42.64
CA THR E 260 35.21 -5.65 41.81
C THR E 260 36.28 -6.71 41.42
N PHE E 261 36.25 -7.09 40.13
CA PHE E 261 37.12 -8.15 39.63
C PHE E 261 38.51 -7.69 39.14
N GLU E 262 39.53 -8.53 39.36
CA GLU E 262 40.87 -8.25 38.82
C GLU E 262 41.00 -8.86 37.44
N GLN E 263 41.52 -8.07 36.50
CA GLN E 263 41.68 -8.51 35.12
C GLN E 263 42.63 -9.72 34.99
N PRO E 264 42.12 -10.84 34.45
CA PRO E 264 42.92 -12.06 34.38
C PRO E 264 44.10 -11.94 33.41
N LYS E 265 45.26 -12.40 33.88
CA LYS E 265 46.49 -12.42 33.09
C LYS E 265 46.26 -13.30 31.84
N MET E 266 46.45 -12.71 30.66
CA MET E 266 46.19 -13.43 29.41
C MET E 266 47.45 -14.17 29.00
N THR E 267 47.75 -15.28 29.69
CA THR E 267 48.97 -16.01 29.37
C THR E 267 48.79 -16.89 28.15
N ILE E 268 49.89 -17.21 27.49
CA ILE E 268 49.91 -17.90 26.23
C ILE E 268 49.25 -19.30 26.24
N GLU E 269 49.62 -20.14 27.21
CA GLU E 269 49.03 -21.48 27.36
C GLU E 269 47.54 -21.39 27.69
N LYS E 270 47.15 -20.37 28.44
CA LYS E 270 45.73 -20.09 28.65
C LYS E 270 45.16 -19.93 27.25
N LEU E 271 45.73 -18.99 26.50
CA LEU E 271 45.19 -18.56 25.21
C LEU E 271 44.98 -19.69 24.23
N LEU E 272 45.99 -20.55 24.12
CA LEU E 272 45.96 -21.70 23.21
C LEU E 272 44.88 -22.69 23.62
N GLU E 273 44.88 -23.05 24.90
CA GLU E 273 43.89 -23.96 25.43
C GLU E 273 42.54 -23.41 25.02
N TYR E 274 42.27 -22.15 25.37
CA TYR E 274 40.97 -21.53 25.06
C TYR E 274 40.65 -21.45 23.57
N GLY E 275 41.69 -21.29 22.76
CA GLY E 275 41.52 -21.15 21.33
C GLY E 275 41.10 -22.44 20.66
N ASN E 276 41.64 -23.57 21.11
CA ASN E 276 41.25 -24.87 20.54
C ASN E 276 39.85 -25.21 21.01
N MET E 277 39.64 -25.01 22.29
CA MET E 277 38.35 -25.15 22.91
C MET E 277 37.25 -24.47 22.10
N LEU E 278 37.51 -23.23 21.66
CA LEU E 278 36.53 -22.47 20.92
C LEU E 278 36.33 -23.04 19.51
N VAL E 279 37.43 -23.51 18.94
CA VAL E 279 37.47 -24.12 17.62
C VAL E 279 36.72 -25.44 17.62
N GLN E 280 36.98 -26.26 18.62
CA GLN E 280 36.27 -27.53 18.73
C GLN E 280 34.80 -27.19 18.71
N GLU E 281 34.41 -26.28 19.62
CA GLU E 281 33.05 -25.79 19.74
C GLU E 281 32.51 -25.32 18.40
N GLN E 282 33.22 -24.41 17.74
CA GLN E 282 32.84 -23.98 16.38
C GLN E 282 32.55 -25.18 15.48
N GLU E 283 33.57 -26.02 15.33
CA GLU E 283 33.54 -27.18 14.45
C GLU E 283 32.36 -28.05 14.79
N ASN E 284 31.94 -27.96 16.05
CA ASN E 284 30.86 -28.77 16.54
C ASN E 284 29.49 -28.22 16.18
N VAL E 285 29.33 -26.90 16.26
CA VAL E 285 28.09 -26.24 15.85
C VAL E 285 27.86 -26.47 14.35
N LYS E 286 28.93 -26.39 13.55
CA LYS E 286 28.86 -26.70 12.13
C LYS E 286 28.27 -28.10 11.98
N ARG E 287 28.73 -29.03 12.82
CA ARG E 287 28.28 -30.43 12.76
C ARG E 287 26.80 -30.55 13.07
N VAL E 288 26.40 -30.05 14.24
CA VAL E 288 25.00 -30.08 14.67
C VAL E 288 24.08 -29.24 13.73
N GLN E 289 24.64 -28.21 13.09
CA GLN E 289 23.92 -27.40 12.10
C GLN E 289 23.57 -28.18 10.83
N LEU E 290 24.60 -28.69 10.16
CA LEU E 290 24.46 -29.42 8.88
C LEU E 290 23.78 -30.78 9.04
N ALA E 291 23.88 -31.37 10.23
CA ALA E 291 23.29 -32.67 10.51
C ALA E 291 21.83 -32.56 10.97
N ASP E 292 21.47 -31.41 11.55
CA ASP E 292 20.05 -31.08 11.81
C ASP E 292 19.37 -30.61 10.53
N LYS E 293 20.18 -30.18 9.55
CA LYS E 293 19.69 -29.63 8.30
C LYS E 293 20.18 -30.45 7.10
N ASN F 1 30.69 -26.84 35.60
CA ASN F 1 31.23 -27.12 36.97
C ASN F 1 30.16 -26.91 38.05
N LEU F 2 29.29 -25.92 37.83
CA LEU F 2 28.18 -25.59 38.75
C LEU F 2 26.98 -26.55 38.67
N ASP F 3 26.31 -26.73 39.81
CA ASP F 3 25.22 -27.71 39.99
C ASP F 3 23.98 -27.43 39.15
N ASN F 4 23.67 -28.39 38.28
CA ASN F 4 22.72 -28.25 37.18
C ASN F 4 21.42 -29.07 37.31
N LYS F 5 21.27 -29.78 38.42
CA LYS F 5 20.05 -30.51 38.68
C LYS F 5 19.13 -29.66 39.54
N LEU F 6 17.83 -29.75 39.32
CA LEU F 6 16.86 -28.87 39.98
C LEU F 6 15.47 -29.50 40.09
N ASP F 7 15.00 -29.74 41.31
CA ASP F 7 13.71 -30.38 41.50
C ASP F 7 13.54 -31.48 40.46
N GLY F 8 14.41 -32.49 40.53
CA GLY F 8 14.35 -33.67 39.64
C GLY F 8 14.65 -33.38 38.17
N PHE F 9 14.80 -32.11 37.86
CA PHE F 9 15.06 -31.66 36.50
C PHE F 9 16.54 -31.48 36.22
N TYR F 10 16.91 -31.66 34.96
CA TYR F 10 18.29 -31.52 34.59
C TYR F 10 18.46 -30.25 33.78
N ILE F 11 19.61 -29.61 33.90
CA ILE F 11 19.93 -28.44 33.08
C ILE F 11 21.24 -28.63 32.31
N ALA F 12 21.22 -28.38 31.01
CA ALA F 12 22.44 -28.57 30.21
C ALA F 12 23.52 -27.62 30.75
N PRO F 13 24.61 -28.18 31.32
CA PRO F 13 25.58 -27.33 32.00
C PRO F 13 26.31 -26.37 31.07
N ALA F 14 26.35 -26.65 29.76
CA ALA F 14 26.85 -25.68 28.79
C ALA F 14 25.85 -24.51 28.72
N PHE F 15 24.55 -24.83 28.65
CA PHE F 15 23.50 -23.83 28.58
C PHE F 15 23.52 -22.98 29.85
N MET F 16 23.52 -23.63 30.99
CA MET F 16 23.68 -22.91 32.26
C MET F 16 24.86 -21.90 32.30
N ASP F 17 26.10 -22.36 32.02
CA ASP F 17 27.27 -21.48 32.19
C ASP F 17 27.11 -20.28 31.30
N LYS F 18 26.53 -20.52 30.12
CA LYS F 18 26.33 -19.44 29.18
C LYS F 18 25.38 -18.40 29.76
N LEU F 19 24.23 -18.86 30.23
CA LEU F 19 23.23 -17.91 30.74
C LEU F 19 23.59 -17.29 32.07
N VAL F 20 23.87 -18.14 33.05
CA VAL F 20 24.29 -17.69 34.37
C VAL F 20 25.37 -16.59 34.23
N VAL F 21 26.50 -16.94 33.62
CA VAL F 21 27.56 -15.97 33.34
C VAL F 21 27.12 -14.78 32.51
N HIS F 22 26.23 -14.97 31.53
CA HIS F 22 25.83 -13.80 30.74
C HIS F 22 25.18 -12.87 31.70
N ILE F 23 24.41 -13.43 32.63
CA ILE F 23 23.64 -12.58 33.50
C ILE F 23 24.58 -11.93 34.48
N THR F 24 25.16 -12.70 35.40
CA THR F 24 26.03 -12.13 36.43
C THR F 24 27.09 -11.15 35.89
N LYS F 25 27.46 -11.33 34.62
CA LYS F 25 28.40 -10.42 33.97
C LYS F 25 27.84 -9.00 33.89
N ASN F 26 26.57 -8.87 33.53
CA ASN F 26 25.93 -7.55 33.35
C ASN F 26 25.64 -6.83 34.67
N PHE F 27 25.99 -7.47 35.78
CA PHE F 27 25.80 -6.86 37.10
C PHE F 27 27.11 -6.33 37.64
N LEU F 28 28.19 -6.76 37.00
CA LEU F 28 29.52 -6.40 37.44
C LEU F 28 30.03 -5.19 36.66
N LYS F 29 31.03 -4.52 37.21
CA LYS F 29 31.82 -3.57 36.46
C LYS F 29 33.21 -4.20 36.38
N LEU F 30 33.47 -4.92 35.31
CA LEU F 30 34.72 -5.62 35.17
C LEU F 30 35.59 -4.95 34.10
N PRO F 31 36.92 -4.90 34.31
CA PRO F 31 37.76 -3.95 33.62
C PRO F 31 38.02 -4.31 32.16
N ASN F 32 38.00 -3.28 31.31
CA ASN F 32 38.47 -3.41 29.94
C ASN F 32 37.89 -4.60 29.19
N ILE F 33 36.58 -4.76 29.32
CA ILE F 33 35.87 -5.64 28.44
C ILE F 33 34.49 -5.08 28.22
N LYS F 34 34.09 -4.99 26.96
CA LYS F 34 32.75 -4.56 26.67
C LYS F 34 31.81 -5.76 26.78
N VAL F 35 30.88 -5.69 27.71
CA VAL F 35 29.99 -6.80 28.05
C VAL F 35 28.69 -6.68 27.27
N PRO F 36 28.29 -7.76 26.56
CA PRO F 36 27.14 -7.61 25.69
C PRO F 36 25.92 -7.64 26.58
N LEU F 37 24.98 -6.73 26.36
CA LEU F 37 23.79 -6.66 27.21
C LEU F 37 22.83 -7.79 26.91
N ILE F 38 22.62 -8.06 25.63
CA ILE F 38 21.64 -9.05 25.23
C ILE F 38 22.33 -10.32 24.74
N LEU F 39 21.78 -11.47 25.14
CA LEU F 39 22.26 -12.77 24.71
C LEU F 39 21.10 -13.42 23.97
N GLY F 40 21.31 -13.63 22.68
CA GLY F 40 20.35 -14.31 21.81
C GLY F 40 20.68 -15.79 21.70
N ILE F 41 19.69 -16.62 22.02
CA ILE F 41 19.85 -18.07 22.06
C ILE F 41 19.12 -18.73 20.89
N TRP F 42 19.85 -19.52 20.10
CA TRP F 42 19.22 -20.24 18.98
C TRP F 42 19.69 -21.69 18.94
N GLY F 43 19.07 -22.48 18.06
CA GLY F 43 19.33 -23.92 18.00
C GLY F 43 18.60 -24.67 19.10
N GLY F 44 19.21 -25.75 19.60
CA GLY F 44 18.59 -26.65 20.58
C GLY F 44 17.19 -27.14 20.21
N LYS F 45 16.92 -27.27 18.91
CA LYS F 45 15.59 -27.69 18.46
C LYS F 45 15.18 -29.01 19.13
N GLY F 46 13.90 -29.12 19.49
CA GLY F 46 13.39 -30.34 20.11
C GLY F 46 13.65 -30.31 21.59
N GLN F 47 14.80 -29.78 21.97
CA GLN F 47 15.13 -29.63 23.37
C GLN F 47 14.49 -28.34 23.90
N GLY F 48 14.17 -28.32 25.18
CA GLY F 48 13.32 -27.29 25.72
C GLY F 48 14.12 -26.03 25.97
N LYS F 49 14.48 -25.34 24.90
CA LYS F 49 15.35 -24.17 24.94
C LYS F 49 14.76 -23.08 25.84
N SER F 50 13.49 -22.74 25.62
CA SER F 50 12.77 -21.87 26.54
C SER F 50 12.71 -22.49 27.94
N PHE F 51 12.48 -23.80 28.00
CA PHE F 51 12.37 -24.46 29.29
C PHE F 51 13.69 -24.45 30.06
N GLN F 52 14.79 -24.56 29.31
CA GLN F 52 16.09 -24.47 29.90
C GLN F 52 16.27 -23.10 30.55
N CYS F 53 15.79 -22.06 29.88
CA CYS F 53 15.88 -20.71 30.41
C CYS F 53 15.17 -20.60 31.74
N GLU F 54 13.87 -20.89 31.73
CA GLU F 54 13.05 -21.02 32.93
C GLU F 54 13.79 -21.74 34.06
N LEU F 55 14.28 -22.95 33.76
CA LEU F 55 15.13 -23.73 34.68
C LEU F 55 16.28 -22.91 35.28
N VAL F 56 17.09 -22.32 34.41
CA VAL F 56 18.17 -21.50 34.90
C VAL F 56 17.59 -20.41 35.77
N PHE F 57 16.61 -19.64 35.27
CA PHE F 57 16.10 -18.50 36.03
C PHE F 57 15.68 -18.89 37.45
N ARG F 58 14.91 -19.98 37.55
CA ARG F 58 14.44 -20.45 38.85
C ARG F 58 15.67 -20.71 39.70
N LYS F 59 16.66 -21.37 39.14
CA LYS F 59 17.86 -21.75 39.89
C LYS F 59 18.57 -20.55 40.53
N MET F 60 18.33 -19.34 40.04
CA MET F 60 18.91 -18.13 40.64
C MET F 60 17.84 -17.34 41.40
N GLY F 61 16.59 -17.77 41.23
CA GLY F 61 15.48 -17.04 41.77
C GLY F 61 15.29 -15.75 41.02
N ILE F 62 15.32 -15.83 39.69
CA ILE F 62 14.89 -14.70 38.89
C ILE F 62 13.48 -14.98 38.40
N ASN F 63 12.58 -14.02 38.64
CA ASN F 63 11.29 -14.01 37.99
C ASN F 63 11.45 -13.08 36.82
N PRO F 64 11.75 -13.66 35.65
CA PRO F 64 12.13 -12.77 34.57
C PRO F 64 10.89 -11.99 34.20
N ILE F 65 11.09 -10.86 33.54
CA ILE F 65 9.97 -10.23 32.88
C ILE F 65 9.84 -10.87 31.52
N MET F 66 8.82 -11.71 31.40
CA MET F 66 8.49 -12.42 30.18
C MET F 66 7.92 -11.48 29.12
N MET F 67 8.03 -11.93 27.88
CA MET F 67 7.33 -11.35 26.75
C MET F 67 7.10 -12.45 25.74
N SER F 68 6.02 -12.36 24.98
CA SER F 68 5.83 -13.25 23.84
C SER F 68 6.15 -12.52 22.54
N ALA F 69 6.46 -13.29 21.51
CA ALA F 69 6.54 -12.78 20.15
C ALA F 69 5.17 -12.27 19.63
N GLY F 70 4.11 -13.06 19.87
CA GLY F 70 2.76 -12.71 19.41
C GLY F 70 2.30 -11.40 20.02
N GLU F 71 2.89 -11.06 21.16
CA GLU F 71 2.66 -9.81 21.87
C GLU F 71 3.38 -8.64 21.16
N LEU F 72 4.61 -8.89 20.71
CA LEU F 72 5.43 -7.91 19.98
C LEU F 72 5.00 -7.72 18.52
N GLU F 73 4.02 -8.51 18.08
CA GLU F 73 3.34 -8.28 16.81
C GLU F 73 2.21 -7.26 17.04
N SER F 74 1.24 -7.62 17.89
CA SER F 74 0.11 -6.76 18.22
C SER F 74 0.23 -6.18 19.62
N GLY F 78 1.78 0.81 18.22
CA GLY F 78 2.17 1.22 19.57
C GLY F 78 2.91 0.12 20.32
N GLU F 79 2.25 -1.04 20.41
CA GLU F 79 2.76 -2.19 21.19
C GLU F 79 4.23 -2.61 20.94
N PRO F 80 4.64 -2.77 19.66
CA PRO F 80 5.99 -3.29 19.38
C PRO F 80 7.16 -2.53 20.04
N ALA F 81 7.25 -1.22 19.78
CA ALA F 81 8.26 -0.39 20.42
C ALA F 81 7.99 -0.29 21.93
N LYS F 82 6.96 0.49 22.29
CA LYS F 82 6.59 0.75 23.68
C LYS F 82 6.82 -0.43 24.62
N LEU F 83 6.09 -1.53 24.41
CA LEU F 83 6.04 -2.65 25.36
C LEU F 83 7.41 -3.23 25.72
N ILE F 84 8.41 -2.95 24.89
CA ILE F 84 9.78 -3.34 25.18
C ILE F 84 10.36 -2.44 26.27
N ARG F 85 10.36 -1.14 25.97
CA ARG F 85 10.76 -0.11 26.91
C ARG F 85 10.12 -0.35 28.28
N GLN F 86 8.79 -0.51 28.30
CA GLN F 86 8.02 -0.74 29.53
C GLN F 86 8.35 -2.06 30.22
N ARG F 87 8.52 -3.14 29.45
CA ARG F 87 8.88 -4.45 30.01
C ARG F 87 10.35 -4.47 30.48
N TYR F 88 11.19 -3.64 29.85
CA TYR F 88 12.54 -3.41 30.36
C TYR F 88 12.47 -2.71 31.70
N ARG F 89 11.72 -1.60 31.73
CA ARG F 89 11.64 -0.71 32.90
C ARG F 89 11.08 -1.47 34.09
N GLU F 90 10.10 -2.32 33.79
CA GLU F 90 9.46 -3.14 34.79
C GLU F 90 10.50 -4.05 35.48
N ALA F 91 11.30 -4.74 34.68
CA ALA F 91 12.40 -5.59 35.17
C ALA F 91 13.42 -4.75 35.93
N ALA F 92 13.77 -3.62 35.32
CA ALA F 92 14.76 -2.71 35.88
C ALA F 92 14.33 -2.23 37.27
N GLU F 93 13.06 -1.86 37.42
CA GLU F 93 12.54 -1.44 38.71
C GLU F 93 12.55 -2.57 39.73
N ILE F 94 12.40 -3.81 39.26
CA ILE F 94 12.59 -4.98 40.13
C ILE F 94 14.03 -4.97 40.60
N ILE F 95 14.96 -5.14 39.64
CA ILE F 95 16.39 -5.04 39.93
C ILE F 95 16.72 -3.79 40.76
N ARG F 96 16.11 -2.65 40.42
CA ARG F 96 16.42 -1.38 41.09
C ARG F 96 15.70 -1.18 42.43
N LYS F 97 14.84 -2.12 42.81
CA LYS F 97 14.47 -2.27 44.21
C LYS F 97 15.52 -3.21 44.81
N GLY F 98 15.77 -4.33 44.14
CA GLY F 98 16.76 -5.32 44.60
C GLY F 98 16.46 -6.70 44.07
N ASN F 99 17.31 -7.69 44.39
CA ASN F 99 17.23 -9.05 43.84
C ASN F 99 17.42 -9.08 42.32
N MET F 100 18.07 -10.11 41.82
CA MET F 100 18.37 -10.14 40.39
C MET F 100 17.11 -10.27 39.53
N CYS F 101 17.10 -9.55 38.39
CA CYS F 101 16.07 -9.72 37.37
C CYS F 101 16.66 -9.59 35.96
N CYS F 102 15.95 -10.11 34.97
CA CYS F 102 16.32 -9.87 33.59
C CYS F 102 15.08 -9.82 32.72
N LEU F 103 15.17 -9.09 31.61
CA LEU F 103 14.12 -9.12 30.60
C LEU F 103 14.32 -10.33 29.67
N PHE F 104 13.43 -11.31 29.80
CA PHE F 104 13.44 -12.51 28.96
C PHE F 104 12.47 -12.42 27.80
N ILE F 105 12.94 -11.94 26.65
CA ILE F 105 12.10 -11.92 25.46
C ILE F 105 12.15 -13.28 24.78
N ASN F 106 11.00 -13.78 24.33
CA ASN F 106 10.94 -15.17 23.85
C ASN F 106 10.27 -15.51 22.50
N ASP F 107 11.06 -16.13 21.63
CA ASP F 107 10.64 -16.68 20.31
C ASP F 107 10.51 -15.65 19.18
N LEU F 108 10.89 -16.07 17.97
CA LEU F 108 10.77 -15.25 16.75
C LEU F 108 10.94 -16.09 15.44
N ASP F 109 9.87 -16.16 14.63
CA ASP F 109 9.92 -16.68 13.23
C ASP F 109 8.69 -16.38 12.36
N ASN F 124 7.81 -2.91 11.59
CA ASN F 124 7.63 -3.81 12.73
C ASN F 124 8.96 -4.38 13.22
N ASN F 125 9.61 -5.18 12.39
CA ASN F 125 10.91 -5.75 12.73
C ASN F 125 12.06 -4.75 12.61
N GLN F 126 11.96 -3.86 11.61
CA GLN F 126 12.88 -2.74 11.49
C GLN F 126 12.95 -2.00 12.84
N MET F 127 11.78 -1.75 13.41
CA MET F 127 11.63 -1.10 14.72
C MET F 127 12.13 -1.98 15.88
N VAL F 128 11.55 -3.17 16.04
CA VAL F 128 11.93 -4.07 17.14
C VAL F 128 13.45 -4.16 17.30
N ASN F 129 14.16 -4.33 16.18
CA ASN F 129 15.59 -4.11 16.10
C ASN F 129 15.99 -2.75 16.67
N ALA F 130 15.53 -1.68 16.01
CA ALA F 130 15.94 -0.30 16.32
C ALA F 130 15.78 0.10 17.79
N THR F 131 14.73 -0.41 18.43
CA THR F 131 14.49 -0.15 19.85
C THR F 131 15.56 -0.86 20.67
N LEU F 132 15.92 -2.06 20.23
CA LEU F 132 17.07 -2.78 20.79
C LEU F 132 18.36 -1.96 20.68
N MET F 133 18.64 -1.43 19.49
CA MET F 133 19.86 -0.66 19.25
C MET F 133 19.99 0.56 20.16
N ASN F 134 18.91 1.34 20.28
CA ASN F 134 18.92 2.54 21.13
C ASN F 134 18.99 2.19 22.61
N ILE F 135 18.43 1.03 22.95
CA ILE F 135 18.41 0.57 24.33
C ILE F 135 19.76 -0.05 24.71
N ALA F 136 20.44 -0.60 23.70
CA ALA F 136 21.76 -1.20 23.89
C ALA F 136 22.83 -0.15 24.11
N ASP F 137 22.57 1.06 23.62
CA ASP F 137 23.54 2.15 23.67
C ASP F 137 23.77 2.72 25.08
N ASN F 138 22.71 2.74 25.90
CA ASN F 138 22.86 2.92 27.36
C ASN F 138 21.62 2.48 28.17
N PRO F 139 21.66 2.60 29.50
CA PRO F 139 20.43 2.34 30.27
C PRO F 139 19.29 3.28 29.84
N THR F 140 19.20 4.49 30.44
CA THR F 140 18.22 5.54 30.03
C THR F 140 16.78 5.06 29.80
N GLU F 152 16.77 9.11 35.97
CA GLU F 152 17.01 7.70 36.63
C GLU F 152 16.98 6.62 35.54
N ASN F 153 17.86 5.60 35.67
CA ASN F 153 17.97 4.47 34.67
C ASN F 153 18.05 3.07 35.33
N ALA F 154 18.75 2.13 34.68
CA ALA F 154 19.12 0.81 35.25
C ALA F 154 19.77 -0.13 34.23
N ARG F 155 20.51 -1.12 34.74
CA ARG F 155 21.27 -2.06 33.89
C ARG F 155 20.63 -3.45 33.85
N VAL F 156 19.92 -3.78 32.78
CA VAL F 156 19.17 -5.06 32.73
C VAL F 156 19.53 -5.98 31.57
N PRO F 157 20.02 -7.20 31.89
CA PRO F 157 20.46 -8.13 30.84
C PRO F 157 19.28 -8.70 30.09
N ILE F 158 19.21 -8.44 28.79
CA ILE F 158 18.17 -9.06 27.97
C ILE F 158 18.60 -10.41 27.43
N ILE F 159 17.69 -11.37 27.56
CA ILE F 159 17.82 -12.70 27.00
C ILE F 159 16.76 -12.93 25.92
N VAL F 160 17.17 -13.32 24.72
CA VAL F 160 16.21 -13.60 23.65
C VAL F 160 16.38 -14.99 23.01
N THR F 161 15.25 -15.56 22.58
CA THR F 161 15.20 -16.87 21.93
C THR F 161 14.53 -16.77 20.56
N GLY F 162 14.99 -17.60 19.63
CA GLY F 162 14.46 -17.62 18.26
C GLY F 162 14.90 -18.87 17.54
N ASN F 163 14.85 -18.84 16.21
CA ASN F 163 15.36 -19.97 15.41
C ASN F 163 16.76 -19.70 14.87
N ASP F 164 16.87 -18.66 14.04
CA ASP F 164 18.15 -18.06 13.67
C ASP F 164 17.97 -16.55 13.58
N PHE F 165 18.80 -15.84 14.35
CA PHE F 165 18.73 -14.38 14.46
C PHE F 165 19.17 -13.67 13.17
N SER F 166 18.21 -13.53 12.25
CA SER F 166 18.45 -12.89 10.96
C SER F 166 18.15 -11.39 11.02
N THR F 167 19.02 -10.61 10.37
CA THR F 167 18.81 -9.18 10.13
C THR F 167 18.20 -8.44 11.31
N ALA F 170 19.45 -8.74 14.34
CA ALA F 170 20.69 -8.84 15.11
C ALA F 170 22.01 -8.30 14.46
N PRO F 171 22.32 -8.64 13.18
CA PRO F 171 23.52 -8.18 12.46
C PRO F 171 24.25 -6.89 12.90
N LEU F 172 23.52 -5.78 13.06
CA LEU F 172 24.13 -4.52 13.51
C LEU F 172 24.44 -4.50 15.03
N ILE F 173 23.67 -5.27 15.81
CA ILE F 173 23.88 -5.38 17.27
C ILE F 173 24.68 -6.63 17.65
N ARG F 174 24.82 -7.58 16.73
CA ARG F 174 25.81 -8.64 16.89
C ARG F 174 27.16 -7.94 16.68
N ASP F 175 27.37 -7.34 15.52
CA ASP F 175 28.57 -6.51 15.30
C ASP F 175 28.82 -5.56 16.49
N GLY F 176 27.75 -4.89 16.94
CA GLY F 176 27.80 -3.96 18.07
C GLY F 176 27.92 -4.62 19.44
N ARG F 177 26.77 -5.06 19.99
CA ARG F 177 26.61 -5.26 21.45
C ARG F 177 25.68 -6.41 21.88
N MET F 178 25.71 -7.51 21.16
CA MET F 178 24.86 -8.67 21.47
C MET F 178 25.64 -9.97 21.19
N GLU F 179 25.23 -11.06 21.83
CA GLU F 179 25.88 -12.36 21.59
C GLU F 179 24.95 -13.47 21.05
N LYS F 180 25.24 -13.99 19.87
CA LYS F 180 24.50 -15.15 19.38
C LYS F 180 25.03 -16.39 20.12
N PHE F 181 24.15 -17.33 20.43
CA PHE F 181 24.61 -18.54 21.08
C PHE F 181 23.85 -19.71 20.55
N TYR F 182 24.53 -20.50 19.74
CA TYR F 182 23.94 -21.70 19.25
C TYR F 182 24.09 -22.76 20.31
N TRP F 183 22.97 -23.32 20.74
CA TRP F 183 22.99 -24.38 21.73
C TRP F 183 22.96 -25.71 20.99
N ALA F 184 24.08 -26.41 21.04
CA ALA F 184 24.18 -27.74 20.47
C ALA F 184 24.06 -28.71 21.63
N PRO F 185 22.85 -29.22 21.90
CA PRO F 185 22.72 -30.15 23.05
C PRO F 185 23.54 -31.42 22.78
N THR F 186 19.77 -40.38 18.10
CA THR F 186 19.91 -41.84 17.99
C THR F 186 18.58 -42.51 18.18
N ARG F 187 18.58 -43.83 17.98
CA ARG F 187 17.53 -44.69 18.49
C ARG F 187 17.54 -44.62 20.04
N GLU F 188 18.75 -44.60 20.61
CA GLU F 188 18.93 -44.40 22.03
C GLU F 188 18.21 -43.15 22.52
N ASP F 189 18.40 -42.03 21.83
CA ASP F 189 17.71 -40.78 22.20
C ASP F 189 16.19 -40.90 22.15
N ARG F 190 15.68 -41.65 21.18
CA ARG F 190 14.21 -41.83 21.04
C ARG F 190 13.62 -42.64 22.20
N ILE F 191 14.22 -43.81 22.46
CA ILE F 191 13.93 -44.58 23.67
C ILE F 191 14.00 -43.73 24.93
N GLY F 192 15.01 -42.88 25.04
CA GLY F 192 15.14 -42.04 26.21
C GLY F 192 14.00 -41.06 26.33
N VAL F 193 13.73 -40.37 25.22
CA VAL F 193 12.69 -39.36 25.24
C VAL F 193 11.37 -40.09 25.53
N CYS F 194 11.27 -41.28 24.98
CA CYS F 194 10.08 -42.06 25.16
C CYS F 194 9.89 -42.58 26.59
N THR F 195 10.98 -42.95 27.26
CA THR F 195 10.87 -43.36 28.66
C THR F 195 10.32 -42.18 29.43
N GLY F 196 10.74 -40.98 29.02
CA GLY F 196 10.28 -39.77 29.69
C GLY F 196 8.77 -39.73 29.77
N ILE F 197 8.15 -39.88 28.60
CA ILE F 197 6.70 -39.85 28.47
C ILE F 197 5.99 -40.83 29.39
N PHE F 198 6.61 -41.96 29.73
CA PHE F 198 5.94 -42.97 30.54
C PHE F 198 6.45 -43.18 31.97
N ARG F 199 7.26 -42.27 32.48
CA ARG F 199 7.88 -42.44 33.81
C ARG F 199 6.84 -42.73 34.87
N THR F 200 5.86 -41.86 34.85
CA THR F 200 4.71 -41.94 35.68
C THR F 200 4.10 -43.34 35.81
N ASP F 201 4.13 -44.14 34.76
CA ASP F 201 3.33 -45.37 34.82
C ASP F 201 4.18 -46.63 34.86
N ASN F 202 5.33 -46.45 35.50
CA ASN F 202 6.21 -47.53 35.90
C ASN F 202 6.25 -48.65 34.85
N VAL F 203 6.82 -48.33 33.69
CA VAL F 203 6.80 -49.26 32.57
C VAL F 203 8.20 -49.78 32.32
N PRO F 204 8.35 -51.11 32.27
CA PRO F 204 9.63 -51.76 31.93
C PRO F 204 10.41 -51.03 30.81
N ALA F 205 11.73 -50.88 31.03
CA ALA F 205 12.62 -50.36 30.01
C ALA F 205 12.47 -51.21 28.74
N GLU F 206 12.22 -52.50 28.97
CA GLU F 206 11.85 -53.46 27.93
C GLU F 206 10.66 -52.96 27.08
N ASP F 207 9.54 -52.68 27.75
CA ASP F 207 8.31 -52.24 27.13
C ASP F 207 8.57 -51.05 26.23
N VAL F 208 9.26 -50.05 26.77
CA VAL F 208 9.57 -48.83 26.02
C VAL F 208 10.39 -49.15 24.75
N VAL F 209 11.32 -50.09 24.88
CA VAL F 209 12.13 -50.49 23.73
C VAL F 209 11.28 -51.17 22.63
N LYS F 210 10.26 -51.93 23.03
CA LYS F 210 9.50 -52.72 22.05
C LYS F 210 8.68 -51.82 21.14
N ILE F 211 8.07 -50.79 21.75
CA ILE F 211 7.10 -49.92 21.09
C ILE F 211 7.82 -48.96 20.17
N VAL F 212 8.87 -48.34 20.68
CA VAL F 212 9.70 -47.44 19.89
C VAL F 212 10.20 -48.19 18.67
N ASP F 213 10.62 -49.44 18.87
CA ASP F 213 11.08 -50.22 17.76
C ASP F 213 9.89 -50.51 16.89
N ASN F 214 8.74 -50.74 17.51
CA ASN F 214 7.60 -51.16 16.75
C ASN F 214 7.00 -50.04 15.91
N PHE F 215 7.40 -48.80 16.19
CA PHE F 215 6.75 -47.61 15.62
C PHE F 215 7.73 -46.59 15.09
N PRO F 216 8.54 -47.01 14.11
CA PRO F 216 9.66 -46.17 13.67
C PRO F 216 9.19 -44.97 12.85
N GLY F 217 10.04 -43.96 12.76
CA GLY F 217 9.67 -42.68 12.18
C GLY F 217 8.29 -42.18 12.64
N GLN F 218 8.10 -42.11 13.96
CA GLN F 218 6.93 -41.51 14.60
C GLN F 218 7.47 -40.48 15.57
N SER F 219 6.81 -39.34 15.70
CA SER F 219 7.31 -38.28 16.56
C SER F 219 7.23 -38.63 18.03
N ILE F 220 7.64 -37.69 18.88
CA ILE F 220 7.37 -37.88 20.28
C ILE F 220 5.89 -37.58 20.51
N ASP F 221 5.33 -36.69 19.69
CA ASP F 221 3.91 -36.39 19.72
C ASP F 221 3.12 -37.68 19.60
N PHE F 222 3.51 -38.55 18.67
CA PHE F 222 2.91 -39.88 18.54
C PHE F 222 2.73 -40.56 19.92
N PHE F 223 3.81 -40.67 20.69
CA PHE F 223 3.74 -41.42 21.94
C PHE F 223 2.94 -40.72 23.03
N GLY F 224 3.02 -39.39 23.10
CA GLY F 224 2.17 -38.64 23.99
C GLY F 224 0.72 -39.01 23.70
N ALA F 225 0.30 -38.75 22.46
CA ALA F 225 -0.99 -39.20 21.87
C ALA F 225 -1.39 -40.63 22.23
N LEU F 226 -0.42 -41.53 22.17
CA LEU F 226 -0.71 -42.91 22.46
C LEU F 226 -1.09 -43.03 23.93
N ARG F 227 -0.22 -42.58 24.82
CA ARG F 227 -0.52 -42.58 26.24
C ARG F 227 -1.83 -41.88 26.58
N ALA F 228 -2.12 -40.75 25.93
CA ALA F 228 -3.37 -40.02 26.16
C ALA F 228 -4.59 -40.84 25.70
N ARG F 229 -4.38 -41.68 24.69
CA ARG F 229 -5.46 -42.45 24.09
C ARG F 229 -5.96 -43.54 25.03
N VAL F 230 -5.13 -43.87 26.00
CA VAL F 230 -5.43 -44.95 26.94
C VAL F 230 -6.30 -44.39 28.06
N TYR F 231 -5.85 -43.29 28.64
CA TYR F 231 -6.70 -42.46 29.47
C TYR F 231 -8.05 -42.20 28.78
N ASP F 232 -8.04 -41.61 27.59
CA ASP F 232 -9.31 -41.32 26.91
C ASP F 232 -10.28 -42.48 27.05
N ASP F 233 -9.88 -43.63 26.53
CA ASP F 233 -10.69 -44.84 26.52
C ASP F 233 -11.34 -45.16 27.86
N GLU F 234 -10.57 -45.04 28.93
CA GLU F 234 -11.09 -45.25 30.29
C GLU F 234 -12.29 -44.31 30.57
N VAL F 235 -12.09 -43.00 30.39
CA VAL F 235 -13.17 -42.01 30.51
C VAL F 235 -14.40 -42.41 29.64
N ARG F 236 -14.15 -42.76 28.39
CA ARG F 236 -15.19 -43.22 27.46
C ARG F 236 -16.02 -44.38 28.04
N LYS F 237 -15.32 -45.31 28.70
CA LYS F 237 -15.96 -46.41 29.41
C LYS F 237 -16.77 -45.87 30.58
N TRP F 238 -16.17 -44.99 31.37
CA TRP F 238 -16.89 -44.38 32.47
C TRP F 238 -18.14 -43.71 31.95
N VAL F 239 -17.98 -42.74 31.05
CA VAL F 239 -19.13 -42.05 30.43
C VAL F 239 -20.24 -43.00 29.99
N SER F 240 -19.92 -43.86 29.02
CA SER F 240 -20.83 -44.85 28.46
C SER F 240 -21.47 -45.65 29.56
N GLY F 241 -20.63 -46.10 30.51
CA GLY F 241 -21.08 -46.88 31.65
C GLY F 241 -22.07 -46.09 32.51
N THR F 242 -21.58 -45.03 33.13
CA THR F 242 -22.35 -44.33 34.14
C THR F 242 -23.12 -43.16 33.56
N GLY F 243 -24.06 -43.49 32.67
CA GLY F 243 -25.12 -42.61 32.18
C GLY F 243 -24.65 -41.34 31.49
N ILE F 244 -24.67 -41.34 30.17
CA ILE F 244 -24.43 -40.10 29.44
C ILE F 244 -25.34 -38.95 29.91
N GLU F 245 -26.63 -39.24 30.08
CA GLU F 245 -27.62 -38.27 30.59
C GLU F 245 -27.31 -37.71 32.00
N LYS F 246 -26.93 -38.59 32.93
CA LYS F 246 -26.64 -38.23 34.33
C LYS F 246 -25.13 -38.13 34.64
N ILE F 247 -24.39 -37.36 33.84
CA ILE F 247 -22.94 -37.19 34.02
C ILE F 247 -22.57 -35.86 34.66
N GLY F 248 -23.03 -34.75 34.10
CA GLY F 248 -22.76 -33.41 34.64
C GLY F 248 -22.99 -33.30 36.13
N ASP F 249 -23.96 -34.04 36.65
CA ASP F 249 -24.22 -34.16 38.08
C ASP F 249 -23.17 -34.93 38.83
N LYS F 250 -22.91 -36.19 38.41
CA LYS F 250 -21.95 -37.06 39.10
C LYS F 250 -20.60 -36.39 39.03
N LEU F 251 -20.49 -35.48 38.08
CA LEU F 251 -19.26 -34.79 37.78
C LEU F 251 -19.16 -33.45 38.49
N LEU F 252 -20.30 -32.88 38.86
CA LEU F 252 -20.33 -31.53 39.40
C LEU F 252 -21.20 -31.40 40.66
N ASN F 253 -22.52 -31.48 40.50
CA ASN F 253 -23.44 -31.23 41.61
C ASN F 253 -23.56 -32.42 42.55
N SER F 254 -22.45 -33.11 42.74
CA SER F 254 -22.32 -34.17 43.72
C SER F 254 -21.48 -33.68 44.91
N PHE F 255 -21.73 -34.26 46.08
CA PHE F 255 -20.99 -33.88 47.28
C PHE F 255 -19.64 -34.59 47.42
N ASP F 256 -19.50 -35.76 46.79
CA ASP F 256 -18.26 -36.56 46.87
C ASP F 256 -17.22 -36.11 45.86
N GLY F 257 -17.53 -35.03 45.15
CA GLY F 257 -16.67 -34.50 44.09
C GLY F 257 -16.83 -35.26 42.78
N PRO F 258 -16.06 -34.84 41.73
CA PRO F 258 -15.81 -35.66 40.56
C PRO F 258 -15.28 -37.00 41.03
N PRO F 259 -15.64 -38.09 40.33
CA PRO F 259 -15.26 -39.45 40.70
C PRO F 259 -13.78 -39.81 40.43
N THR F 260 -12.86 -39.02 40.99
CA THR F 260 -11.43 -39.36 41.07
C THR F 260 -11.00 -40.69 40.41
N PHE F 261 -10.29 -40.55 39.28
CA PHE F 261 -9.89 -41.70 38.47
C PHE F 261 -8.54 -42.34 38.86
N GLU F 262 -8.47 -43.67 38.73
CA GLU F 262 -7.20 -44.39 38.95
C GLU F 262 -6.43 -44.47 37.65
N GLN F 263 -5.13 -44.15 37.71
CA GLN F 263 -4.27 -44.15 36.53
C GLN F 263 -4.16 -45.55 35.90
N PRO F 264 -4.55 -45.67 34.61
CA PRO F 264 -4.56 -46.97 33.96
C PRO F 264 -3.15 -47.54 33.75
N LYS F 265 -3.01 -48.83 34.07
CA LYS F 265 -1.76 -49.55 33.89
C LYS F 265 -1.40 -49.56 32.40
N MET F 266 -0.23 -49.04 32.06
CA MET F 266 0.19 -48.92 30.66
C MET F 266 0.87 -50.20 30.24
N THR F 267 0.10 -51.27 30.03
CA THR F 267 0.73 -52.54 29.69
C THR F 267 1.08 -52.59 28.21
N ILE F 268 2.04 -53.44 27.88
CA ILE F 268 2.63 -53.52 26.55
C ILE F 268 1.63 -53.84 25.42
N GLU F 269 0.82 -54.88 25.59
CA GLU F 269 -0.20 -55.26 24.60
C GLU F 269 -1.26 -54.17 24.45
N LYS F 270 -1.57 -53.46 25.53
CA LYS F 270 -2.40 -52.28 25.46
C LYS F 270 -1.71 -51.37 24.47
N LEU F 271 -0.44 -51.06 24.77
CA LEU F 271 0.30 -50.03 24.05
C LEU F 271 0.40 -50.28 22.56
N LEU F 272 0.68 -51.52 22.19
CA LEU F 272 0.78 -51.93 20.78
C LEU F 272 -0.54 -51.80 20.07
N GLU F 273 -1.58 -52.35 20.68
CA GLU F 273 -2.91 -52.28 20.12
C GLU F 273 -3.17 -50.82 19.83
N TYR F 274 -3.02 -49.97 20.85
CA TYR F 274 -3.30 -48.53 20.69
C TYR F 274 -2.42 -47.83 19.66
N GLY F 275 -1.18 -48.30 19.53
CA GLY F 275 -0.24 -47.72 18.62
C GLY F 275 -0.57 -47.96 17.16
N ASN F 276 -1.06 -49.16 16.85
CA ASN F 276 -1.44 -49.47 15.47
C ASN F 276 -2.72 -48.74 15.13
N MET F 277 -3.65 -48.82 16.07
CA MET F 277 -4.89 -48.07 16.02
C MET F 277 -4.66 -46.62 15.62
N LEU F 278 -3.68 -45.97 16.24
CA LEU F 278 -3.41 -44.57 15.99
C LEU F 278 -2.79 -44.38 14.60
N VAL F 279 -1.97 -45.34 14.22
CA VAL F 279 -1.28 -45.36 12.93
C VAL F 279 -2.29 -45.57 11.80
N GLN F 280 -3.19 -46.53 11.99
CA GLN F 280 -4.22 -46.76 10.98
C GLN F 280 -4.91 -45.42 10.78
N GLU F 281 -5.37 -44.85 11.89
CA GLU F 281 -6.04 -43.56 11.92
C GLU F 281 -5.22 -42.50 11.19
N GLN F 282 -3.96 -42.33 11.57
CA GLN F 282 -3.07 -41.42 10.85
C GLN F 282 -3.11 -41.65 9.35
N GLU F 283 -2.77 -42.89 8.96
CA GLU F 283 -2.68 -43.31 7.56
C GLU F 283 -3.97 -43.01 6.85
N ASN F 284 -5.05 -42.98 7.63
CA ASN F 284 -6.37 -42.77 7.10
C ASN F 284 -6.67 -41.31 6.84
N VAL F 285 -6.25 -40.43 7.76
CA VAL F 285 -6.40 -38.99 7.57
C VAL F 285 -5.60 -38.54 6.34
N LYS F 286 -4.39 -39.08 6.18
CA LYS F 286 -3.59 -38.82 4.99
C LYS F 286 -4.42 -39.16 3.76
N ARG F 287 -5.13 -40.29 3.81
CA ARG F 287 -5.95 -40.75 2.68
C ARG F 287 -7.08 -39.78 2.38
N VAL F 288 -7.91 -39.50 3.39
CA VAL F 288 -9.03 -38.57 3.26
C VAL F 288 -8.55 -37.12 2.93
N GLN F 289 -7.33 -36.77 3.37
CA GLN F 289 -6.73 -35.47 3.05
C GLN F 289 -6.38 -35.32 1.56
N LEU F 290 -5.54 -36.22 1.07
CA LEU F 290 -5.05 -36.19 -0.32
C LEU F 290 -6.14 -36.53 -1.34
N ALA F 291 -7.15 -37.28 -0.92
CA ALA F 291 -8.25 -37.67 -1.80
C ALA F 291 -9.37 -36.61 -1.84
N ASP F 292 -9.48 -35.81 -0.78
CA ASP F 292 -10.34 -34.62 -0.79
C ASP F 292 -9.65 -33.47 -1.52
N LYS F 293 -8.32 -33.57 -1.64
CA LYS F 293 -7.49 -32.53 -2.24
C LYS F 293 -6.73 -33.06 -3.47
#